data_7ABN
#
_entry.id   7ABN
#
_cell.length_a   107.810
_cell.length_b   55.480
_cell.length_c   199.530
_cell.angle_alpha   90.00
_cell.angle_beta   99.92
_cell.angle_gamma   90.00
#
_symmetry.space_group_name_H-M   'P 1 21 1'
#
loop_
_entity.id
_entity.type
_entity.pdbx_description
1 polymer 'UbiD-like decarboxylase'
2 non-polymer 'MANGANESE (II) ION'
3 non-polymer 'POTASSIUM ION'
4 non-polymer '1-deoxy-5-O-phosphono-1-(3,3,4,5-tetramethyl-9,11-dioxo-2,3,8,9,10,11-hexahydro-7H-quinolino[1,8-fg]pteridin-12-ium-7-y l)-D-ribitol'
5 non-polymer IMIDAZOLE
6 water water
#
_entity_poly.entity_id   1
_entity_poly.type   'polypeptide(L)'
_entity_poly.pdbx_seq_one_letter_code
;MNRSALDFRHFVDHLRRQGDLVDVHTEVDANLEIGAITRRVYERRAPAPLFHNIRDSLPGARVLGAPAGLRADRARAHSR
LALHFGLPEHSGPRDIVAMLRAAMRAEPIAPRRLERGPVQENVWLGEQVDLTRFPVPLLHEQDGGRYFGTYGFHVVQTPD
GSWDSWSVGRLMLVDRNTLAGPTIPTQHIGIIREQWRRLGKPTPWAMALGAPPAALAAAGMPLPEGVSEAGYVGALVGEP
VEVVRTQTNGLWVPANTEIVLEGEISLDETALEGPMGEYHGYSFPIGKPQPLFHVHALSFRDQPILPICVAGTPPEENHT
IWGTMISAQLLDVAQNAGLPVDMVWCSYEAATCWAVLSIDVQRLAALGTDAAAFAARVAETVFGSHAGHLVPKLILVGND
IDVTEIDQVVWALATRAHPLHDHFAFPQIRDFPMVPYLDAEDKARGSGGRLVINCLYPEQFAGQMRAATASFRHAYPTAL
RRRVEERWSDYGFGDA
;
_entity_poly.pdbx_strand_id   D,A,H,M
#
# COMPACT_ATOMS: atom_id res chain seq x y z
N MET A 1 11.07 -14.28 14.77
CA MET A 1 11.08 -13.00 15.54
C MET A 1 12.06 -13.09 16.71
N ASN A 2 12.00 -14.19 17.47
CA ASN A 2 12.97 -14.40 18.57
C ASN A 2 14.49 -14.54 18.20
N ARG A 3 14.76 -15.30 17.13
CA ARG A 3 16.11 -15.48 16.62
C ARG A 3 16.69 -14.13 16.10
N SER A 4 15.81 -13.20 15.79
CA SER A 4 16.19 -11.89 15.23
C SER A 4 16.96 -11.03 16.26
N ALA A 5 16.62 -11.20 17.55
CA ALA A 5 17.26 -10.48 18.66
C ALA A 5 18.71 -10.88 18.75
N LEU A 6 18.99 -12.13 18.36
CA LEU A 6 20.31 -12.77 18.53
C LEU A 6 21.19 -12.95 17.27
N ASP A 7 20.70 -12.59 16.10
CA ASP A 7 21.41 -12.86 14.86
C ASP A 7 21.07 -11.77 13.81
N PHE A 8 22.03 -10.84 13.61
CA PHE A 8 21.84 -9.74 12.69
C PHE A 8 21.35 -10.17 11.34
N ARG A 9 22.01 -11.14 10.74
CA ARG A 9 21.62 -11.53 9.42
C ARG A 9 20.16 -12.07 9.36
N HIS A 10 19.78 -12.80 10.40
CA HIS A 10 18.45 -13.25 10.53
C HIS A 10 17.43 -12.13 10.70
N PHE A 11 17.78 -11.16 11.53
CA PHE A 11 17.04 -9.93 11.68
C PHE A 11 16.71 -9.27 10.33
N VAL A 12 17.70 -9.11 9.48
CA VAL A 12 17.52 -8.60 8.13
C VAL A 12 16.50 -9.42 7.30
N ASP A 13 16.61 -10.73 7.37
CA ASP A 13 15.70 -11.63 6.67
C ASP A 13 14.29 -11.46 7.20
N HIS A 14 14.16 -11.28 8.53
CA HIS A 14 12.85 -11.13 9.15
C HIS A 14 12.19 -9.76 8.78
N LEU A 15 12.98 -8.69 8.77
CA LEU A 15 12.44 -7.44 8.23
C LEU A 15 11.89 -7.54 6.85
N ARG A 16 12.64 -8.17 5.97
CA ARG A 16 12.14 -8.51 4.64
C ARG A 16 10.79 -9.25 4.70
N ARG A 17 10.70 -10.29 5.52
CA ARG A 17 9.43 -11.02 5.72
C ARG A 17 8.28 -10.14 6.22
N GLN A 18 8.57 -9.14 7.04
CA GLN A 18 7.61 -8.17 7.53
C GLN A 18 7.20 -7.10 6.50
N GLY A 19 7.85 -7.09 5.33
CA GLY A 19 7.68 -6.01 4.34
C GLY A 19 8.35 -4.71 4.76
N ASP A 20 9.32 -4.83 5.64
CA ASP A 20 10.03 -3.66 6.16
C ASP A 20 11.50 -3.53 5.67
N LEU A 21 11.78 -4.08 4.49
CA LEU A 21 13.13 -4.02 3.92
C LEU A 21 13.02 -3.83 2.44
N VAL A 22 13.79 -2.93 1.89
CA VAL A 22 13.90 -2.82 0.43
C VAL A 22 15.31 -3.24 -0.01
N ASP A 23 15.38 -4.18 -0.95
CA ASP A 23 16.62 -4.70 -1.51
C ASP A 23 17.03 -3.78 -2.66
N VAL A 24 18.05 -2.96 -2.42
CA VAL A 24 18.55 -1.99 -3.41
C VAL A 24 19.66 -2.65 -4.28
N HIS A 25 19.22 -3.10 -5.49
CA HIS A 25 20.12 -3.78 -6.43
C HIS A 25 20.90 -2.89 -7.35
N THR A 26 20.43 -1.66 -7.48
N THR A 26 20.47 -1.65 -7.47
CA THR A 26 21.13 -0.58 -8.16
CA THR A 26 21.18 -0.64 -8.23
C THR A 26 22.52 -0.44 -7.53
C THR A 26 22.48 -0.26 -7.56
N GLU A 27 23.52 -0.11 -8.35
CA GLU A 27 24.74 0.39 -7.86
C GLU A 27 24.58 1.76 -7.22
N VAL A 28 25.15 1.88 -6.02
CA VAL A 28 25.12 3.15 -5.29
C VAL A 28 26.48 3.55 -4.85
N ASP A 29 26.60 4.78 -4.51
CA ASP A 29 27.91 5.33 -4.21
C ASP A 29 28.00 5.56 -2.71
N ALA A 30 29.00 4.98 -2.10
CA ALA A 30 29.29 5.22 -0.65
C ALA A 30 29.67 6.66 -0.36
N ASN A 31 30.10 7.41 -1.38
CA ASN A 31 30.27 8.86 -1.26
C ASN A 31 28.95 9.63 -1.37
N LEU A 32 28.37 9.85 -0.17
CA LEU A 32 27.16 10.63 0.09
C LEU A 32 25.87 9.96 -0.41
N GLU A 33 25.81 9.13 -1.48
CA GLU A 33 24.50 8.72 -1.98
C GLU A 33 23.78 7.76 -1.00
N ILE A 34 24.48 6.78 -0.44
CA ILE A 34 23.96 5.94 0.61
C ILE A 34 23.34 6.80 1.75
N GLY A 35 24.14 7.71 2.25
CA GLY A 35 23.66 8.57 3.25
C GLY A 35 22.43 9.31 2.88
N ALA A 36 22.35 9.88 1.68
CA ALA A 36 21.19 10.61 1.29
C ALA A 36 19.96 9.78 1.15
N ILE A 37 20.12 8.63 0.52
CA ILE A 37 19.04 7.71 0.44
C ILE A 37 18.51 7.40 1.87
N THR A 38 19.44 7.14 2.82
CA THR A 38 19.03 6.58 4.13
C THR A 38 18.39 7.73 4.88
N ARG A 39 18.91 8.96 4.73
CA ARG A 39 18.18 10.12 5.38
C ARG A 39 16.75 10.26 4.92
N ARG A 40 16.56 10.15 3.59
CA ARG A 40 15.21 10.15 3.05
C ARG A 40 14.30 8.99 3.60
N VAL A 41 14.89 7.80 3.75
CA VAL A 41 14.27 6.72 4.49
C VAL A 41 13.78 7.10 5.86
N TYR A 42 14.68 7.70 6.68
CA TYR A 42 14.26 8.03 8.01
C TYR A 42 13.09 8.98 7.96
N GLU A 43 13.25 10.01 7.16
CA GLU A 43 12.34 11.14 7.16
C GLU A 43 10.98 10.76 6.56
N ARG A 44 10.94 9.83 5.59
CA ARG A 44 9.71 9.34 5.11
C ARG A 44 9.16 8.15 5.91
N ARG A 45 9.95 7.63 6.83
CA ARG A 45 9.65 6.46 7.63
C ARG A 45 9.33 5.29 6.63
N ALA A 46 10.27 5.14 5.77
CA ALA A 46 10.29 4.13 4.71
C ALA A 46 10.92 2.84 5.25
N PRO A 47 10.73 1.71 4.55
CA PRO A 47 11.47 0.48 4.91
C PRO A 47 12.98 0.68 4.88
N ALA A 48 13.67 -0.19 5.64
CA ALA A 48 15.14 -0.20 5.70
C ALA A 48 15.73 -0.66 4.37
N PRO A 49 16.67 0.09 3.82
CA PRO A 49 17.32 -0.29 2.61
C PRO A 49 18.51 -1.18 2.90
N LEU A 50 18.57 -2.31 2.17
CA LEU A 50 19.73 -3.19 2.11
C LEU A 50 20.42 -2.92 0.80
N PHE A 51 21.54 -2.23 0.85
CA PHE A 51 22.33 -2.00 -0.33
C PHE A 51 23.21 -3.17 -0.73
N HIS A 52 22.94 -3.76 -1.91
CA HIS A 52 23.68 -4.91 -2.42
C HIS A 52 24.86 -4.62 -3.27
N ASN A 53 24.96 -3.44 -3.81
CA ASN A 53 26.00 -3.11 -4.74
C ASN A 53 26.47 -1.73 -4.51
N ILE A 54 27.63 -1.67 -3.87
CA ILE A 54 28.30 -0.36 -3.58
C ILE A 54 29.51 -0.24 -4.47
N ARG A 55 29.54 0.83 -5.25
CA ARG A 55 30.70 1.17 -6.10
C ARG A 55 32.07 1.09 -5.38
N ASP A 56 33.01 0.43 -6.06
CA ASP A 56 34.37 0.17 -5.59
C ASP A 56 34.52 -0.53 -4.25
N SER A 57 33.62 -1.41 -3.86
CA SER A 57 33.76 -2.06 -2.57
C SER A 57 34.16 -3.49 -2.84
N LEU A 58 34.71 -4.14 -1.84
CA LEU A 58 34.81 -5.59 -1.79
C LEU A 58 33.59 -6.35 -2.41
N PRO A 59 33.82 -7.16 -3.47
CA PRO A 59 32.62 -7.75 -4.12
C PRO A 59 31.77 -8.50 -3.16
N GLY A 60 30.48 -8.20 -3.14
CA GLY A 60 29.49 -8.89 -2.32
C GLY A 60 29.20 -8.21 -0.97
N ALA A 61 30.03 -7.20 -0.62
CA ALA A 61 29.83 -6.52 0.66
C ALA A 61 28.53 -5.77 0.54
N ARG A 62 27.86 -5.60 1.65
CA ARG A 62 26.56 -4.98 1.66
C ARG A 62 26.52 -3.88 2.72
N VAL A 63 25.43 -3.09 2.74
CA VAL A 63 25.31 -1.98 3.78
C VAL A 63 23.79 -1.99 4.14
N LEU A 64 23.47 -1.83 5.41
CA LEU A 64 22.10 -1.74 5.84
C LEU A 64 21.89 -0.36 6.38
N GLY A 65 21.00 0.40 5.77
CA GLY A 65 20.69 1.71 6.37
C GLY A 65 19.44 1.56 7.24
N ALA A 66 19.25 2.56 8.10
CA ALA A 66 18.06 2.77 8.91
C ALA A 66 17.71 1.44 9.67
N PRO A 67 18.71 0.80 10.32
CA PRO A 67 18.46 -0.42 11.08
C PRO A 67 17.42 -0.31 12.17
N ALA A 68 17.22 0.86 12.76
CA ALA A 68 16.07 1.10 13.67
C ALA A 68 15.31 2.37 13.39
N GLY A 69 15.16 2.70 12.10
CA GLY A 69 14.30 3.78 11.70
C GLY A 69 12.81 3.41 11.97
N LEU A 70 11.96 4.45 11.97
CA LEU A 70 10.51 4.28 12.18
C LEU A 70 9.79 4.02 10.86
N ARG A 71 8.59 3.40 11.01
CA ARG A 71 7.69 3.08 9.90
C ARG A 71 6.54 4.05 9.83
N ALA A 72 6.09 4.31 8.61
CA ALA A 72 5.01 5.30 8.41
C ALA A 72 3.67 4.85 8.97
N ASP A 73 3.46 3.53 9.01
CA ASP A 73 2.27 2.94 9.61
C ASP A 73 2.34 3.12 11.12
N ARG A 74 1.51 4.02 11.64
CA ARG A 74 1.51 4.38 13.05
C ARG A 74 1.30 3.20 13.94
N ALA A 75 0.45 2.27 13.53
CA ALA A 75 0.21 1.04 14.29
C ALA A 75 1.44 0.15 14.46
N ARG A 76 2.39 0.23 13.53
CA ARG A 76 3.60 -0.63 13.52
C ARG A 76 4.87 0.25 13.53
N ALA A 77 4.76 1.48 14.02
CA ALA A 77 5.79 2.49 13.71
C ALA A 77 7.15 2.07 14.32
N HIS A 78 7.08 1.38 15.49
CA HIS A 78 8.29 1.05 16.30
C HIS A 78 8.73 -0.39 16.06
N SER A 79 8.25 -1.00 14.98
CA SER A 79 8.44 -2.43 14.84
C SER A 79 9.90 -2.88 14.63
N ARG A 80 10.67 -2.05 13.92
CA ARG A 80 12.03 -2.36 13.59
C ARG A 80 12.91 -2.22 14.85
N LEU A 81 12.59 -1.22 15.66
CA LEU A 81 13.20 -1.03 17.04
C LEU A 81 12.80 -2.32 17.86
N ALA A 82 11.52 -2.58 17.93
CA ALA A 82 10.98 -3.69 18.74
C ALA A 82 11.66 -5.04 18.39
N LEU A 83 11.97 -5.22 17.10
CA LEU A 83 12.56 -6.48 16.59
C LEU A 83 13.96 -6.71 17.10
N HIS A 84 14.62 -5.63 17.59
CA HIS A 84 15.91 -5.76 18.12
C HIS A 84 15.86 -6.57 19.41
N PHE A 85 14.67 -6.69 20.00
CA PHE A 85 14.44 -7.45 21.27
C PHE A 85 13.54 -8.67 21.08
N GLY A 86 13.21 -8.94 19.82
CA GLY A 86 12.34 -10.08 19.48
C GLY A 86 10.92 -9.85 19.83
N LEU A 87 10.49 -8.59 19.82
CA LEU A 87 9.16 -8.18 20.15
C LEU A 87 8.40 -7.95 18.87
N PRO A 88 7.09 -8.09 18.94
CA PRO A 88 6.32 -8.06 17.72
C PRO A 88 6.10 -6.66 17.18
N GLU A 89 5.53 -6.60 16.00
CA GLU A 89 5.36 -5.37 15.25
C GLU A 89 4.59 -4.27 15.95
N HIS A 90 3.63 -4.61 16.84
CA HIS A 90 2.80 -3.57 17.40
C HIS A 90 3.33 -3.03 18.71
N SER A 91 4.48 -3.49 19.15
CA SER A 91 5.09 -3.10 20.41
C SER A 91 5.40 -1.61 20.32
N GLY A 92 5.12 -0.90 21.41
CA GLY A 92 5.34 0.55 21.53
C GLY A 92 6.38 0.81 22.61
N PRO A 93 6.72 2.05 22.76
CA PRO A 93 7.60 2.56 23.80
C PRO A 93 7.41 1.87 25.16
N ARG A 94 6.20 1.79 25.63
CA ARG A 94 5.96 1.31 26.99
C ARG A 94 6.26 -0.18 27.12
N ASP A 95 5.97 -0.90 26.06
CA ASP A 95 6.22 -2.32 26.03
C ASP A 95 7.73 -2.56 26.04
N ILE A 96 8.50 -1.73 25.31
CA ILE A 96 9.91 -1.93 25.17
C ILE A 96 10.57 -1.60 26.52
N VAL A 97 10.15 -0.49 27.11
CA VAL A 97 10.77 -0.06 28.38
C VAL A 97 10.50 -1.16 29.46
N ALA A 98 9.30 -1.74 29.45
CA ALA A 98 8.92 -2.67 30.57
C ALA A 98 9.76 -3.93 30.44
N MET A 99 9.96 -4.36 29.19
CA MET A 99 10.85 -5.49 28.85
C MET A 99 12.26 -5.25 29.31
N LEU A 100 12.80 -4.07 29.04
CA LEU A 100 14.17 -3.76 29.36
C LEU A 100 14.37 -3.66 30.88
N ARG A 101 13.39 -3.16 31.57
CA ARG A 101 13.44 -3.12 33.05
C ARG A 101 13.28 -4.51 33.70
N ALA A 102 12.48 -5.42 33.13
CA ALA A 102 12.37 -6.82 33.62
C ALA A 102 13.75 -7.49 33.57
N ALA A 103 14.47 -7.24 32.44
CA ALA A 103 15.82 -7.72 32.25
C ALA A 103 16.82 -7.16 33.27
N MET A 104 16.61 -5.94 33.73
CA MET A 104 17.48 -5.37 34.75
C MET A 104 17.42 -6.08 36.09
N ARG A 105 16.28 -6.70 36.41
CA ARG A 105 16.09 -7.50 37.64
C ARG A 105 16.39 -8.99 37.52
N ALA A 106 16.50 -9.47 36.29
CA ALA A 106 16.75 -10.85 36.04
C ALA A 106 18.22 -11.09 36.25
N GLU A 107 18.52 -12.32 36.67
CA GLU A 107 19.87 -12.76 36.89
C GLU A 107 20.58 -12.67 35.51
N PRO A 108 21.80 -12.12 35.46
CA PRO A 108 22.53 -12.11 34.18
C PRO A 108 22.77 -13.52 33.67
N ILE A 109 22.84 -13.68 32.37
CA ILE A 109 23.22 -14.91 31.72
C ILE A 109 24.47 -14.62 30.91
N ALA A 110 25.59 -15.14 31.38
CA ALA A 110 26.92 -14.92 30.84
C ALA A 110 26.96 -15.52 29.47
N PRO A 111 27.83 -14.97 28.60
CA PRO A 111 27.96 -15.49 27.27
C PRO A 111 28.53 -16.92 27.31
N ARG A 112 28.13 -17.69 26.32
CA ARG A 112 28.57 -19.03 26.04
C ARG A 112 29.72 -18.95 25.01
N ARG A 113 30.87 -19.47 25.44
CA ARG A 113 32.09 -19.47 24.61
C ARG A 113 32.14 -20.57 23.64
N LEU A 114 32.36 -20.21 22.38
CA LEU A 114 32.40 -21.18 21.30
C LEU A 114 33.79 -21.21 20.73
N GLU A 115 34.11 -22.33 20.04
CA GLU A 115 35.42 -22.46 19.35
C GLU A 115 35.43 -21.66 18.06
N ARG A 116 34.27 -21.64 17.39
CA ARG A 116 34.16 -21.19 16.00
C ARG A 116 32.81 -20.46 15.77
N GLY A 117 32.79 -19.57 14.77
CA GLY A 117 31.55 -18.92 14.34
C GLY A 117 31.70 -18.31 12.97
N PRO A 118 30.55 -17.96 12.34
CA PRO A 118 30.62 -17.37 10.99
C PRO A 118 31.44 -16.07 10.83
N VAL A 119 31.67 -15.33 11.90
CA VAL A 119 32.45 -14.06 11.86
C VAL A 119 33.90 -14.36 11.47
N GLN A 120 34.29 -15.62 11.63
CA GLN A 120 35.61 -16.10 11.23
C GLN A 120 35.75 -16.61 9.80
N GLU A 121 34.68 -16.58 8.99
CA GLU A 121 34.78 -17.03 7.59
C GLU A 121 35.86 -16.36 6.79
N ASN A 122 36.20 -15.08 7.08
CA ASN A 122 37.25 -14.44 6.41
C ASN A 122 38.05 -13.77 7.48
N VAL A 123 39.38 -13.84 7.41
CA VAL A 123 40.27 -13.27 8.39
C VAL A 123 41.44 -12.55 7.73
N TRP A 124 41.69 -11.32 8.17
CA TRP A 124 42.70 -10.47 7.60
C TRP A 124 43.62 -10.07 8.71
N LEU A 125 44.89 -10.50 8.68
CA LEU A 125 45.84 -10.20 9.72
C LEU A 125 46.87 -9.22 9.30
N GLY A 126 47.23 -8.28 10.15
CA GLY A 126 48.35 -7.43 9.91
C GLY A 126 48.26 -6.66 8.61
N GLU A 127 49.18 -6.90 7.68
CA GLU A 127 49.21 -6.18 6.41
C GLU A 127 48.03 -6.53 5.51
N GLN A 128 47.33 -7.58 5.80
CA GLN A 128 46.17 -7.88 4.97
C GLN A 128 45.00 -6.92 5.26
N VAL A 129 45.09 -6.13 6.33
CA VAL A 129 43.95 -5.30 6.79
C VAL A 129 43.92 -4.13 5.89
N ASP A 130 42.78 -3.94 5.23
CA ASP A 130 42.59 -2.77 4.40
C ASP A 130 41.15 -2.36 4.53
N LEU A 131 40.97 -1.46 5.46
CA LEU A 131 39.61 -1.00 5.79
C LEU A 131 38.94 -0.27 4.67
N THR A 132 39.69 0.29 3.73
CA THR A 132 39.17 1.04 2.60
C THR A 132 38.52 0.12 1.56
N ARG A 133 38.66 -1.19 1.72
CA ARG A 133 37.95 -2.08 0.75
C ARG A 133 36.48 -2.29 1.10
N PHE A 134 36.14 -2.01 2.36
CA PHE A 134 34.74 -2.02 2.79
C PHE A 134 34.04 -0.82 2.16
N PRO A 135 32.69 -0.89 2.09
CA PRO A 135 31.85 0.23 1.56
C PRO A 135 31.66 1.35 2.60
N VAL A 136 32.76 2.01 2.93
CA VAL A 136 32.82 2.90 4.10
C VAL A 136 32.30 4.30 3.65
N PRO A 137 31.21 4.72 4.26
CA PRO A 137 30.50 5.87 3.72
C PRO A 137 30.95 7.19 4.15
N LEU A 138 30.88 8.16 3.19
CA LEU A 138 30.88 9.57 3.55
C LEU A 138 29.42 9.93 3.77
N LEU A 139 29.04 10.06 5.03
CA LEU A 139 27.62 10.07 5.46
C LEU A 139 26.83 11.37 5.24
N HIS A 140 27.51 12.52 5.42
CA HIS A 140 27.00 13.89 5.23
C HIS A 140 28.06 14.69 4.46
N GLU A 141 27.59 15.65 3.69
CA GLU A 141 28.41 16.40 2.79
C GLU A 141 29.56 17.10 3.50
N GLN A 142 29.27 17.61 4.69
CA GLN A 142 30.29 18.39 5.46
C GLN A 142 31.07 17.59 6.52
N ASP A 143 30.92 16.26 6.47
CA ASP A 143 31.66 15.46 7.43
C ASP A 143 33.16 15.49 7.20
N GLY A 144 33.92 15.33 8.26
CA GLY A 144 35.42 15.47 8.15
C GLY A 144 36.07 14.23 7.61
N GLY A 145 35.33 13.13 7.46
CA GLY A 145 35.87 11.86 7.08
C GLY A 145 34.77 10.83 6.79
N ARG A 146 35.14 9.70 6.24
CA ARG A 146 34.23 8.54 6.12
C ARG A 146 34.18 7.81 7.42
N TYR A 147 32.99 7.33 7.82
CA TYR A 147 32.81 6.59 9.09
C TYR A 147 32.62 5.11 8.90
N PHE A 148 33.54 4.30 9.47
CA PHE A 148 33.44 2.88 9.41
C PHE A 148 32.41 2.38 10.43
N GLY A 149 32.47 2.93 11.64
CA GLY A 149 31.60 2.59 12.74
C GLY A 149 30.56 3.65 13.11
N THR A 150 29.33 3.48 12.67
CA THR A 150 28.18 4.28 13.22
C THR A 150 27.06 3.38 13.73
N TYR A 151 27.16 2.05 13.63
CA TYR A 151 26.24 1.18 14.27
C TYR A 151 26.89 -0.16 14.73
N GLY A 152 28.03 -0.01 15.39
CA GLY A 152 28.73 -1.10 15.99
C GLY A 152 29.19 -0.71 17.38
N PHE A 153 29.61 -1.71 18.16
CA PHE A 153 30.08 -1.42 19.47
C PHE A 153 31.49 -1.83 19.82
N HIS A 154 32.08 -0.94 20.60
CA HIS A 154 33.36 -1.17 21.23
C HIS A 154 33.26 -2.28 22.22
N VAL A 155 34.29 -3.10 22.27
CA VAL A 155 34.40 -4.23 23.23
C VAL A 155 35.77 -4.10 23.88
N VAL A 156 35.76 -3.80 25.19
CA VAL A 156 36.95 -3.75 26.04
C VAL A 156 36.68 -4.54 27.34
N GLN A 157 37.71 -4.64 28.19
CA GLN A 157 37.63 -5.37 29.46
C GLN A 157 38.58 -4.70 30.43
N THR A 158 38.15 -4.49 31.67
CA THR A 158 39.00 -4.04 32.79
C THR A 158 40.30 -4.86 32.77
N PRO A 159 41.43 -4.23 33.05
CA PRO A 159 42.67 -4.98 33.28
C PRO A 159 42.41 -6.18 34.23
N ASP A 160 41.58 -6.03 35.26
CA ASP A 160 41.35 -7.10 36.23
C ASP A 160 40.40 -8.17 35.78
N GLY A 161 39.84 -8.04 34.57
CA GLY A 161 38.94 -9.03 33.95
C GLY A 161 37.51 -9.05 34.53
N SER A 162 37.23 -8.21 35.54
CA SER A 162 35.95 -8.20 36.27
C SER A 162 34.72 -7.58 35.51
N TRP A 163 34.97 -6.86 34.41
CA TRP A 163 33.93 -6.02 33.74
C TRP A 163 34.21 -6.02 32.26
N ASP A 164 33.26 -6.58 31.51
CA ASP A 164 33.26 -6.63 30.08
C ASP A 164 32.25 -5.59 29.51
N SER A 165 32.80 -4.62 28.80
CA SER A 165 32.06 -3.40 28.39
C SER A 165 31.80 -3.47 26.88
N TRP A 166 30.51 -3.34 26.50
CA TRP A 166 30.10 -3.20 25.11
C TRP A 166 29.42 -1.84 25.01
N SER A 167 29.86 -1.01 24.10
CA SER A 167 29.33 0.33 23.99
C SER A 167 29.41 0.89 22.60
N VAL A 168 28.29 1.51 22.16
CA VAL A 168 28.29 2.18 20.89
C VAL A 168 29.05 3.49 20.93
N GLY A 169 29.91 3.70 19.94
CA GLY A 169 30.59 5.00 19.73
C GLY A 169 31.06 5.08 18.29
N ARG A 170 31.18 6.25 17.74
CA ARG A 170 31.55 6.40 16.32
C ARG A 170 33.06 6.18 16.08
N LEU A 171 33.40 5.72 14.90
CA LEU A 171 34.78 5.56 14.47
C LEU A 171 34.95 5.94 13.02
N MET A 172 35.74 6.95 12.84
CA MET A 172 36.09 7.51 11.53
C MET A 172 37.26 6.75 10.94
N LEU A 173 37.20 6.56 9.65
CA LEU A 173 38.29 5.97 8.94
C LEU A 173 39.43 6.98 8.78
N VAL A 174 40.64 6.56 9.19
CA VAL A 174 41.86 7.45 9.06
C VAL A 174 42.74 6.92 7.92
N ASP A 175 42.89 5.59 7.88
CA ASP A 175 43.70 4.94 6.84
C ASP A 175 43.40 3.45 6.75
N ARG A 176 44.14 2.74 5.91
CA ARG A 176 43.91 1.30 5.72
C ARG A 176 43.79 0.44 6.94
N ASN A 177 44.49 0.80 8.02
CA ASN A 177 44.34 0.12 9.29
C ASN A 177 44.28 0.98 10.58
N THR A 178 43.61 2.14 10.52
CA THR A 178 43.51 2.99 11.67
C THR A 178 42.19 3.70 11.55
N LEU A 179 41.53 3.77 12.70
CA LEU A 179 40.33 4.56 12.87
C LEU A 179 40.59 5.59 13.93
N ALA A 180 39.63 6.49 14.16
CA ALA A 180 39.72 7.40 15.35
C ALA A 180 38.33 7.78 15.75
N GLY A 181 38.21 8.11 17.02
CA GLY A 181 36.90 8.34 17.61
C GLY A 181 36.91 8.78 19.03
N PRO A 182 35.75 9.25 19.51
CA PRO A 182 35.83 9.83 20.87
C PRO A 182 35.71 8.77 21.91
N THR A 183 36.36 9.06 23.07
CA THR A 183 36.25 8.25 24.25
C THR A 183 35.89 9.18 25.39
N ILE A 184 34.65 9.67 25.47
CA ILE A 184 34.29 10.70 26.46
C ILE A 184 34.54 10.13 27.87
N PRO A 185 35.09 10.95 28.78
CA PRO A 185 35.56 10.35 30.04
C PRO A 185 34.57 9.81 30.98
N THR A 186 33.29 10.25 30.86
CA THR A 186 32.21 9.72 31.61
C THR A 186 31.55 8.49 30.94
N GLN A 187 31.93 8.18 29.72
CA GLN A 187 31.41 6.95 29.05
C GLN A 187 32.26 5.75 29.52
N HIS A 188 31.69 4.55 29.46
CA HIS A 188 32.43 3.37 29.95
C HIS A 188 33.71 3.03 29.17
N ILE A 189 33.75 3.35 27.89
CA ILE A 189 35.00 3.27 27.16
C ILE A 189 36.11 4.19 27.70
N GLY A 190 35.73 5.42 28.06
CA GLY A 190 36.68 6.41 28.68
C GLY A 190 37.16 5.91 30.00
N ILE A 191 36.24 5.56 30.89
CA ILE A 191 36.56 4.96 32.17
C ILE A 191 37.54 3.77 32.10
N ILE A 192 37.25 2.79 31.22
CA ILE A 192 38.12 1.64 31.09
C ILE A 192 39.48 1.92 30.43
N ARG A 193 39.51 2.78 29.42
CA ARG A 193 40.74 3.26 28.85
C ARG A 193 41.63 3.94 29.93
N GLU A 194 41.01 4.66 30.86
CA GLU A 194 41.80 5.31 31.91
C GLU A 194 42.41 4.28 32.89
N GLN A 195 41.71 3.18 33.08
CA GLN A 195 42.22 2.16 33.96
C GLN A 195 43.48 1.57 33.31
N TRP A 196 43.45 1.35 31.98
CA TRP A 196 44.65 0.83 31.30
C TRP A 196 45.76 1.88 31.32
N ARG A 197 45.41 3.16 31.15
CA ARG A 197 46.40 4.22 31.14
C ARG A 197 47.14 4.22 32.48
N ARG A 198 46.45 3.93 33.57
CA ARG A 198 47.13 3.99 34.88
C ARG A 198 48.17 2.86 34.95
N LEU A 199 48.06 1.80 34.12
CA LEU A 199 49.13 0.77 33.99
C LEU A 199 50.19 1.05 32.93
N GLY A 200 50.15 2.19 32.26
CA GLY A 200 51.10 2.53 31.21
C GLY A 200 50.83 1.89 29.87
N LYS A 201 49.59 1.44 29.67
CA LYS A 201 49.22 0.53 28.57
C LYS A 201 48.06 1.03 27.67
N PRO A 202 48.17 0.77 26.36
CA PRO A 202 47.02 1.06 25.52
C PRO A 202 45.91 0.10 25.82
N THR A 203 44.72 0.35 25.26
CA THR A 203 43.58 -0.45 25.69
C THR A 203 43.28 -1.50 24.69
N PRO A 204 43.31 -2.78 25.10
CA PRO A 204 42.98 -3.77 24.06
C PRO A 204 41.54 -3.57 23.65
N TRP A 205 41.22 -3.81 22.37
CA TRP A 205 39.93 -3.36 21.90
C TRP A 205 39.50 -4.18 20.69
N ALA A 206 38.19 -4.26 20.54
CA ALA A 206 37.58 -4.74 19.32
C ALA A 206 36.32 -3.90 19.06
N MET A 207 35.80 -3.96 17.82
CA MET A 207 34.49 -3.44 17.52
C MET A 207 33.68 -4.51 16.75
N ALA A 208 32.39 -4.66 17.15
CA ALA A 208 31.48 -5.66 16.44
C ALA A 208 30.50 -4.85 15.66
N LEU A 209 30.32 -5.17 14.37
CA LEU A 209 29.46 -4.37 13.58
C LEU A 209 28.55 -5.38 12.90
N GLY A 210 27.28 -5.09 12.78
CA GLY A 210 26.33 -6.17 12.41
C GLY A 210 26.28 -7.24 13.48
N ALA A 211 26.28 -6.77 14.74
CA ALA A 211 26.21 -7.58 15.97
C ALA A 211 24.78 -8.03 16.25
N PRO A 212 24.57 -9.03 17.16
CA PRO A 212 23.23 -9.36 17.59
C PRO A 212 22.44 -8.07 17.93
N PRO A 213 21.26 -7.87 17.31
CA PRO A 213 20.49 -6.60 17.50
C PRO A 213 20.25 -6.26 18.98
N ALA A 214 20.01 -7.30 19.80
CA ALA A 214 19.83 -7.01 21.26
C ALA A 214 21.11 -6.55 21.92
N ALA A 215 22.24 -7.07 21.45
CA ALA A 215 23.56 -6.60 22.05
C ALA A 215 23.84 -5.21 21.56
N LEU A 216 23.44 -4.93 20.33
CA LEU A 216 23.64 -3.53 19.83
C LEU A 216 22.83 -2.56 20.70
N ALA A 217 21.56 -2.87 20.89
CA ALA A 217 20.73 -2.06 21.82
C ALA A 217 21.33 -1.85 23.20
N ALA A 218 21.73 -2.96 23.85
CA ALA A 218 22.38 -2.88 25.15
C ALA A 218 23.69 -2.11 25.12
N ALA A 219 24.46 -2.27 24.04
CA ALA A 219 25.64 -1.47 23.87
C ALA A 219 25.30 0.03 23.84
N GLY A 220 24.09 0.33 23.34
CA GLY A 220 23.57 1.71 23.32
C GLY A 220 22.94 2.23 24.59
N MET A 221 22.97 1.43 25.70
CA MET A 221 22.22 1.72 26.93
C MET A 221 23.12 2.12 28.06
N PRO A 222 22.77 3.17 28.77
CA PRO A 222 23.64 3.55 29.92
C PRO A 222 23.36 2.72 31.18
N LEU A 223 23.55 1.41 31.08
CA LEU A 223 23.60 0.58 32.29
C LEU A 223 24.63 1.14 33.31
N PRO A 224 24.41 0.86 34.59
CA PRO A 224 25.34 1.38 35.60
C PRO A 224 26.77 0.88 35.38
N GLU A 225 27.68 1.66 35.91
CA GLU A 225 29.08 1.33 35.85
C GLU A 225 29.32 -0.07 36.47
N GLY A 226 30.22 -0.80 35.86
CA GLY A 226 30.53 -2.18 36.27
C GLY A 226 29.60 -3.30 35.86
N VAL A 227 28.49 -2.99 35.18
CA VAL A 227 27.54 -3.99 34.75
C VAL A 227 27.95 -4.44 33.34
N SER A 228 28.28 -5.70 33.21
CA SER A 228 28.60 -6.26 31.90
C SER A 228 27.39 -6.33 30.98
N GLU A 229 27.46 -5.55 29.89
CA GLU A 229 26.36 -5.59 28.90
C GLU A 229 25.98 -7.03 28.43
N ALA A 230 26.97 -7.88 28.23
CA ALA A 230 26.76 -9.23 27.68
C ALA A 230 25.77 -10.07 28.52
N GLY A 231 25.94 -9.96 29.84
CA GLY A 231 25.10 -10.68 30.76
C GLY A 231 23.70 -10.11 30.87
N TYR A 232 23.57 -8.80 30.66
CA TYR A 232 22.27 -8.13 30.60
C TYR A 232 21.50 -8.60 29.36
N VAL A 233 22.20 -8.68 28.22
CA VAL A 233 21.63 -9.18 26.99
C VAL A 233 21.13 -10.62 27.15
N GLY A 234 21.96 -11.45 27.78
CA GLY A 234 21.53 -12.82 28.04
C GLY A 234 20.25 -12.84 28.88
N ALA A 235 20.22 -12.05 29.96
CA ALA A 235 19.01 -11.95 30.75
C ALA A 235 17.79 -11.53 29.94
N LEU A 236 17.94 -10.60 29.02
CA LEU A 236 16.87 -10.04 28.24
C LEU A 236 16.26 -11.00 27.23
N VAL A 237 17.10 -11.80 26.61
CA VAL A 237 16.61 -12.73 25.61
C VAL A 237 16.45 -14.11 26.25
N GLY A 238 16.94 -14.29 27.47
CA GLY A 238 16.73 -15.50 28.26
C GLY A 238 17.61 -16.68 27.87
N GLU A 239 18.68 -16.42 27.11
CA GLU A 239 19.75 -17.38 26.82
C GLU A 239 21.08 -16.66 26.52
N PRO A 240 22.22 -17.40 26.57
CA PRO A 240 23.50 -16.73 26.31
C PRO A 240 23.72 -16.22 24.88
N VAL A 241 24.42 -15.09 24.82
CA VAL A 241 25.04 -14.66 23.66
C VAL A 241 26.24 -15.58 23.41
N GLU A 242 26.32 -16.18 22.24
CA GLU A 242 27.45 -17.00 21.83
C GLU A 242 28.57 -16.12 21.35
N VAL A 243 29.77 -16.34 21.88
CA VAL A 243 30.92 -15.47 21.63
C VAL A 243 32.15 -16.33 21.22
N VAL A 244 33.09 -15.69 20.54
CA VAL A 244 34.34 -16.26 20.13
C VAL A 244 35.47 -15.34 20.51
N ARG A 245 36.70 -15.85 20.61
CA ARG A 245 37.85 -15.01 20.90
C ARG A 245 38.25 -14.32 19.63
N THR A 246 38.76 -13.12 19.77
CA THR A 246 39.42 -12.43 18.65
C THR A 246 40.63 -13.21 18.23
N GLN A 247 41.16 -12.88 17.08
CA GLN A 247 42.37 -13.57 16.61
C GLN A 247 43.59 -13.14 17.40
N THR A 248 43.63 -11.92 17.92
CA THR A 248 44.91 -11.34 18.35
C THR A 248 44.99 -10.84 19.79
N ASN A 249 43.88 -10.67 20.49
CA ASN A 249 43.95 -9.95 21.77
C ASN A 249 43.13 -10.47 22.94
N GLY A 250 42.51 -11.64 22.79
CA GLY A 250 41.87 -12.32 23.91
C GLY A 250 40.50 -11.82 24.33
N LEU A 251 39.89 -10.91 23.55
CA LEU A 251 38.51 -10.43 23.80
C LEU A 251 37.51 -11.39 23.23
N TRP A 252 36.34 -11.45 23.87
CA TRP A 252 35.27 -12.29 23.39
C TRP A 252 34.25 -11.39 22.74
N VAL A 253 33.89 -11.72 21.53
CA VAL A 253 32.94 -10.95 20.74
C VAL A 253 31.87 -11.93 20.19
N PRO A 254 30.68 -11.40 19.80
CA PRO A 254 29.61 -12.30 19.29
C PRO A 254 29.96 -13.12 18.02
N ALA A 255 29.64 -14.40 18.09
CA ALA A 255 30.11 -15.39 17.11
C ALA A 255 29.52 -15.21 15.71
N ASN A 256 28.34 -14.61 15.65
CA ASN A 256 27.68 -14.41 14.38
C ASN A 256 27.72 -12.95 13.94
N THR A 257 28.54 -12.14 14.59
CA THR A 257 28.80 -10.76 14.08
C THR A 257 29.14 -10.73 12.57
N GLU A 258 28.62 -9.78 11.80
CA GLU A 258 29.03 -9.60 10.46
C GLU A 258 30.51 -9.26 10.30
N ILE A 259 31.03 -8.29 11.07
CA ILE A 259 32.34 -7.79 10.88
C ILE A 259 32.91 -7.45 12.25
N VAL A 260 34.07 -7.99 12.54
CA VAL A 260 34.79 -7.71 13.79
C VAL A 260 36.13 -7.07 13.50
N LEU A 261 36.45 -5.98 14.19
CA LEU A 261 37.72 -5.29 14.02
C LEU A 261 38.44 -5.43 15.36
N GLU A 262 39.76 -5.56 15.30
CA GLU A 262 40.51 -5.79 16.55
C GLU A 262 41.80 -5.09 16.53
N GLY A 263 42.24 -4.64 17.72
CA GLY A 263 43.49 -3.98 17.84
C GLY A 263 43.59 -3.36 19.24
N GLU A 264 43.97 -2.10 19.25
CA GLU A 264 44.08 -1.34 20.48
C GLU A 264 43.84 0.13 20.30
N ILE A 265 43.46 0.77 21.40
CA ILE A 265 43.34 2.19 21.50
C ILE A 265 44.66 2.82 22.01
N SER A 266 45.26 3.61 21.17
CA SER A 266 46.50 4.31 21.53
C SER A 266 46.39 5.18 22.77
N LEU A 267 47.44 5.15 23.61
CA LEU A 267 47.61 6.05 24.74
C LEU A 267 47.67 7.50 24.33
N ASP A 268 48.43 7.81 23.29
CA ASP A 268 48.70 9.23 23.02
C ASP A 268 48.56 9.72 21.61
N GLU A 269 48.47 8.84 20.62
CA GLU A 269 48.39 9.28 19.22
C GLU A 269 46.92 9.63 18.92
N THR A 270 46.76 10.70 18.14
CA THR A 270 45.44 11.22 17.86
C THR A 270 45.44 11.56 16.40
N ALA A 271 44.24 11.65 15.81
CA ALA A 271 44.06 12.20 14.46
C ALA A 271 42.89 13.17 14.57
N LEU A 272 42.86 14.18 13.71
CA LEU A 272 41.74 15.08 13.69
C LEU A 272 40.55 14.32 13.25
N GLU A 273 39.48 14.39 14.05
CA GLU A 273 38.32 13.47 13.88
C GLU A 273 37.07 14.29 13.79
N GLY A 274 36.13 13.83 13.00
CA GLY A 274 34.95 14.66 12.78
C GLY A 274 35.27 15.85 11.86
N PRO A 275 34.27 16.73 11.70
CA PRO A 275 32.97 16.65 12.37
C PRO A 275 32.06 15.61 11.64
N MET A 276 30.98 15.26 12.33
CA MET A 276 29.94 14.38 11.78
C MET A 276 28.60 14.98 12.17
N GLY A 277 27.67 14.85 11.26
CA GLY A 277 26.26 15.16 11.55
C GLY A 277 25.91 14.30 12.73
N GLU A 278 25.28 14.88 13.73
CA GLU A 278 25.10 14.19 15.01
C GLU A 278 23.69 14.16 15.56
N TYR A 279 23.54 13.46 16.66
CA TYR A 279 22.24 13.12 17.22
C TYR A 279 21.29 14.30 17.46
N HIS A 280 21.85 15.45 17.78
CA HIS A 280 21.09 16.66 18.05
C HIS A 280 20.48 17.36 16.80
N GLY A 281 20.78 16.80 15.62
CA GLY A 281 20.33 17.27 14.34
C GLY A 281 21.19 18.25 13.55
N TYR A 282 22.41 18.54 14.05
CA TYR A 282 23.33 19.51 13.46
C TYR A 282 24.67 18.99 13.09
N SER A 283 25.30 19.74 12.21
CA SER A 283 26.67 19.48 11.69
C SER A 283 27.50 20.71 12.04
N PHE A 284 28.21 20.60 13.16
CA PHE A 284 29.20 21.61 13.58
C PHE A 284 30.39 21.54 12.63
N PRO A 285 31.02 22.68 12.40
CA PRO A 285 31.97 22.76 11.28
C PRO A 285 33.38 22.27 11.54
N ILE A 286 33.82 22.13 12.80
CA ILE A 286 35.22 21.80 13.05
C ILE A 286 35.34 20.51 13.81
N GLY A 287 36.34 19.72 13.50
CA GLY A 287 36.57 18.43 14.20
C GLY A 287 37.50 18.71 15.38
N LYS A 288 37.88 17.65 16.10
CA LYS A 288 38.76 17.76 17.26
C LYS A 288 39.66 16.54 17.22
N PRO A 289 40.86 16.67 17.77
CA PRO A 289 41.70 15.49 17.96
C PRO A 289 41.07 14.43 18.82
N GLN A 290 41.11 13.19 18.34
CA GLN A 290 40.65 11.99 19.03
C GLN A 290 41.60 10.79 18.92
N PRO A 291 41.54 9.87 19.89
CA PRO A 291 42.49 8.75 19.97
C PRO A 291 42.44 7.88 18.71
N LEU A 292 43.61 7.39 18.28
CA LEU A 292 43.69 6.38 17.25
C LEU A 292 43.35 5.02 17.78
N PHE A 293 42.61 4.28 16.94
CA PHE A 293 42.23 2.93 17.24
C PHE A 293 42.99 2.14 16.11
N HIS A 294 44.03 1.43 16.52
CA HIS A 294 44.85 0.67 15.60
C HIS A 294 44.17 -0.67 15.39
N VAL A 295 43.93 -1.00 14.13
CA VAL A 295 43.29 -2.26 13.75
C VAL A 295 44.42 -3.26 13.24
N HIS A 296 44.63 -4.24 14.09
CA HIS A 296 45.73 -5.24 13.94
C HIS A 296 45.24 -6.37 13.08
N ALA A 297 43.94 -6.64 13.16
CA ALA A 297 43.29 -7.74 12.43
C ALA A 297 41.82 -7.48 12.29
N LEU A 298 41.18 -8.19 11.37
CA LEU A 298 39.74 -8.11 11.31
C LEU A 298 39.18 -9.39 10.70
N SER A 299 37.94 -9.70 11.03
CA SER A 299 37.31 -10.87 10.48
C SER A 299 35.94 -10.50 10.04
N PHE A 300 35.38 -11.28 9.08
CA PHE A 300 34.02 -11.04 8.62
C PHE A 300 33.37 -12.26 8.04
N ARG A 301 32.04 -12.26 8.13
CA ARG A 301 31.15 -13.25 7.39
C ARG A 301 31.24 -13.01 5.93
N ASP A 302 31.04 -14.08 5.16
CA ASP A 302 30.97 -13.92 3.72
C ASP A 302 29.83 -12.91 3.33
N GLN A 303 30.11 -12.02 2.37
CA GLN A 303 29.12 -11.02 1.89
C GLN A 303 28.70 -10.17 3.08
N PRO A 304 29.70 -9.62 3.77
CA PRO A 304 29.39 -9.03 5.08
C PRO A 304 28.46 -7.79 4.96
N ILE A 305 27.54 -7.63 5.90
CA ILE A 305 26.61 -6.50 5.93
C ILE A 305 27.14 -5.46 6.98
N LEU A 306 27.48 -4.26 6.49
CA LEU A 306 27.85 -3.12 7.39
C LEU A 306 26.56 -2.27 7.68
N PRO A 307 26.01 -2.34 8.91
CA PRO A 307 24.88 -1.42 9.23
C PRO A 307 25.54 -0.03 9.55
N ILE A 308 24.75 1.01 9.32
CA ILE A 308 25.15 2.38 9.51
C ILE A 308 24.02 3.15 10.18
N CYS A 309 24.38 4.32 10.75
CA CYS A 309 23.40 5.30 11.27
C CYS A 309 23.83 6.63 10.62
N VAL A 310 22.88 7.28 9.92
CA VAL A 310 23.07 8.56 9.22
C VAL A 310 22.49 9.61 10.11
N ALA A 311 23.34 10.04 11.04
CA ALA A 311 22.80 10.79 12.18
C ALA A 311 22.30 12.20 11.80
N GLY A 312 21.41 12.74 12.61
CA GLY A 312 20.79 14.00 12.25
C GLY A 312 19.45 14.21 12.84
N THR A 313 18.65 15.04 12.18
CA THR A 313 17.33 15.33 12.71
C THR A 313 16.47 14.06 12.85
N PRO A 314 15.52 14.06 13.83
CA PRO A 314 14.87 12.83 14.20
C PRO A 314 13.84 12.36 13.19
N PRO A 315 13.47 11.11 13.26
CA PRO A 315 13.96 10.05 14.16
C PRO A 315 15.03 9.13 13.53
N GLU A 316 16.21 9.01 14.09
CA GLU A 316 17.21 8.01 13.65
C GLU A 316 17.67 7.26 14.91
N GLU A 317 18.66 6.34 14.82
CA GLU A 317 18.94 5.44 15.92
C GLU A 317 19.54 6.15 17.18
N ASN A 318 20.03 7.37 17.07
CA ASN A 318 20.35 8.09 18.31
C ASN A 318 19.13 8.45 19.11
N HIS A 319 17.94 8.31 18.49
CA HIS A 319 16.67 8.54 19.14
C HIS A 319 16.04 7.18 19.47
N THR A 320 15.80 6.37 18.41
CA THR A 320 15.12 5.19 18.65
C THR A 320 15.87 4.11 19.41
N ILE A 321 17.19 4.03 19.27
CA ILE A 321 18.01 3.23 20.23
C ILE A 321 18.39 4.04 21.50
N TRP A 322 19.24 4.97 21.27
CA TRP A 322 19.83 5.74 22.42
C TRP A 322 18.79 6.26 23.33
N GLY A 323 17.90 7.13 22.80
CA GLY A 323 16.81 7.68 23.57
C GLY A 323 15.99 6.63 24.35
N THR A 324 15.51 5.58 23.60
CA THR A 324 14.72 4.56 24.23
C THR A 324 15.47 3.89 25.34
N MET A 325 16.76 3.57 25.16
CA MET A 325 17.52 2.87 26.24
C MET A 325 17.79 3.79 27.46
N ILE A 326 17.96 5.06 27.12
CA ILE A 326 18.12 6.05 28.23
C ILE A 326 16.81 6.13 29.05
N SER A 327 15.70 6.21 28.37
CA SER A 327 14.39 6.27 29.01
C SER A 327 14.20 5.10 30.00
N ALA A 328 14.50 3.86 29.57
CA ALA A 328 14.24 2.68 30.42
C ALA A 328 15.10 2.74 31.65
N GLN A 329 16.36 3.09 31.42
CA GLN A 329 17.31 3.28 32.54
C GLN A 329 16.90 4.36 33.50
N LEU A 330 16.47 5.50 32.99
CA LEU A 330 15.99 6.55 33.87
C LEU A 330 14.77 6.23 34.61
N LEU A 331 13.83 5.44 34.03
CA LEU A 331 12.72 5.09 34.85
C LEU A 331 13.17 4.19 36.05
N ASP A 332 14.13 3.32 35.79
CA ASP A 332 14.67 2.46 36.85
C ASP A 332 15.36 3.31 37.91
N VAL A 333 16.18 4.26 37.50
CA VAL A 333 16.84 5.18 38.43
C VAL A 333 15.79 5.85 39.26
N ALA A 334 14.80 6.44 38.59
CA ALA A 334 13.79 7.23 39.26
C ALA A 334 13.04 6.40 40.28
N GLN A 335 12.49 5.26 39.86
CA GLN A 335 11.74 4.45 40.82
C GLN A 335 12.59 3.94 42.00
N ASN A 336 13.80 3.49 41.71
CA ASN A 336 14.65 2.93 42.78
C ASN A 336 14.98 3.99 43.81
N ALA A 337 15.01 5.24 43.36
CA ALA A 337 15.23 6.38 44.25
C ALA A 337 14.00 6.79 45.03
N GLY A 338 12.87 6.14 44.79
CA GLY A 338 11.62 6.50 45.44
C GLY A 338 10.89 7.72 44.87
N LEU A 339 11.30 8.17 43.67
CA LEU A 339 10.53 9.20 43.03
C LEU A 339 9.20 8.66 42.51
N PRO A 340 8.10 9.48 42.54
CA PRO A 340 6.75 9.01 42.11
C PRO A 340 6.61 9.10 40.57
N VAL A 341 7.39 8.30 39.87
CA VAL A 341 7.49 8.39 38.40
C VAL A 341 7.08 7.06 37.86
N ASP A 342 6.11 7.05 36.95
CA ASP A 342 5.65 5.78 36.32
C ASP A 342 6.07 5.54 34.91
N MET A 343 6.67 6.55 34.24
CA MET A 343 7.25 6.42 32.94
C MET A 343 8.24 7.60 32.72
N VAL A 344 9.28 7.35 31.94
CA VAL A 344 10.19 8.32 31.37
C VAL A 344 10.26 8.13 29.87
N TRP A 345 10.18 9.22 29.09
CA TRP A 345 10.40 9.16 27.68
C TRP A 345 11.21 10.32 27.11
N CYS A 346 12.31 10.00 26.46
CA CYS A 346 13.12 10.98 25.71
C CYS A 346 12.45 11.16 24.33
N SER A 347 11.49 12.04 24.23
CA SER A 347 10.76 12.27 22.94
C SER A 347 11.70 12.23 21.74
N TYR A 348 11.44 11.41 20.67
CA TYR A 348 12.40 11.42 19.57
C TYR A 348 12.46 12.83 18.87
N GLU A 349 11.39 13.60 18.93
CA GLU A 349 11.28 14.87 18.20
C GLU A 349 12.21 15.90 18.87
N ALA A 350 12.54 15.67 20.14
CA ALA A 350 13.41 16.56 20.88
C ALA A 350 14.87 16.12 20.73
N ALA A 351 15.16 15.14 19.90
CA ALA A 351 16.54 14.77 19.52
C ALA A 351 17.43 14.36 20.75
N THR A 352 16.85 13.60 21.68
CA THR A 352 17.53 13.11 22.85
C THR A 352 18.07 14.32 23.58
N CYS A 353 17.36 15.43 23.50
CA CYS A 353 17.81 16.62 24.39
C CYS A 353 16.84 16.93 25.52
N TRP A 354 15.76 16.18 25.65
CA TRP A 354 14.94 16.26 26.85
C TRP A 354 14.38 14.90 27.20
N ALA A 355 14.04 14.77 28.46
CA ALA A 355 13.39 13.55 28.98
C ALA A 355 12.10 14.00 29.72
N VAL A 356 10.99 13.33 29.43
CA VAL A 356 9.72 13.65 30.04
C VAL A 356 9.41 12.60 31.07
N LEU A 357 9.23 13.07 32.28
CA LEU A 357 8.92 12.21 33.44
C LEU A 357 7.46 12.30 33.78
N SER A 358 6.76 11.16 33.63
CA SER A 358 5.36 10.94 34.04
C SER A 358 5.25 10.76 35.54
N ILE A 359 4.61 11.74 36.19
CA ILE A 359 4.48 11.76 37.68
C ILE A 359 3.20 11.13 38.17
N ASP A 360 3.34 10.15 39.05
CA ASP A 360 2.18 9.49 39.69
C ASP A 360 1.50 10.42 40.67
N VAL A 361 0.41 11.03 40.22
CA VAL A 361 -0.25 12.06 40.98
C VAL A 361 -0.90 11.50 42.28
N GLN A 362 -1.12 10.20 42.35
CA GLN A 362 -1.66 9.53 43.56
C GLN A 362 -0.62 9.53 44.67
N ARG A 363 0.66 9.75 44.30
CA ARG A 363 1.80 9.69 45.25
C ARG A 363 2.40 11.02 45.65
N LEU A 364 2.01 12.07 44.94
CA LEU A 364 2.68 13.32 45.12
C LEU A 364 2.31 14.04 46.43
N ALA A 365 1.06 13.99 46.85
CA ALA A 365 0.64 14.71 48.06
C ALA A 365 1.40 14.33 49.28
N ALA A 366 1.68 13.03 49.40
CA ALA A 366 2.38 12.53 50.59
C ALA A 366 3.80 13.00 50.74
N LEU A 367 4.40 13.50 49.67
CA LEU A 367 5.72 14.12 49.71
C LEU A 367 5.77 15.38 50.53
N GLY A 368 4.65 16.09 50.60
CA GLY A 368 4.52 17.33 51.36
C GLY A 368 5.48 18.36 50.81
N THR A 369 5.55 18.47 49.49
CA THR A 369 6.57 19.27 48.84
C THR A 369 5.94 20.30 47.89
N ASP A 370 6.79 20.96 47.12
CA ASP A 370 6.36 21.94 46.10
C ASP A 370 7.24 21.89 44.89
N ALA A 371 6.85 22.62 43.82
CA ALA A 371 7.58 22.52 42.59
C ALA A 371 9.05 22.70 42.63
N ALA A 372 9.53 23.73 43.33
CA ALA A 372 10.94 24.03 43.34
C ALA A 372 11.73 22.93 44.01
N ALA A 373 11.29 22.48 45.18
CA ALA A 373 12.00 21.45 45.95
C ALA A 373 11.97 20.10 45.16
N PHE A 374 10.83 19.83 44.61
CA PHE A 374 10.66 18.63 43.74
C PHE A 374 11.56 18.62 42.54
N ALA A 375 11.65 19.79 41.85
CA ALA A 375 12.53 19.91 40.70
C ALA A 375 13.95 19.64 41.10
N ALA A 376 14.41 20.20 42.25
CA ALA A 376 15.79 20.06 42.70
C ALA A 376 16.10 18.60 43.10
N ARG A 377 15.13 17.96 43.73
CA ARG A 377 15.24 16.53 44.04
C ARG A 377 15.36 15.69 42.78
N VAL A 378 14.48 15.95 41.80
CA VAL A 378 14.58 15.21 40.57
C VAL A 378 15.86 15.50 39.80
N ALA A 379 16.31 16.79 39.81
CA ALA A 379 17.52 17.16 39.07
C ALA A 379 18.71 16.37 39.66
N GLU A 380 18.82 16.39 40.99
CA GLU A 380 19.94 15.73 41.63
C GLU A 380 20.03 14.23 41.35
N THR A 381 18.90 13.55 41.53
CA THR A 381 18.76 12.13 41.28
C THR A 381 19.02 11.77 39.82
N VAL A 382 18.38 12.49 38.90
CA VAL A 382 18.45 12.12 37.49
C VAL A 382 19.82 12.50 36.87
N PHE A 383 20.25 13.77 37.05
CA PHE A 383 21.46 14.25 36.39
C PHE A 383 22.69 13.58 37.02
N GLY A 384 22.54 13.16 38.27
CA GLY A 384 23.54 12.35 38.99
C GLY A 384 23.76 10.93 38.52
N SER A 385 22.84 10.38 37.73
CA SER A 385 22.99 9.05 37.25
C SER A 385 23.78 9.06 35.98
N HIS A 386 24.37 7.89 35.67
CA HIS A 386 25.06 7.76 34.39
C HIS A 386 24.12 8.09 33.19
N ALA A 387 22.94 7.47 33.16
CA ALA A 387 21.93 7.79 32.19
C ALA A 387 21.45 9.22 32.14
N GLY A 388 21.23 9.88 33.29
CA GLY A 388 20.60 11.21 33.26
C GLY A 388 21.59 12.28 32.92
N HIS A 389 22.89 12.03 33.24
CA HIS A 389 23.96 12.93 32.79
C HIS A 389 23.86 13.24 31.27
N LEU A 390 23.30 12.30 30.51
CA LEU A 390 23.31 12.43 29.02
C LEU A 390 22.31 13.41 28.52
N VAL A 391 21.28 13.72 29.30
CA VAL A 391 20.13 14.55 28.87
C VAL A 391 20.03 15.86 29.63
N PRO A 392 20.02 17.01 28.90
CA PRO A 392 20.18 18.28 29.58
C PRO A 392 18.88 18.82 30.20
N LYS A 393 17.72 18.43 29.65
CA LYS A 393 16.46 19.04 30.06
C LYS A 393 15.47 17.95 30.48
N LEU A 394 14.69 18.24 31.53
CA LEU A 394 13.70 17.32 32.07
C LEU A 394 12.43 18.07 32.12
N ILE A 395 11.38 17.40 31.72
CA ILE A 395 10.05 17.95 31.88
C ILE A 395 9.23 17.06 32.89
N LEU A 396 8.57 17.65 33.87
CA LEU A 396 7.77 16.89 34.84
C LEU A 396 6.33 17.18 34.63
N VAL A 397 5.57 16.11 34.41
CA VAL A 397 4.15 16.34 34.17
C VAL A 397 3.38 15.25 34.83
N GLY A 398 2.17 15.55 35.28
CA GLY A 398 1.29 14.47 35.70
C GLY A 398 0.96 13.36 34.70
N ASN A 399 0.73 12.16 35.27
CA ASN A 399 0.50 10.94 34.48
C ASN A 399 -0.84 10.86 33.91
N ASP A 400 -1.64 11.91 33.95
CA ASP A 400 -2.88 11.96 33.07
C ASP A 400 -2.58 12.09 31.61
N ILE A 401 -1.44 12.65 31.25
CA ILE A 401 -1.03 12.59 29.88
C ILE A 401 -0.14 11.41 29.60
N ASP A 402 -0.15 11.01 28.34
CA ASP A 402 0.78 10.06 27.86
C ASP A 402 2.06 10.73 27.43
N VAL A 403 3.11 10.58 28.23
CA VAL A 403 4.42 11.16 27.84
C VAL A 403 5.13 10.70 26.60
N THR A 404 4.62 9.60 25.97
CA THR A 404 5.21 9.14 24.79
C THR A 404 4.64 9.84 23.48
N GLU A 405 3.63 10.70 23.67
CA GLU A 405 2.96 11.39 22.60
C GLU A 405 3.30 12.83 22.66
N ILE A 406 4.08 13.27 21.68
CA ILE A 406 4.56 14.64 21.70
C ILE A 406 3.42 15.64 21.76
N ASP A 407 2.32 15.32 21.11
CA ASP A 407 1.26 16.33 21.08
C ASP A 407 0.66 16.57 22.48
N GLN A 408 0.62 15.52 23.30
CA GLN A 408 0.15 15.67 24.67
C GLN A 408 1.22 16.40 25.57
N VAL A 409 2.48 16.11 25.37
CA VAL A 409 3.57 16.87 26.09
C VAL A 409 3.49 18.38 25.72
N VAL A 410 3.30 18.68 24.43
CA VAL A 410 3.10 20.03 23.98
C VAL A 410 1.93 20.76 24.66
N TRP A 411 0.81 20.08 24.73
CA TRP A 411 -0.37 20.59 25.41
C TRP A 411 -0.02 20.91 26.82
N ALA A 412 0.63 19.98 27.50
CA ALA A 412 0.94 20.23 28.89
C ALA A 412 1.97 21.36 29.07
N LEU A 413 3.00 21.45 28.21
CA LEU A 413 3.98 22.57 28.29
C LEU A 413 3.25 23.91 28.15
N ALA A 414 2.36 23.98 27.20
CA ALA A 414 1.76 25.26 26.89
C ALA A 414 0.76 25.68 27.89
N THR A 415 -0.02 24.75 28.43
CA THR A 415 -1.15 25.07 29.28
C THR A 415 -0.81 24.95 30.78
N ARG A 416 0.27 24.26 31.15
CA ARG A 416 0.59 24.04 32.58
C ARG A 416 1.84 24.75 33.09
N ALA A 417 2.86 25.02 32.26
CA ALA A 417 4.08 25.64 32.77
C ALA A 417 3.92 27.15 32.90
N HIS A 418 4.01 27.64 34.13
CA HIS A 418 3.87 29.08 34.41
C HIS A 418 5.18 29.81 34.27
N PRO A 419 5.19 30.89 33.44
CA PRO A 419 6.44 31.57 33.08
C PRO A 419 7.24 32.03 34.30
N LEU A 420 6.56 32.37 35.38
CA LEU A 420 7.23 33.00 36.55
C LEU A 420 7.73 31.96 37.55
N HIS A 421 7.20 30.75 37.46
CA HIS A 421 7.33 29.78 38.59
C HIS A 421 7.90 28.43 38.23
N ASP A 422 7.80 28.05 36.96
CA ASP A 422 8.09 26.68 36.53
C ASP A 422 9.30 26.40 35.64
N HIS A 423 10.26 27.29 35.58
CA HIS A 423 11.45 27.10 34.75
C HIS A 423 12.68 27.09 35.66
N PHE A 424 13.16 25.91 35.99
CA PHE A 424 14.24 25.76 37.02
C PHE A 424 15.54 25.40 36.34
N ALA A 425 16.40 26.41 36.16
CA ALA A 425 17.74 26.17 35.68
C ALA A 425 18.62 25.68 36.82
N PHE A 426 19.57 24.81 36.48
CA PHE A 426 20.50 24.15 37.44
C PHE A 426 21.92 24.39 36.89
N PRO A 427 22.38 25.66 36.98
CA PRO A 427 23.63 26.06 36.35
C PRO A 427 24.90 25.57 37.02
N GLN A 428 24.81 25.06 38.25
CA GLN A 428 25.91 24.31 38.90
C GLN A 428 26.01 22.84 38.52
N ILE A 429 25.09 22.27 37.76
CA ILE A 429 25.27 20.89 37.49
C ILE A 429 26.04 20.65 36.22
N ARG A 430 27.09 19.83 36.24
CA ARG A 430 27.90 19.66 35.12
C ARG A 430 27.12 19.08 33.89
N ASP A 431 27.51 19.51 32.70
CA ASP A 431 26.83 19.19 31.42
C ASP A 431 27.44 18.04 30.69
N PHE A 432 26.59 17.32 29.94
CA PHE A 432 27.08 16.54 28.83
C PHE A 432 27.58 17.47 27.68
N PRO A 433 28.80 17.29 27.23
CA PRO A 433 29.43 18.37 26.46
C PRO A 433 28.97 18.48 25.01
N MET A 434 28.18 17.51 24.51
CA MET A 434 27.74 17.57 23.09
C MET A 434 26.49 18.47 22.90
N VAL A 435 25.89 18.92 23.98
CA VAL A 435 24.59 19.60 23.90
C VAL A 435 24.69 20.86 23.05
N PRO A 436 23.81 20.99 22.06
CA PRO A 436 24.11 21.96 20.94
C PRO A 436 24.03 23.45 21.27
N TYR A 437 23.30 23.83 22.36
CA TYR A 437 23.02 25.22 22.66
C TYR A 437 24.06 25.77 23.65
N LEU A 438 24.93 24.92 24.12
CA LEU A 438 26.02 25.44 25.00
C LEU A 438 26.82 26.55 24.25
N ASP A 439 27.20 27.57 24.99
CA ASP A 439 28.00 28.71 24.56
C ASP A 439 29.38 28.59 25.21
N ALA A 440 30.31 29.44 24.79
CA ALA A 440 31.69 29.39 25.37
C ALA A 440 31.79 29.49 26.89
N GLU A 441 30.95 30.29 27.53
CA GLU A 441 30.83 30.44 28.97
C GLU A 441 30.52 29.07 29.59
N ASP A 442 29.49 28.39 29.04
CA ASP A 442 29.13 27.06 29.53
C ASP A 442 30.30 26.08 29.39
N LYS A 443 30.98 26.13 28.24
CA LYS A 443 32.08 25.24 27.94
C LYS A 443 33.30 25.49 28.88
N ALA A 444 33.69 26.71 29.04
CA ALA A 444 34.75 27.00 30.03
C ALA A 444 34.39 26.44 31.41
N ARG A 445 33.14 26.68 31.87
CA ARG A 445 32.68 26.31 33.21
C ARG A 445 32.41 24.79 33.37
N GLY A 446 31.96 24.15 32.33
CA GLY A 446 31.54 22.76 32.37
C GLY A 446 30.12 22.56 32.85
N SER A 447 29.39 23.66 32.98
CA SER A 447 28.00 23.64 33.40
C SER A 447 27.29 24.81 32.80
N GLY A 448 25.95 24.82 32.89
CA GLY A 448 25.11 25.89 32.45
C GLY A 448 23.86 25.48 31.72
N GLY A 449 23.92 24.29 31.17
CA GLY A 449 22.84 23.84 30.28
C GLY A 449 21.65 23.16 30.88
N ARG A 450 21.70 22.80 32.16
CA ARG A 450 20.69 21.91 32.74
C ARG A 450 19.44 22.64 33.14
N LEU A 451 18.31 21.96 32.93
CA LEU A 451 17.00 22.55 33.17
C LEU A 451 15.98 21.49 33.56
N VAL A 452 15.13 21.88 34.48
CA VAL A 452 13.85 21.21 34.72
C VAL A 452 12.73 22.21 34.46
N ILE A 453 11.79 21.78 33.66
CA ILE A 453 10.55 22.46 33.35
C ILE A 453 9.44 21.71 34.10
N ASN A 454 8.77 22.43 34.98
CA ASN A 454 7.68 21.83 35.78
C ASN A 454 6.31 22.14 35.17
N CYS A 455 5.56 21.06 34.85
CA CYS A 455 4.21 21.14 34.40
C CYS A 455 3.18 20.58 35.37
N LEU A 456 3.57 20.41 36.66
CA LEU A 456 2.65 20.06 37.68
C LEU A 456 2.03 21.33 38.25
N TYR A 457 0.72 21.50 38.14
CA TYR A 457 0.11 22.62 38.80
C TYR A 457 0.30 22.62 40.30
N PRO A 458 0.31 23.83 40.88
CA PRO A 458 0.64 23.86 42.33
C PRO A 458 -0.28 23.01 43.21
N GLU A 459 -1.57 22.95 42.84
CA GLU A 459 -2.52 22.19 43.63
C GLU A 459 -2.24 20.67 43.55
N GLN A 460 -1.42 20.21 42.59
CA GLN A 460 -1.12 18.78 42.47
C GLN A 460 -0.23 18.30 43.55
N PHE A 461 0.49 19.21 44.17
CA PHE A 461 1.21 18.84 45.33
C PHE A 461 0.36 18.63 46.60
N ALA A 462 -0.90 18.99 46.56
CA ALA A 462 -1.91 18.68 47.59
C ALA A 462 -2.90 17.65 47.16
N GLY A 463 -2.58 16.96 46.08
CA GLY A 463 -3.47 15.91 45.49
C GLY A 463 -4.73 16.38 44.76
N GLN A 464 -4.76 17.63 44.26
CA GLN A 464 -5.89 18.25 43.68
C GLN A 464 -5.54 18.65 42.25
N MET A 465 -6.55 19.14 41.57
CA MET A 465 -6.42 19.46 40.12
C MET A 465 -7.45 20.53 39.85
N ARG A 466 -7.01 21.59 39.20
CA ARG A 466 -7.93 22.73 39.01
C ARG A 466 -9.11 22.46 38.08
N ALA A 467 -8.96 21.56 37.14
CA ALA A 467 -9.92 21.42 36.12
C ALA A 467 -9.75 20.06 35.52
N ALA A 468 -10.85 19.49 35.13
CA ALA A 468 -10.83 18.25 34.39
C ALA A 468 -10.41 18.50 32.96
N THR A 469 -10.05 17.41 32.29
CA THR A 469 -9.76 17.36 30.84
C THR A 469 -10.96 17.22 29.96
N ALA A 470 -11.02 18.14 28.99
CA ALA A 470 -12.19 18.15 28.09
C ALA A 470 -11.85 17.30 26.88
N SER A 471 -11.93 15.98 26.99
CA SER A 471 -11.58 15.06 25.86
C SER A 471 -12.59 14.00 25.84
N PHE A 472 -12.60 13.15 24.81
CA PHE A 472 -13.52 12.05 24.84
C PHE A 472 -13.37 11.18 26.12
N ARG A 473 -12.15 10.80 26.46
CA ARG A 473 -11.89 9.98 27.65
C ARG A 473 -12.41 10.61 28.95
N HIS A 474 -12.21 11.94 29.09
CA HIS A 474 -12.44 12.62 30.33
C HIS A 474 -13.65 13.51 30.52
N ALA A 475 -14.43 13.73 29.47
CA ALA A 475 -15.59 14.60 29.54
C ALA A 475 -16.92 13.83 29.37
N TYR A 476 -16.85 12.50 29.42
CA TYR A 476 -18.06 11.66 29.27
C TYR A 476 -18.01 10.48 30.16
N PRO A 477 -19.18 9.97 30.57
CA PRO A 477 -19.18 8.85 31.51
C PRO A 477 -18.85 7.57 30.83
N THR A 478 -18.32 6.62 31.60
CA THR A 478 -17.84 5.43 31.14
C THR A 478 -18.87 4.67 30.25
N ALA A 479 -20.11 4.57 30.70
CA ALA A 479 -21.12 3.83 29.88
C ALA A 479 -21.37 4.48 28.49
N LEU A 480 -21.33 5.80 28.46
CA LEU A 480 -21.43 6.53 27.21
C LEU A 480 -20.22 6.31 26.26
N ARG A 481 -18.99 6.39 26.82
CA ARG A 481 -17.86 6.14 26.04
C ARG A 481 -17.97 4.76 25.46
N ARG A 482 -18.43 3.76 26.25
CA ARG A 482 -18.53 2.38 25.68
C ARG A 482 -19.58 2.27 24.59
N ARG A 483 -20.73 2.94 24.79
CA ARG A 483 -21.83 2.98 23.73
C ARG A 483 -21.22 3.55 22.42
N VAL A 484 -20.50 4.66 22.50
CA VAL A 484 -19.91 5.26 21.30
C VAL A 484 -18.88 4.38 20.58
N GLU A 485 -18.00 3.75 21.39
CA GLU A 485 -17.01 2.82 20.90
C GLU A 485 -17.73 1.64 20.24
N GLU A 486 -18.80 1.17 20.85
CA GLU A 486 -19.52 0.01 20.34
C GLU A 486 -20.28 0.32 19.07
N ARG A 487 -20.94 1.47 19.03
CA ARG A 487 -21.75 1.88 17.88
C ARG A 487 -21.03 2.56 16.74
N TRP A 488 -19.73 2.84 16.92
CA TRP A 488 -18.94 3.69 16.03
C TRP A 488 -19.07 3.33 14.57
N SER A 489 -18.74 2.12 14.19
CA SER A 489 -18.80 1.85 12.77
C SER A 489 -20.29 1.81 12.34
N ASP A 490 -21.21 1.46 13.24
CA ASP A 490 -22.66 1.48 12.95
C ASP A 490 -23.27 2.90 12.77
N TYR A 491 -22.69 3.93 13.40
CA TYR A 491 -23.11 5.27 13.09
C TYR A 491 -22.82 5.60 11.64
N GLY A 492 -21.81 4.96 11.06
CA GLY A 492 -21.41 5.24 9.68
C GLY A 492 -19.95 5.49 9.42
N PHE A 493 -19.17 5.55 10.51
CA PHE A 493 -17.80 5.93 10.46
C PHE A 493 -16.95 4.75 10.00
N GLY A 494 -17.44 3.51 10.11
CA GLY A 494 -16.57 2.36 9.82
C GLY A 494 -15.23 2.37 10.55
N ASP A 495 -14.16 2.72 9.83
CA ASP A 495 -12.78 2.56 10.35
C ASP A 495 -12.12 3.87 10.79
N ALA A 496 -12.85 4.96 10.61
CA ALA A 496 -12.32 6.33 10.68
C ALA A 496 -11.94 6.80 12.08
N MET B 1 -13.62 -14.20 12.83
CA MET B 1 -13.52 -14.92 11.51
C MET B 1 -14.61 -15.97 11.37
N ASN B 2 -14.71 -16.82 12.37
CA ASN B 2 -15.80 -17.79 12.45
C ASN B 2 -17.24 -17.21 12.52
N ARG B 3 -17.42 -16.11 13.27
CA ARG B 3 -18.72 -15.48 13.36
C ARG B 3 -19.15 -14.98 11.95
N SER B 4 -18.18 -14.64 11.09
CA SER B 4 -18.45 -14.09 9.75
C SER B 4 -19.19 -15.03 8.86
N ALA B 5 -18.98 -16.34 9.03
CA ALA B 5 -19.71 -17.35 8.21
C ALA B 5 -21.18 -17.32 8.49
N LEU B 6 -21.55 -16.87 9.72
CA LEU B 6 -22.93 -16.98 10.21
C LEU B 6 -23.74 -15.69 10.30
N ASP B 7 -23.12 -14.55 10.05
CA ASP B 7 -23.72 -13.26 10.36
C ASP B 7 -23.17 -12.24 9.33
N PHE B 8 -24.01 -11.84 8.39
CA PHE B 8 -23.59 -10.96 7.29
C PHE B 8 -23.05 -9.63 7.79
N ARG B 9 -23.77 -9.03 8.68
CA ARG B 9 -23.31 -7.82 9.27
C ARG B 9 -21.95 -7.91 9.87
N HIS B 10 -21.65 -8.99 10.57
CA HIS B 10 -20.37 -9.20 11.17
C HIS B 10 -19.28 -9.45 10.07
N PHE B 11 -19.62 -10.25 9.04
CA PHE B 11 -18.79 -10.38 7.90
C PHE B 11 -18.32 -9.04 7.33
N VAL B 12 -19.19 -8.03 7.23
CA VAL B 12 -18.85 -6.74 6.68
C VAL B 12 -17.87 -6.04 7.62
N ASP B 13 -18.13 -6.17 8.91
CA ASP B 13 -17.22 -5.55 9.90
C ASP B 13 -15.84 -6.21 9.82
N HIS B 14 -15.81 -7.52 9.59
CA HIS B 14 -14.54 -8.24 9.51
C HIS B 14 -13.76 -7.92 8.24
N LEU B 15 -14.41 -7.83 7.08
CA LEU B 15 -13.75 -7.22 5.93
C LEU B 15 -13.08 -5.91 6.22
N ARG B 16 -13.78 -5.02 6.88
CA ARG B 16 -13.22 -3.73 7.24
C ARG B 16 -11.92 -3.92 8.07
N ARG B 17 -11.97 -4.83 9.03
CA ARG B 17 -10.81 -5.09 9.91
C ARG B 17 -9.67 -5.72 9.15
N GLN B 18 -9.95 -6.48 8.09
CA GLN B 18 -8.93 -7.03 7.20
C GLN B 18 -8.32 -5.98 6.21
N GLY B 19 -8.88 -4.80 6.16
CA GLY B 19 -8.46 -3.83 5.16
C GLY B 19 -9.07 -4.05 3.78
N ASP B 20 -10.11 -4.88 3.74
CA ASP B 20 -10.80 -5.26 2.48
C ASP B 20 -12.18 -4.65 2.25
N LEU B 21 -12.46 -3.53 2.88
CA LEU B 21 -13.74 -2.82 2.69
C LEU B 21 -13.45 -1.35 2.52
N VAL B 22 -14.14 -0.73 1.60
CA VAL B 22 -14.16 0.72 1.45
C VAL B 22 -15.54 1.25 1.79
N ASP B 23 -15.60 2.17 2.77
CA ASP B 23 -16.79 2.81 3.16
C ASP B 23 -16.98 4.06 2.26
N VAL B 24 -17.96 3.96 1.39
CA VAL B 24 -18.28 5.00 0.46
C VAL B 24 -19.36 5.93 1.05
N HIS B 25 -18.92 7.08 1.54
CA HIS B 25 -19.83 8.05 2.12
C HIS B 25 -20.43 9.04 1.19
N THR B 26 -19.81 9.21 0.04
CA THR B 26 -20.36 10.03 -1.03
C THR B 26 -21.73 9.50 -1.46
N GLU B 27 -22.66 10.41 -1.72
CA GLU B 27 -23.91 10.05 -2.39
C GLU B 27 -23.62 9.40 -3.73
N VAL B 28 -24.25 8.24 -3.93
CA VAL B 28 -24.18 7.52 -5.23
C VAL B 28 -25.55 7.23 -5.73
N ASP B 29 -25.63 6.96 -7.03
CA ASP B 29 -26.91 6.77 -7.67
C ASP B 29 -27.10 5.27 -7.95
N ALA B 30 -28.25 4.74 -7.55
CA ALA B 30 -28.62 3.36 -7.84
C ALA B 30 -28.83 3.17 -9.28
N ASN B 31 -29.13 4.25 -10.00
CA ASN B 31 -29.21 4.21 -11.43
C ASN B 31 -27.80 4.17 -12.06
N LEU B 32 -27.33 2.94 -12.29
CA LEU B 32 -26.05 2.58 -13.03
C LEU B 32 -24.75 2.95 -12.27
N GLU B 33 -24.69 4.02 -11.47
CA GLU B 33 -23.44 4.37 -10.81
C GLU B 33 -22.87 3.30 -9.84
N ILE B 34 -23.71 2.79 -8.97
CA ILE B 34 -23.34 1.70 -8.06
C ILE B 34 -22.72 0.56 -8.88
N GLY B 35 -23.47 0.16 -9.90
CA GLY B 35 -23.00 -0.87 -10.78
C GLY B 35 -21.67 -0.65 -11.46
N ALA B 36 -21.44 0.48 -12.08
CA ALA B 36 -20.16 0.82 -12.60
C ALA B 36 -19.01 0.83 -11.57
N ILE B 37 -19.19 1.45 -10.40
CA ILE B 37 -18.19 1.42 -9.42
C ILE B 37 -17.86 -0.02 -9.09
N THR B 38 -18.92 -0.86 -8.88
CA THR B 38 -18.72 -2.25 -8.45
C THR B 38 -18.01 -3.04 -9.58
N ARG B 39 -18.35 -2.76 -10.87
CA ARG B 39 -17.62 -3.44 -11.94
C ARG B 39 -16.18 -3.10 -11.90
N ARG B 40 -15.85 -1.82 -11.68
CA ARG B 40 -14.47 -1.44 -11.69
C ARG B 40 -13.78 -2.17 -10.50
N VAL B 41 -14.49 -2.33 -9.39
CA VAL B 41 -13.95 -3.01 -8.18
C VAL B 41 -13.57 -4.45 -8.50
N TYR B 42 -14.43 -5.17 -9.27
CA TYR B 42 -14.08 -6.54 -9.63
C TYR B 42 -12.85 -6.68 -10.55
N GLU B 43 -12.81 -5.78 -11.53
CA GLU B 43 -11.80 -5.76 -12.55
C GLU B 43 -10.46 -5.28 -12.02
N ARG B 44 -10.45 -4.35 -11.08
CA ARG B 44 -9.26 -3.98 -10.39
C ARG B 44 -8.85 -4.85 -9.20
N ARG B 45 -9.73 -5.72 -8.76
CA ARG B 45 -9.60 -6.50 -7.54
C ARG B 45 -9.36 -5.57 -6.34
N ALA B 46 -10.21 -4.59 -6.28
CA ALA B 46 -10.25 -3.58 -5.21
C ALA B 46 -11.04 -4.11 -4.00
N PRO B 47 -10.91 -3.46 -2.81
CA PRO B 47 -11.71 -3.77 -1.63
C PRO B 47 -13.21 -3.69 -1.98
N ALA B 48 -14.05 -4.43 -1.27
CA ALA B 48 -15.51 -4.41 -1.51
C ALA B 48 -16.04 -3.01 -1.05
N PRO B 49 -16.86 -2.36 -1.84
CA PRO B 49 -17.45 -1.07 -1.38
C PRO B 49 -18.78 -1.24 -0.63
N LEU B 50 -18.86 -0.61 0.58
CA LEU B 50 -20.08 -0.45 1.33
C LEU B 50 -20.58 0.98 1.06
N PHE B 51 -21.70 1.07 0.37
CA PHE B 51 -22.33 2.34 0.02
C PHE B 51 -23.28 2.75 1.14
N HIS B 52 -22.93 3.87 1.80
CA HIS B 52 -23.67 4.39 2.92
C HIS B 52 -24.77 5.37 2.56
N ASN B 53 -24.77 5.86 1.31
CA ASN B 53 -25.69 6.90 0.94
C ASN B 53 -26.06 6.81 -0.49
N ILE B 54 -27.24 6.23 -0.74
CA ILE B 54 -27.79 6.06 -2.05
C ILE B 54 -28.92 7.02 -2.27
N ARG B 55 -28.79 7.83 -3.29
CA ARG B 55 -29.82 8.86 -3.64
C ARG B 55 -31.24 8.29 -3.60
N ASP B 56 -32.12 8.96 -2.86
CA ASP B 56 -33.57 8.66 -2.87
C ASP B 56 -33.91 7.31 -2.34
N SER B 57 -33.14 6.80 -1.41
CA SER B 57 -33.43 5.53 -0.87
C SER B 57 -33.98 5.79 0.54
N LEU B 58 -34.59 4.79 1.13
CA LEU B 58 -34.89 4.77 2.54
C LEU B 58 -33.69 5.26 3.42
N PRO B 59 -33.89 6.30 4.28
CA PRO B 59 -32.66 6.78 4.93
C PRO B 59 -31.99 5.73 5.73
N GLY B 60 -30.69 5.61 5.53
CA GLY B 60 -29.87 4.72 6.32
C GLY B 60 -29.61 3.42 5.62
N ALA B 61 -30.41 3.13 4.60
CA ALA B 61 -30.18 1.90 3.83
C ALA B 61 -28.80 1.92 3.19
N ARG B 62 -28.26 0.70 2.99
CA ARG B 62 -26.90 0.53 2.49
C ARG B 62 -26.88 -0.50 1.37
N VAL B 63 -25.79 -0.53 0.62
CA VAL B 63 -25.57 -1.54 -0.46
C VAL B 63 -24.11 -2.01 -0.34
N LEU B 64 -23.90 -3.33 -0.32
CA LEU B 64 -22.59 -3.96 -0.41
C LEU B 64 -22.35 -4.49 -1.84
N GLY B 65 -21.33 -3.94 -2.48
CA GLY B 65 -20.94 -4.43 -3.76
C GLY B 65 -19.77 -5.41 -3.61
N ALA B 66 -19.65 -6.32 -4.61
CA ALA B 66 -18.53 -7.24 -4.73
C ALA B 66 -18.36 -8.08 -3.44
N PRO B 67 -19.49 -8.65 -2.92
CA PRO B 67 -19.35 -9.41 -1.68
C PRO B 67 -18.38 -10.55 -1.72
N ALA B 68 -18.13 -11.19 -2.88
CA ALA B 68 -17.03 -12.17 -3.03
C ALA B 68 -16.14 -11.93 -4.24
N GLY B 69 -15.94 -10.65 -4.58
CA GLY B 69 -14.88 -10.32 -5.51
C GLY B 69 -13.48 -10.75 -5.02
N LEU B 70 -12.51 -10.77 -5.97
CA LEU B 70 -11.16 -11.15 -5.71
C LEU B 70 -10.31 -9.89 -5.26
N ARG B 71 -9.18 -10.14 -4.58
CA ARG B 71 -8.25 -9.09 -4.16
C ARG B 71 -7.00 -9.10 -5.02
N ALA B 72 -6.41 -7.92 -5.23
CA ALA B 72 -5.21 -7.79 -6.08
C ALA B 72 -3.96 -8.45 -5.53
N ASP B 73 -3.87 -8.52 -4.19
CA ASP B 73 -2.79 -9.23 -3.52
C ASP B 73 -2.95 -10.73 -3.72
N ARG B 74 -2.07 -11.30 -4.57
CA ARG B 74 -2.24 -12.69 -5.06
C ARG B 74 -2.18 -13.63 -3.90
N ALA B 75 -1.38 -13.31 -2.88
CA ALA B 75 -1.35 -14.17 -1.68
C ALA B 75 -2.68 -14.29 -0.94
N ARG B 76 -3.52 -13.26 -1.05
CA ARG B 76 -4.79 -13.23 -0.31
C ARG B 76 -5.98 -13.09 -1.26
N ALA B 77 -5.83 -13.54 -2.48
CA ALA B 77 -6.73 -13.09 -3.56
C ALA B 77 -8.17 -13.57 -3.26
N HIS B 78 -8.26 -14.75 -2.62
CA HIS B 78 -9.56 -15.42 -2.36
C HIS B 78 -10.08 -15.16 -0.98
N SER B 79 -9.53 -14.15 -0.28
CA SER B 79 -9.88 -14.10 1.11
C SER B 79 -11.39 -13.76 1.39
N ARG B 80 -12.02 -12.95 0.53
CA ARG B 80 -13.37 -12.52 0.72
C ARG B 80 -14.29 -13.65 0.45
N LEU B 81 -13.93 -14.48 -0.52
CA LEU B 81 -14.65 -15.73 -0.74
C LEU B 81 -14.43 -16.67 0.46
N ALA B 82 -13.20 -16.73 0.94
CA ALA B 82 -12.81 -17.67 2.04
C ALA B 82 -13.60 -17.34 3.34
N LEU B 83 -13.79 -16.05 3.57
CA LEU B 83 -14.51 -15.55 4.73
C LEU B 83 -15.95 -15.94 4.81
N HIS B 84 -16.55 -16.22 3.65
CA HIS B 84 -17.86 -16.81 3.65
C HIS B 84 -17.97 -18.06 4.49
N PHE B 85 -16.89 -18.83 4.62
CA PHE B 85 -16.86 -20.16 5.32
C PHE B 85 -16.11 -20.06 6.60
N GLY B 86 -15.74 -18.85 6.96
CA GLY B 86 -14.97 -18.64 8.17
C GLY B 86 -13.54 -19.07 8.03
N LEU B 87 -13.02 -19.07 6.81
CA LEU B 87 -11.64 -19.45 6.54
C LEU B 87 -10.74 -18.26 6.41
N PRO B 88 -9.47 -18.48 6.69
CA PRO B 88 -8.60 -17.36 6.86
C PRO B 88 -8.15 -16.78 5.48
N GLU B 89 -7.39 -15.70 5.55
CA GLU B 89 -7.08 -14.87 4.34
C GLU B 89 -6.29 -15.55 3.24
N HIS B 90 -5.45 -16.49 3.63
CA HIS B 90 -4.55 -17.15 2.68
C HIS B 90 -5.15 -18.39 2.02
N SER B 91 -6.41 -18.71 2.35
CA SER B 91 -7.12 -19.91 1.83
C SER B 91 -7.31 -19.77 0.36
N GLY B 92 -7.00 -20.84 -0.37
CA GLY B 92 -7.23 -20.95 -1.81
C GLY B 92 -8.30 -21.95 -2.18
N PRO B 93 -8.47 -22.06 -3.49
CA PRO B 93 -9.39 -23.03 -4.07
C PRO B 93 -9.39 -24.40 -3.44
N ARG B 94 -8.24 -25.05 -3.39
CA ARG B 94 -8.18 -26.38 -2.84
C ARG B 94 -8.58 -26.40 -1.33
N ASP B 95 -8.21 -25.38 -0.53
CA ASP B 95 -8.65 -25.33 0.85
C ASP B 95 -10.18 -25.26 0.97
N ILE B 96 -10.80 -24.44 0.13
CA ILE B 96 -12.22 -24.22 0.17
C ILE B 96 -12.93 -25.49 -0.26
N VAL B 97 -12.46 -26.08 -1.32
CA VAL B 97 -13.13 -27.30 -1.85
C VAL B 97 -13.05 -28.43 -0.79
N ALA B 98 -11.88 -28.58 -0.17
CA ALA B 98 -11.67 -29.68 0.83
C ALA B 98 -12.67 -29.49 2.00
N MET B 99 -12.83 -28.24 2.43
CA MET B 99 -13.81 -27.89 3.49
C MET B 99 -15.24 -28.23 3.11
N LEU B 100 -15.63 -27.84 1.91
CA LEU B 100 -16.97 -28.14 1.42
C LEU B 100 -17.21 -29.61 1.32
N ARG B 101 -16.25 -30.38 0.85
CA ARG B 101 -16.42 -31.81 0.80
C ARG B 101 -16.45 -32.46 2.15
N ALA B 102 -15.65 -32.03 3.11
CA ALA B 102 -15.77 -32.60 4.45
C ALA B 102 -17.25 -32.43 4.95
N ALA B 103 -17.86 -31.26 4.65
CA ALA B 103 -19.21 -30.95 5.13
C ALA B 103 -20.26 -31.83 4.46
N MET B 104 -19.96 -32.28 3.26
CA MET B 104 -20.83 -33.21 2.58
C MET B 104 -20.96 -34.56 3.31
N ARG B 105 -19.87 -34.98 3.92
CA ARG B 105 -19.81 -36.22 4.71
C ARG B 105 -20.26 -36.09 6.16
N ALA B 106 -20.24 -34.88 6.67
CA ALA B 106 -20.63 -34.70 8.01
C ALA B 106 -22.16 -34.87 8.10
N GLU B 107 -22.63 -35.29 9.27
CA GLU B 107 -24.03 -35.38 9.57
C GLU B 107 -24.64 -33.95 9.50
N PRO B 108 -25.81 -33.83 8.87
CA PRO B 108 -26.38 -32.47 8.88
C PRO B 108 -26.68 -31.90 10.28
N ILE B 109 -26.65 -30.60 10.42
CA ILE B 109 -27.03 -29.97 11.68
C ILE B 109 -28.27 -29.14 11.36
N ALA B 110 -29.45 -29.54 11.82
CA ALA B 110 -30.71 -28.81 11.60
C ALA B 110 -30.67 -27.40 12.11
N PRO B 111 -31.49 -26.50 11.54
CA PRO B 111 -31.44 -25.12 12.08
C PRO B 111 -32.07 -25.01 13.50
N ARG B 112 -31.63 -24.07 14.31
CA ARG B 112 -32.21 -23.86 15.60
C ARG B 112 -33.32 -22.83 15.42
N ARG B 113 -34.54 -23.24 15.82
CA ARG B 113 -35.71 -22.38 15.72
C ARG B 113 -35.74 -21.36 16.85
N LEU B 114 -35.83 -20.08 16.51
CA LEU B 114 -36.00 -19.02 17.51
C LEU B 114 -37.29 -18.27 17.33
N GLU B 115 -37.74 -17.62 18.40
CA GLU B 115 -38.94 -16.78 18.39
C GLU B 115 -38.66 -15.49 17.66
N ARG B 116 -37.45 -14.97 17.87
CA ARG B 116 -37.15 -13.60 17.55
C ARG B 116 -35.73 -13.43 16.94
N GLY B 117 -35.59 -12.44 16.06
CA GLY B 117 -34.24 -12.07 15.56
C GLY B 117 -34.17 -10.70 14.96
N PRO B 118 -32.94 -10.18 14.72
CA PRO B 118 -32.88 -8.78 14.25
C PRO B 118 -33.52 -8.47 12.91
N VAL B 119 -33.79 -9.47 12.09
CA VAL B 119 -34.47 -9.28 10.77
C VAL B 119 -35.89 -8.72 10.91
N GLN B 120 -36.43 -8.93 12.09
CA GLN B 120 -37.78 -8.48 12.44
C GLN B 120 -37.82 -7.10 13.06
N GLU B 121 -36.68 -6.37 13.11
CA GLU B 121 -36.70 -5.00 13.64
C GLU B 121 -37.62 -4.09 12.89
N ASN B 122 -37.87 -4.32 11.60
CA ASN B 122 -38.82 -3.56 10.85
C ASN B 122 -39.64 -4.48 10.02
N VAL B 123 -40.99 -4.28 9.98
CA VAL B 123 -41.95 -5.17 9.31
C VAL B 123 -42.95 -4.38 8.51
N TRP B 124 -43.05 -4.64 7.20
CA TRP B 124 -44.01 -3.99 6.38
C TRP B 124 -44.95 -5.04 5.86
N LEU B 125 -46.25 -4.97 6.25
CA LEU B 125 -47.22 -5.90 5.73
C LEU B 125 -48.07 -5.32 4.67
N GLY B 126 -48.46 -6.18 3.73
CA GLY B 126 -49.50 -5.88 2.77
C GLY B 126 -49.31 -4.57 2.04
N GLU B 127 -50.23 -3.62 2.26
CA GLU B 127 -50.10 -2.27 1.66
C GLU B 127 -48.86 -1.42 2.04
N GLN B 128 -48.23 -1.70 3.16
CA GLN B 128 -47.06 -0.96 3.57
C GLN B 128 -45.82 -1.43 2.74
N VAL B 129 -45.92 -2.55 2.03
CA VAL B 129 -44.75 -3.05 1.24
C VAL B 129 -44.46 -2.12 0.12
N ASP B 130 -43.30 -1.46 0.15
CA ASP B 130 -42.89 -0.70 -1.01
C ASP B 130 -41.41 -0.94 -1.36
N LEU B 131 -41.22 -1.91 -2.24
CA LEU B 131 -39.89 -2.37 -2.69
C LEU B 131 -39.08 -1.25 -3.28
N THR B 132 -39.71 -0.24 -3.84
CA THR B 132 -39.01 0.86 -4.50
C THR B 132 -38.29 1.85 -3.53
N ARG B 133 -38.59 1.72 -2.26
CA ARG B 133 -37.91 2.53 -1.24
C ARG B 133 -36.52 2.00 -0.97
N PHE B 134 -36.27 0.73 -1.36
CA PHE B 134 -34.89 0.18 -1.20
C PHE B 134 -34.00 0.76 -2.28
N PRO B 135 -32.66 0.81 -2.04
CA PRO B 135 -31.70 1.27 -3.07
C PRO B 135 -31.53 0.20 -4.19
N VAL B 136 -32.61 -0.06 -4.94
CA VAL B 136 -32.65 -1.08 -5.92
C VAL B 136 -31.84 -0.56 -7.13
N PRO B 137 -30.74 -1.24 -7.46
CA PRO B 137 -29.93 -0.75 -8.58
C PRO B 137 -30.38 -1.15 -10.01
N LEU B 138 -30.19 -0.22 -10.96
CA LEU B 138 -30.13 -0.59 -12.39
C LEU B 138 -28.62 -0.91 -12.60
N LEU B 139 -28.31 -2.16 -12.76
CA LEU B 139 -26.95 -2.68 -12.65
C LEU B 139 -26.04 -2.47 -13.85
N HIS B 140 -26.64 -2.53 -15.05
CA HIS B 140 -25.98 -2.38 -16.38
C HIS B 140 -26.90 -1.55 -17.30
N GLU B 141 -26.32 -0.91 -18.28
CA GLU B 141 -26.98 0.09 -19.10
C GLU B 141 -28.13 -0.51 -19.88
N GLN B 142 -27.93 -1.70 -20.39
CA GLN B 142 -28.95 -2.34 -21.23
C GLN B 142 -29.81 -3.32 -20.50
N ASP B 143 -29.81 -3.32 -19.15
CA ASP B 143 -30.66 -4.18 -18.39
C ASP B 143 -32.11 -3.76 -18.58
N GLY B 144 -33.00 -4.75 -18.56
CA GLY B 144 -34.43 -4.46 -18.80
C GLY B 144 -35.20 -3.98 -17.60
N GLY B 145 -34.54 -3.98 -16.43
CA GLY B 145 -35.15 -3.60 -15.19
C GLY B 145 -34.10 -3.44 -14.07
N ARG B 146 -34.56 -2.92 -12.96
CA ARG B 146 -33.76 -2.87 -11.73
C ARG B 146 -33.94 -4.25 -11.11
N TYR B 147 -32.83 -4.72 -10.50
CA TYR B 147 -32.78 -5.96 -9.76
C TYR B 147 -32.71 -5.80 -8.27
N PHE B 148 -33.73 -6.29 -7.60
CA PHE B 148 -33.75 -6.37 -6.19
C PHE B 148 -32.83 -7.52 -5.69
N GLY B 149 -32.99 -8.73 -6.26
CA GLY B 149 -32.19 -9.92 -5.81
C GLY B 149 -31.13 -10.29 -6.83
N THR B 150 -29.86 -9.97 -6.54
CA THR B 150 -28.66 -10.49 -7.24
C THR B 150 -27.69 -11.20 -6.29
N TYR B 151 -27.97 -11.13 -4.98
CA TYR B 151 -27.18 -11.86 -4.00
C TYR B 151 -28.00 -12.33 -2.80
N GLY B 152 -29.15 -12.85 -3.13
CA GLY B 152 -30.07 -13.43 -2.15
C GLY B 152 -30.57 -14.79 -2.58
N PHE B 153 -31.12 -15.57 -1.61
CA PHE B 153 -31.61 -16.83 -1.90
C PHE B 153 -33.08 -16.99 -1.65
N HIS B 154 -33.67 -17.68 -2.61
CA HIS B 154 -35.01 -18.18 -2.47
C HIS B 154 -35.10 -19.23 -1.40
N VAL B 155 -36.18 -19.13 -0.61
CA VAL B 155 -36.53 -20.16 0.35
C VAL B 155 -37.94 -20.72 0.02
N VAL B 156 -37.99 -22.02 -0.16
CA VAL B 156 -39.24 -22.77 -0.49
C VAL B 156 -39.15 -24.08 0.26
N GLN B 157 -40.27 -24.81 0.27
CA GLN B 157 -40.36 -26.05 0.98
C GLN B 157 -41.33 -26.95 0.19
N THR B 158 -40.99 -28.22 0.10
CA THR B 158 -41.87 -29.27 -0.54
C THR B 158 -43.25 -29.22 0.14
N PRO B 159 -44.32 -29.50 -0.61
CA PRO B 159 -45.62 -29.63 0.06
C PRO B 159 -45.64 -30.64 1.18
N ASP B 160 -44.92 -31.77 1.12
CA ASP B 160 -44.83 -32.69 2.26
C ASP B 160 -43.94 -32.25 3.39
N GLY B 161 -43.31 -31.10 3.25
CA GLY B 161 -42.46 -30.63 4.31
C GLY B 161 -41.10 -31.27 4.50
N SER B 162 -40.70 -32.20 3.65
CA SER B 162 -39.49 -33.03 3.87
C SER B 162 -38.16 -32.41 3.38
N TRP B 163 -38.29 -31.32 2.63
CA TRP B 163 -37.16 -30.73 1.84
C TRP B 163 -37.33 -29.24 1.84
N ASP B 164 -36.42 -28.60 2.57
CA ASP B 164 -36.25 -27.17 2.66
C ASP B 164 -35.10 -26.73 1.68
N SER B 165 -35.44 -25.89 0.73
CA SER B 165 -34.55 -25.53 -0.42
C SER B 165 -34.13 -24.04 -0.22
N TRP B 166 -32.80 -23.79 -0.26
CA TRP B 166 -32.27 -22.42 -0.32
C TRP B 166 -31.46 -22.34 -1.60
N SER B 167 -31.80 -21.41 -2.47
CA SER B 167 -31.18 -21.32 -3.79
C SER B 167 -31.07 -19.88 -4.27
N VAL B 168 -29.90 -19.52 -4.81
CA VAL B 168 -29.75 -18.19 -5.39
C VAL B 168 -30.36 -18.17 -6.81
N GLY B 169 -31.12 -17.12 -7.10
CA GLY B 169 -31.54 -16.73 -8.37
C GLY B 169 -31.94 -15.27 -8.39
N ARG B 170 -31.85 -14.68 -9.55
CA ARG B 170 -32.16 -13.28 -9.70
C ARG B 170 -33.65 -12.97 -9.67
N LEU B 171 -33.93 -11.79 -9.14
CA LEU B 171 -35.29 -11.22 -9.10
C LEU B 171 -35.29 -9.78 -9.48
N MET B 172 -35.99 -9.52 -10.56
CA MET B 172 -36.16 -8.13 -11.09
C MET B 172 -37.34 -7.46 -10.42
N LEU B 173 -37.15 -6.17 -10.10
CA LEU B 173 -38.22 -5.30 -9.65
C LEU B 173 -39.24 -5.10 -10.74
N VAL B 174 -40.52 -5.42 -10.43
CA VAL B 174 -41.67 -5.18 -11.38
C VAL B 174 -42.46 -3.96 -10.89
N ASP B 175 -42.77 -3.94 -9.58
CA ASP B 175 -43.50 -2.82 -8.99
C ASP B 175 -43.32 -2.78 -7.51
N ARG B 176 -44.12 -1.95 -6.81
CA ARG B 176 -43.92 -1.81 -5.36
C ARG B 176 -44.04 -3.08 -4.58
N ASN B 177 -44.76 -4.10 -5.05
CA ASN B 177 -44.82 -5.34 -4.29
C ASN B 177 -44.75 -6.61 -5.15
N THR B 178 -44.03 -6.49 -6.29
CA THR B 178 -43.94 -7.59 -7.20
C THR B 178 -42.55 -7.67 -7.78
N LEU B 179 -41.94 -8.87 -7.77
CA LEU B 179 -40.69 -9.12 -8.47
C LEU B 179 -40.96 -10.16 -9.55
N ALA B 180 -39.97 -10.39 -10.43
CA ALA B 180 -40.04 -11.51 -11.34
C ALA B 180 -38.67 -12.09 -11.65
N GLY B 181 -38.63 -13.32 -12.09
CA GLY B 181 -37.35 -14.01 -12.27
C GLY B 181 -37.48 -15.47 -12.62
N PRO B 182 -36.38 -16.06 -13.04
CA PRO B 182 -36.42 -17.36 -13.64
C PRO B 182 -36.52 -18.44 -12.61
N THR B 183 -37.25 -19.52 -12.99
CA THR B 183 -37.34 -20.72 -12.21
C THR B 183 -37.02 -21.86 -13.20
N ILE B 184 -35.75 -22.01 -13.61
CA ILE B 184 -35.37 -23.02 -14.61
C ILE B 184 -35.84 -24.40 -14.10
N PRO B 185 -36.46 -25.25 -14.97
CA PRO B 185 -37.06 -26.52 -14.49
C PRO B 185 -36.14 -27.51 -13.86
N THR B 186 -34.84 -27.51 -14.25
CA THR B 186 -33.87 -28.32 -13.61
C THR B 186 -33.26 -27.74 -12.29
N GLN B 187 -33.53 -26.48 -11.96
CA GLN B 187 -33.08 -25.93 -10.69
C GLN B 187 -34.10 -26.36 -9.63
N HIS B 188 -33.64 -26.44 -8.41
CA HIS B 188 -34.50 -26.92 -7.33
C HIS B 188 -35.72 -26.03 -7.06
N ILE B 189 -35.63 -24.71 -7.29
CA ILE B 189 -36.81 -23.80 -7.14
C ILE B 189 -37.88 -24.18 -8.14
N GLY B 190 -37.44 -24.50 -9.35
CA GLY B 190 -38.34 -24.98 -10.42
C GLY B 190 -38.93 -26.33 -10.13
N ILE B 191 -38.14 -27.30 -9.60
CA ILE B 191 -38.66 -28.65 -9.31
C ILE B 191 -39.74 -28.57 -8.21
N ILE B 192 -39.48 -27.74 -7.19
CA ILE B 192 -40.45 -27.56 -6.09
C ILE B 192 -41.72 -26.80 -6.47
N ARG B 193 -41.56 -25.77 -7.28
CA ARG B 193 -42.65 -25.00 -7.77
C ARG B 193 -43.60 -25.96 -8.51
N GLU B 194 -43.03 -26.88 -9.25
CA GLU B 194 -43.84 -27.83 -10.03
C GLU B 194 -44.57 -28.84 -9.10
N GLN B 195 -43.96 -29.17 -7.97
CA GLN B 195 -44.66 -29.95 -6.95
C GLN B 195 -45.88 -29.16 -6.43
N TRP B 196 -45.78 -27.84 -6.24
CA TRP B 196 -46.98 -27.04 -5.85
C TRP B 196 -48.05 -27.03 -7.03
N ARG B 197 -47.63 -26.84 -8.26
CA ARG B 197 -48.54 -26.78 -9.40
C ARG B 197 -49.34 -28.07 -9.50
N ARG B 198 -48.76 -29.19 -9.13
CA ARG B 198 -49.48 -30.46 -9.15
C ARG B 198 -50.58 -30.51 -8.08
N LEU B 199 -50.44 -29.72 -7.02
CA LEU B 199 -51.56 -29.51 -6.08
C LEU B 199 -52.48 -28.33 -6.49
N GLY B 200 -52.28 -27.77 -7.69
CA GLY B 200 -53.00 -26.59 -8.19
C GLY B 200 -52.80 -25.29 -7.44
N LYS B 201 -51.59 -25.11 -6.89
CA LYS B 201 -51.33 -24.07 -5.85
C LYS B 201 -50.05 -23.30 -6.17
N PRO B 202 -50.02 -21.97 -5.94
CA PRO B 202 -48.76 -21.27 -6.12
C PRO B 202 -47.77 -21.67 -5.02
N THR B 203 -46.49 -21.24 -5.15
CA THR B 203 -45.52 -21.71 -4.15
C THR B 203 -45.18 -20.68 -3.06
N PRO B 204 -45.39 -21.05 -1.75
CA PRO B 204 -45.08 -20.11 -0.61
C PRO B 204 -43.59 -19.89 -0.77
N TRP B 205 -43.14 -18.65 -0.52
CA TRP B 205 -41.78 -18.28 -0.87
C TRP B 205 -41.32 -17.12 0.02
N ALA B 206 -40.00 -17.05 0.19
CA ALA B 206 -39.36 -15.92 0.84
C ALA B 206 -38.00 -15.77 0.13
N MET B 207 -37.33 -14.60 0.27
CA MET B 207 -36.00 -14.44 -0.19
C MET B 207 -35.24 -13.79 0.99
N ALA B 208 -34.06 -14.31 1.22
CA ALA B 208 -33.17 -13.83 2.24
C ALA B 208 -31.99 -13.06 1.56
N LEU B 209 -31.83 -11.79 1.89
CA LEU B 209 -30.77 -10.99 1.34
C LEU B 209 -29.95 -10.42 2.48
N GLY B 210 -28.63 -10.39 2.30
CA GLY B 210 -27.75 -10.18 3.44
C GLY B 210 -27.89 -11.33 4.43
N ALA B 211 -27.98 -12.53 3.90
CA ALA B 211 -28.09 -13.79 4.66
C ALA B 211 -26.70 -14.18 5.24
N PRO B 212 -26.67 -15.17 6.16
CA PRO B 212 -25.41 -15.66 6.61
C PRO B 212 -24.57 -16.05 5.41
N PRO B 213 -23.33 -15.55 5.36
CA PRO B 213 -22.54 -15.85 4.15
C PRO B 213 -22.40 -17.31 3.75
N ALA B 214 -22.29 -18.24 4.75
CA ALA B 214 -22.11 -19.63 4.47
C ALA B 214 -23.39 -20.19 3.87
N ALA B 215 -24.53 -19.67 4.32
CA ALA B 215 -25.80 -19.95 3.77
C ALA B 215 -25.94 -19.47 2.31
N LEU B 216 -25.53 -18.27 2.04
CA LEU B 216 -25.58 -17.79 0.68
C LEU B 216 -24.76 -18.68 -0.24
N ALA B 217 -23.57 -19.00 0.16
CA ALA B 217 -22.70 -19.95 -0.57
C ALA B 217 -23.36 -21.30 -0.88
N ALA B 218 -23.94 -21.96 0.17
CA ALA B 218 -24.70 -23.18 0.00
C ALA B 218 -25.91 -23.06 -0.94
N ALA B 219 -26.62 -21.90 -0.80
CA ALA B 219 -27.74 -21.57 -1.64
C ALA B 219 -27.23 -21.49 -3.10
N GLY B 220 -25.96 -21.11 -3.32
CA GLY B 220 -25.41 -21.07 -4.72
C GLY B 220 -24.70 -22.37 -5.16
N MET B 221 -24.89 -23.44 -4.36
CA MET B 221 -24.21 -24.71 -4.56
C MET B 221 -25.19 -25.77 -5.05
N PRO B 222 -24.80 -26.52 -6.09
CA PRO B 222 -25.74 -27.50 -6.60
C PRO B 222 -25.66 -28.83 -5.82
N LEU B 223 -25.98 -28.76 -4.55
CA LEU B 223 -26.15 -29.99 -3.76
C LEU B 223 -27.21 -30.92 -4.44
N PRO B 224 -27.13 -32.21 -4.15
CA PRO B 224 -28.12 -33.09 -4.83
C PRO B 224 -29.57 -32.78 -4.45
N GLU B 225 -30.43 -33.24 -5.31
CA GLU B 225 -31.85 -33.11 -5.10
C GLU B 225 -32.26 -33.67 -3.71
N GLY B 226 -33.22 -33.02 -3.09
CA GLY B 226 -33.70 -33.46 -1.76
C GLY B 226 -32.81 -33.10 -0.56
N VAL B 227 -31.61 -32.51 -0.79
CA VAL B 227 -30.69 -32.22 0.30
C VAL B 227 -30.98 -30.80 0.72
N SER B 228 -31.27 -30.65 2.02
CA SER B 228 -31.65 -29.39 2.55
C SER B 228 -30.40 -28.56 2.84
N GLU B 229 -30.34 -27.38 2.20
CA GLU B 229 -29.13 -26.58 2.28
C GLU B 229 -28.83 -26.17 3.73
N ALA B 230 -29.91 -25.95 4.51
CA ALA B 230 -29.75 -25.47 5.86
C ALA B 230 -28.94 -26.46 6.70
N GLY B 231 -29.19 -27.75 6.53
CA GLY B 231 -28.49 -28.75 7.37
C GLY B 231 -27.03 -28.89 6.96
N TYR B 232 -26.81 -28.71 5.64
CA TYR B 232 -25.46 -28.68 5.06
C TYR B 232 -24.64 -27.52 5.61
N VAL B 233 -25.25 -26.37 5.66
CA VAL B 233 -24.63 -25.17 6.30
C VAL B 233 -24.27 -25.38 7.77
N GLY B 234 -25.22 -25.90 8.54
CA GLY B 234 -24.92 -26.31 9.91
C GLY B 234 -23.69 -27.25 9.98
N ALA B 235 -23.66 -28.29 9.19
CA ALA B 235 -22.54 -29.25 9.18
C ALA B 235 -21.27 -28.53 8.83
N LEU B 236 -21.33 -27.65 7.83
CA LEU B 236 -20.15 -26.94 7.40
C LEU B 236 -19.53 -26.02 8.49
N VAL B 237 -20.35 -25.28 9.20
CA VAL B 237 -19.84 -24.33 10.25
C VAL B 237 -19.78 -24.94 11.66
N GLY B 238 -20.40 -26.09 11.79
CA GLY B 238 -20.28 -26.93 12.99
C GLY B 238 -21.34 -26.59 14.02
N GLU B 239 -22.34 -25.78 13.63
CA GLU B 239 -23.45 -25.44 14.56
C GLU B 239 -24.69 -25.02 13.78
N PRO B 240 -25.86 -24.99 14.46
CA PRO B 240 -27.09 -24.62 13.80
C PRO B 240 -27.08 -23.21 13.25
N VAL B 241 -27.62 -23.08 12.06
CA VAL B 241 -28.08 -21.79 11.63
C VAL B 241 -29.37 -21.45 12.42
N GLU B 242 -29.39 -20.27 13.03
CA GLU B 242 -30.57 -19.80 13.80
C GLU B 242 -31.55 -19.21 12.84
N VAL B 243 -32.80 -19.56 13.01
CA VAL B 243 -33.82 -19.15 12.09
C VAL B 243 -35.07 -18.74 12.87
N VAL B 244 -35.82 -17.88 12.20
CA VAL B 244 -37.12 -17.46 12.59
C VAL B 244 -38.14 -17.75 11.51
N ARG B 245 -39.40 -17.81 11.91
CA ARG B 245 -40.54 -17.88 10.99
C ARG B 245 -40.80 -16.55 10.31
N THR B 246 -41.25 -16.60 9.06
CA THR B 246 -41.69 -15.44 8.34
C THR B 246 -43.00 -14.93 9.00
N GLN B 247 -43.38 -13.73 8.61
CA GLN B 247 -44.54 -13.06 9.19
C GLN B 247 -45.79 -13.78 8.79
N THR B 248 -45.86 -14.30 7.56
CA THR B 248 -47.13 -14.63 6.95
C THR B 248 -47.29 -16.01 6.30
N ASN B 249 -46.21 -16.78 6.11
CA ASN B 249 -46.34 -18.01 5.29
C ASN B 249 -45.65 -19.27 5.83
N GLY B 250 -45.16 -19.23 7.05
CA GLY B 250 -44.72 -20.49 7.66
C GLY B 250 -43.31 -20.96 7.39
N LEU B 251 -42.61 -20.31 6.45
CA LEU B 251 -41.22 -20.70 6.13
C LEU B 251 -40.24 -20.16 7.18
N TRP B 252 -39.13 -20.88 7.40
CA TRP B 252 -38.08 -20.45 8.35
C TRP B 252 -36.90 -19.79 7.60
N VAL B 253 -36.42 -18.66 8.10
CA VAL B 253 -35.39 -17.91 7.42
C VAL B 253 -34.36 -17.53 8.44
N PRO B 254 -33.11 -17.26 8.01
CA PRO B 254 -32.09 -16.93 9.03
C PRO B 254 -32.42 -15.70 9.81
N ALA B 255 -32.23 -15.83 11.12
CA ALA B 255 -32.65 -14.84 12.10
C ALA B 255 -31.93 -13.52 11.94
N ASN B 256 -30.69 -13.53 11.47
CA ASN B 256 -29.93 -12.28 11.39
C ASN B 256 -29.78 -11.75 9.94
N THR B 257 -30.61 -12.25 9.03
CA THR B 257 -30.69 -11.73 7.71
C THR B 257 -30.95 -10.20 7.65
N GLU B 258 -30.34 -9.50 6.69
CA GLU B 258 -30.60 -8.09 6.53
C GLU B 258 -32.01 -7.77 6.11
N ILE B 259 -32.52 -8.50 5.10
CA ILE B 259 -33.77 -8.26 4.50
C ILE B 259 -34.42 -9.58 4.12
N VAL B 260 -35.68 -9.77 4.51
CA VAL B 260 -36.47 -10.91 4.08
C VAL B 260 -37.70 -10.45 3.35
N LEU B 261 -37.89 -11.00 2.16
CA LEU B 261 -39.13 -10.85 1.41
C LEU B 261 -39.91 -12.08 1.53
N GLU B 262 -41.23 -11.94 1.32
CA GLU B 262 -42.17 -13.09 1.54
C GLU B 262 -43.43 -12.96 0.76
N GLY B 263 -43.92 -14.11 0.33
CA GLY B 263 -45.10 -14.08 -0.44
C GLY B 263 -45.30 -15.44 -1.07
N GLU B 264 -45.58 -15.34 -2.35
CA GLU B 264 -45.68 -16.53 -3.18
C GLU B 264 -45.24 -16.40 -4.64
N ILE B 265 -44.97 -17.54 -5.30
CA ILE B 265 -44.70 -17.56 -6.74
C ILE B 265 -45.98 -17.90 -7.48
N SER B 266 -46.41 -17.02 -8.36
CA SER B 266 -47.68 -17.18 -9.09
C SER B 266 -47.62 -18.38 -10.01
N LEU B 267 -48.74 -19.09 -10.06
CA LEU B 267 -48.89 -20.23 -10.95
C LEU B 267 -48.79 -19.84 -12.39
N ASP B 268 -49.44 -18.74 -12.76
CA ASP B 268 -49.55 -18.43 -14.19
C ASP B 268 -49.26 -17.02 -14.66
N GLU B 269 -49.10 -16.07 -13.75
CA GLU B 269 -48.85 -14.69 -14.11
C GLU B 269 -47.34 -14.55 -14.35
N THR B 270 -47.00 -13.73 -15.31
CA THR B 270 -45.60 -13.49 -15.68
C THR B 270 -45.42 -11.99 -16.01
N ALA B 271 -44.17 -11.50 -16.07
CA ALA B 271 -43.83 -10.15 -16.54
C ALA B 271 -42.58 -10.36 -17.40
N LEU B 272 -42.36 -9.49 -18.35
CA LEU B 272 -41.18 -9.56 -19.20
C LEU B 272 -40.03 -9.28 -18.34
N GLU B 273 -39.07 -10.23 -18.23
CA GLU B 273 -37.98 -10.05 -17.21
C GLU B 273 -36.65 -10.01 -17.92
N GLY B 274 -35.68 -9.36 -17.32
CA GLY B 274 -34.38 -9.16 -18.00
C GLY B 274 -34.57 -8.27 -19.26
N PRO B 275 -33.55 -8.25 -20.12
CA PRO B 275 -32.31 -8.99 -19.97
C PRO B 275 -31.43 -8.39 -18.84
N MET B 276 -30.44 -9.17 -18.41
CA MET B 276 -29.46 -8.72 -17.43
C MET B 276 -28.10 -9.19 -17.94
N GLY B 277 -27.09 -8.35 -17.66
CA GLY B 277 -25.69 -8.76 -17.82
C GLY B 277 -25.58 -10.01 -16.98
N GLU B 278 -25.01 -11.09 -17.55
CA GLU B 278 -24.98 -12.43 -16.89
C GLU B 278 -23.59 -13.07 -16.78
N TYR B 279 -23.56 -14.14 -16.02
CA TYR B 279 -22.39 -14.93 -15.71
C TYR B 279 -21.36 -15.14 -16.78
N HIS B 280 -21.84 -15.38 -17.99
CA HIS B 280 -20.99 -15.66 -19.09
C HIS B 280 -20.24 -14.47 -19.68
N GLY B 281 -20.55 -13.27 -19.19
CA GLY B 281 -19.93 -12.08 -19.63
C GLY B 281 -20.68 -11.16 -20.58
N TYR B 282 -21.85 -11.59 -21.01
CA TYR B 282 -22.62 -10.91 -22.00
C TYR B 282 -23.93 -10.32 -21.50
N SER B 283 -24.30 -9.23 -22.12
CA SER B 283 -25.65 -8.62 -22.02
C SER B 283 -26.41 -8.92 -23.33
N PHE B 284 -27.21 -9.96 -23.29
CA PHE B 284 -28.09 -10.29 -24.46
C PHE B 284 -29.22 -9.26 -24.57
N PRO B 285 -29.74 -9.01 -25.78
CA PRO B 285 -30.63 -7.84 -25.90
C PRO B 285 -32.10 -8.06 -25.50
N ILE B 286 -32.66 -9.26 -25.51
CA ILE B 286 -34.10 -9.36 -25.27
C ILE B 286 -34.44 -10.13 -24.09
N GLY B 287 -35.47 -9.67 -23.39
CA GLY B 287 -35.90 -10.31 -22.11
C GLY B 287 -36.84 -11.47 -22.42
N LYS B 288 -37.38 -12.14 -21.41
CA LYS B 288 -38.29 -13.26 -21.62
C LYS B 288 -39.35 -13.16 -20.54
N PRO B 289 -40.56 -13.67 -20.77
CA PRO B 289 -41.53 -13.79 -19.70
C PRO B 289 -41.10 -14.73 -18.59
N GLN B 290 -41.28 -14.26 -17.37
CA GLN B 290 -40.97 -15.01 -16.15
C GLN B 290 -41.99 -14.87 -15.05
N PRO B 291 -42.12 -15.86 -14.21
CA PRO B 291 -43.14 -15.76 -13.15
C PRO B 291 -43.01 -14.59 -12.21
N LEU B 292 -44.21 -14.13 -11.78
CA LEU B 292 -44.32 -13.14 -10.75
C LEU B 292 -44.14 -13.74 -9.40
N PHE B 293 -43.39 -12.98 -8.57
CA PHE B 293 -43.15 -13.35 -7.22
C PHE B 293 -43.86 -12.20 -6.38
N HIS B 294 -44.99 -12.52 -5.76
CA HIS B 294 -45.81 -11.54 -5.04
C HIS B 294 -45.21 -11.40 -3.65
N VAL B 295 -44.89 -10.19 -3.28
CA VAL B 295 -44.37 -9.89 -1.95
C VAL B 295 -45.52 -9.36 -1.04
N HIS B 296 -45.93 -10.22 -0.15
CA HIS B 296 -47.09 -10.02 0.72
C HIS B 296 -46.62 -9.22 1.90
N ALA B 297 -45.34 -9.41 2.31
CA ALA B 297 -44.75 -8.73 3.41
C ALA B 297 -43.24 -8.72 3.28
N LEU B 298 -42.57 -7.86 4.05
CA LEU B 298 -41.11 -7.90 4.20
C LEU B 298 -40.66 -7.40 5.56
N SER B 299 -39.43 -7.75 5.93
CA SER B 299 -38.88 -7.36 7.18
C SER B 299 -37.45 -7.04 7.00
N PHE B 300 -36.88 -6.11 7.80
CA PHE B 300 -35.49 -5.85 7.70
C PHE B 300 -34.89 -5.35 8.97
N ARG B 301 -33.61 -5.59 9.06
CA ARG B 301 -32.77 -4.99 10.10
C ARG B 301 -32.70 -3.50 9.95
N ASP B 302 -32.49 -2.78 11.08
CA ASP B 302 -32.26 -1.33 11.01
C ASP B 302 -31.02 -1.01 10.14
N GLN B 303 -31.09 0.05 9.31
CA GLN B 303 -30.04 0.39 8.37
C GLN B 303 -29.69 -0.83 7.48
N PRO B 304 -30.67 -1.37 6.79
CA PRO B 304 -30.38 -2.66 6.17
C PRO B 304 -29.33 -2.61 5.06
N ILE B 305 -28.47 -3.63 4.97
CA ILE B 305 -27.49 -3.71 3.89
C ILE B 305 -28.04 -4.67 2.79
N LEU B 306 -28.23 -4.14 1.61
CA LEU B 306 -28.51 -4.95 0.39
C LEU B 306 -27.18 -5.37 -0.34
N PRO B 307 -26.81 -6.67 -0.26
CA PRO B 307 -25.67 -7.08 -1.09
C PRO B 307 -26.15 -7.29 -2.57
N ILE B 308 -25.27 -7.00 -3.53
CA ILE B 308 -25.51 -7.14 -4.96
C ILE B 308 -24.43 -7.87 -5.68
N CYS B 309 -24.78 -8.51 -6.84
CA CYS B 309 -23.80 -9.04 -7.75
C CYS B 309 -24.03 -8.30 -9.06
N VAL B 310 -22.97 -7.65 -9.61
CA VAL B 310 -23.00 -6.98 -10.91
C VAL B 310 -22.40 -7.91 -11.93
N ALA B 311 -23.25 -8.77 -12.55
CA ALA B 311 -22.74 -9.88 -13.25
C ALA B 311 -22.08 -9.48 -14.56
N GLY B 312 -21.15 -10.32 -15.03
CA GLY B 312 -20.47 -10.09 -16.30
C GLY B 312 -19.16 -10.76 -16.44
N THR B 313 -18.18 -10.11 -17.12
CA THR B 313 -16.88 -10.69 -17.23
C THR B 313 -16.21 -10.97 -15.92
N PRO B 314 -15.42 -12.06 -15.87
CA PRO B 314 -14.87 -12.51 -14.62
C PRO B 314 -13.77 -11.62 -14.05
N PRO B 315 -13.53 -11.75 -12.79
CA PRO B 315 -14.23 -12.59 -11.78
C PRO B 315 -15.24 -11.81 -10.90
N GLU B 316 -16.43 -12.29 -10.92
CA GLU B 316 -17.52 -11.88 -10.04
C GLU B 316 -18.15 -13.15 -9.38
N GLU B 317 -19.26 -13.02 -8.63
CA GLU B 317 -19.70 -14.04 -7.74
C GLU B 317 -20.36 -15.21 -8.49
N ASN B 318 -20.73 -15.01 -9.72
CA ASN B 318 -21.11 -16.18 -10.54
C ASN B 318 -19.91 -17.07 -10.84
N HIS B 319 -18.72 -16.61 -10.56
CA HIS B 319 -17.50 -17.39 -10.77
C HIS B 319 -16.97 -17.78 -9.30
N THR B 320 -16.71 -16.75 -8.45
CA THR B 320 -16.13 -17.04 -7.15
C THR B 320 -17.11 -17.80 -6.26
N ILE B 321 -18.43 -17.56 -6.37
CA ILE B 321 -19.26 -18.38 -5.50
C ILE B 321 -19.74 -19.58 -6.34
N TRP B 322 -20.46 -19.29 -7.42
CA TRP B 322 -21.10 -20.39 -8.19
C TRP B 322 -20.09 -21.39 -8.72
N GLY B 323 -19.06 -20.90 -9.42
CA GLY B 323 -18.03 -21.78 -9.96
C GLY B 323 -17.39 -22.66 -8.92
N THR B 324 -16.95 -22.00 -7.78
CA THR B 324 -16.25 -22.69 -6.76
C THR B 324 -17.22 -23.79 -6.21
N MET B 325 -18.48 -23.46 -6.01
CA MET B 325 -19.40 -24.40 -5.36
C MET B 325 -19.68 -25.56 -6.28
N ILE B 326 -19.75 -25.27 -7.60
CA ILE B 326 -19.91 -26.34 -8.62
C ILE B 326 -18.66 -27.23 -8.64
N SER B 327 -17.49 -26.61 -8.52
CA SER B 327 -16.21 -27.32 -8.46
C SER B 327 -16.18 -28.41 -7.34
N ALA B 328 -16.59 -28.04 -6.14
CA ALA B 328 -16.56 -28.96 -5.04
C ALA B 328 -17.54 -30.14 -5.29
N GLN B 329 -18.73 -29.79 -5.67
CA GLN B 329 -19.73 -30.83 -5.97
C GLN B 329 -19.27 -31.73 -7.03
N LEU B 330 -18.66 -31.19 -8.08
CA LEU B 330 -18.23 -32.09 -9.19
C LEU B 330 -17.11 -33.02 -8.75
N LEU B 331 -16.24 -32.53 -7.85
CA LEU B 331 -15.13 -33.36 -7.32
C LEU B 331 -15.82 -34.57 -6.54
N ASP B 332 -16.86 -34.26 -5.81
CA ASP B 332 -17.53 -35.27 -5.01
C ASP B 332 -18.23 -36.29 -5.95
N VAL B 333 -18.91 -35.76 -6.93
CA VAL B 333 -19.58 -36.60 -7.95
C VAL B 333 -18.63 -37.55 -8.62
N ALA B 334 -17.52 -36.99 -9.09
CA ALA B 334 -16.56 -37.79 -9.84
C ALA B 334 -15.94 -38.79 -8.92
N GLN B 335 -15.46 -38.40 -7.71
CA GLN B 335 -14.86 -39.44 -6.85
C GLN B 335 -15.83 -40.55 -6.48
N ASN B 336 -17.09 -40.22 -6.22
CA ASN B 336 -18.05 -41.23 -5.73
C ASN B 336 -18.38 -42.18 -6.85
N ALA B 337 -18.26 -41.70 -8.09
CA ALA B 337 -18.51 -42.56 -9.29
C ALA B 337 -17.33 -43.48 -9.66
N GLY B 338 -16.24 -43.35 -8.92
CA GLY B 338 -15.03 -44.07 -9.13
C GLY B 338 -14.09 -43.49 -10.16
N LEU B 339 -14.38 -42.29 -10.70
CA LEU B 339 -13.45 -41.65 -11.58
C LEU B 339 -12.14 -41.24 -10.90
N PRO B 340 -11.01 -41.37 -11.65
CA PRO B 340 -9.69 -41.09 -11.00
C PRO B 340 -9.38 -39.57 -11.04
N VAL B 341 -10.16 -38.80 -10.30
CA VAL B 341 -10.10 -37.37 -10.32
C VAL B 341 -9.76 -36.91 -8.94
N ASP B 342 -8.74 -36.11 -8.83
CA ASP B 342 -8.29 -35.54 -7.54
C ASP B 342 -8.60 -34.10 -7.30
N MET B 343 -9.05 -33.36 -8.34
CA MET B 343 -9.49 -31.99 -8.20
C MET B 343 -10.35 -31.63 -9.39
N VAL B 344 -11.31 -30.71 -9.20
CA VAL B 344 -12.09 -30.09 -10.30
C VAL B 344 -12.10 -28.57 -10.10
N TRP B 345 -11.88 -27.79 -11.16
CA TRP B 345 -11.93 -26.39 -11.05
C TRP B 345 -12.55 -25.70 -12.22
N CYS B 346 -13.54 -24.86 -11.93
CA CYS B 346 -14.24 -24.11 -12.95
C CYS B 346 -13.53 -22.82 -13.08
N SER B 347 -12.50 -22.82 -13.90
CA SER B 347 -11.59 -21.64 -14.01
C SER B 347 -12.44 -20.38 -14.10
N TYR B 348 -12.20 -19.39 -13.23
CA TYR B 348 -13.02 -18.24 -13.31
C TYR B 348 -12.87 -17.46 -14.59
N GLU B 349 -11.73 -17.52 -15.22
CA GLU B 349 -11.43 -16.74 -16.45
C GLU B 349 -12.27 -17.27 -17.56
N ALA B 350 -12.77 -18.47 -17.38
CA ALA B 350 -13.64 -19.14 -18.39
C ALA B 350 -15.15 -18.95 -18.11
N ALA B 351 -15.43 -18.12 -17.14
CA ALA B 351 -16.76 -17.57 -16.88
C ALA B 351 -17.83 -18.70 -16.62
N THR B 352 -17.41 -19.72 -15.83
CA THR B 352 -18.22 -20.88 -15.48
C THR B 352 -18.73 -21.59 -16.76
N CYS B 353 -17.94 -21.55 -17.81
CA CYS B 353 -18.25 -22.22 -19.06
C CYS B 353 -17.39 -23.43 -19.25
N TRP B 354 -16.37 -23.62 -18.43
CA TRP B 354 -15.67 -24.92 -18.38
C TRP B 354 -15.30 -25.43 -17.03
N ALA B 355 -15.15 -26.73 -16.93
CA ALA B 355 -14.59 -27.34 -15.75
C ALA B 355 -13.35 -28.15 -16.10
N VAL B 356 -12.29 -27.96 -15.32
CA VAL B 356 -11.03 -28.68 -15.53
C VAL B 356 -10.92 -29.82 -14.54
N LEU B 357 -10.88 -31.04 -15.04
CA LEU B 357 -10.71 -32.20 -14.17
C LEU B 357 -9.26 -32.64 -14.11
N SER B 358 -8.72 -32.71 -12.90
CA SER B 358 -7.41 -33.20 -12.67
C SER B 358 -7.41 -34.66 -12.48
N ILE B 359 -6.62 -35.32 -13.33
CA ILE B 359 -6.68 -36.78 -13.39
C ILE B 359 -5.53 -37.42 -12.70
N ASP B 360 -5.82 -38.27 -11.73
CA ASP B 360 -4.78 -39.06 -11.04
C ASP B 360 -4.12 -40.10 -11.97
N VAL B 361 -2.97 -39.76 -12.48
CA VAL B 361 -2.14 -40.53 -13.31
C VAL B 361 -1.74 -41.88 -12.77
N GLN B 362 -1.70 -42.03 -11.48
CA GLN B 362 -1.37 -43.32 -10.86
C GLN B 362 -2.54 -44.34 -11.02
N ARG B 363 -3.76 -43.87 -11.33
CA ARG B 363 -4.99 -44.72 -11.40
C ARG B 363 -5.44 -45.05 -12.79
N LEU B 364 -4.90 -44.28 -13.75
CA LEU B 364 -5.44 -44.35 -15.05
C LEU B 364 -5.15 -45.66 -15.78
N ALA B 365 -3.96 -46.23 -15.61
CA ALA B 365 -3.57 -47.39 -16.32
C ALA B 365 -4.49 -48.58 -16.03
N ALA B 366 -4.84 -48.76 -14.76
CA ALA B 366 -5.71 -49.93 -14.39
C ALA B 366 -7.10 -49.94 -15.05
N LEU B 367 -7.56 -48.81 -15.58
CA LEU B 367 -8.82 -48.76 -16.32
C LEU B 367 -8.82 -49.50 -17.63
N GLY B 368 -7.63 -49.69 -18.25
CA GLY B 368 -7.46 -50.29 -19.51
C GLY B 368 -8.30 -49.65 -20.57
N THR B 369 -8.24 -48.34 -20.64
CA THR B 369 -9.12 -47.58 -21.50
C THR B 369 -8.32 -46.68 -22.46
N ASP B 370 -9.00 -45.76 -23.10
CA ASP B 370 -8.38 -44.82 -24.04
C ASP B 370 -9.12 -43.52 -24.01
N ALA B 371 -8.64 -42.51 -24.73
CA ALA B 371 -9.20 -41.15 -24.58
C ALA B 371 -10.68 -41.07 -24.92
N ALA B 372 -11.11 -41.74 -26.02
CA ALA B 372 -12.53 -41.66 -26.46
C ALA B 372 -13.46 -42.27 -25.49
N ALA B 373 -13.10 -43.43 -24.95
CA ALA B 373 -13.98 -44.16 -24.02
C ALA B 373 -14.05 -43.41 -22.69
N PHE B 374 -12.89 -42.92 -22.29
CA PHE B 374 -12.76 -42.14 -21.02
C PHE B 374 -13.55 -40.86 -21.08
N ALA B 375 -13.41 -40.11 -22.19
CA ALA B 375 -14.18 -38.90 -22.36
C ALA B 375 -15.71 -39.21 -22.30
N ALA B 376 -16.16 -40.31 -22.92
CA ALA B 376 -17.55 -40.59 -22.89
C ALA B 376 -18.07 -40.96 -21.45
N ARG B 377 -17.24 -41.66 -20.70
CA ARG B 377 -17.51 -42.10 -19.37
C ARG B 377 -17.62 -40.87 -18.48
N VAL B 378 -16.66 -39.94 -18.69
CA VAL B 378 -16.66 -38.72 -17.87
C VAL B 378 -17.84 -37.80 -18.21
N ALA B 379 -18.15 -37.67 -19.50
CA ALA B 379 -19.28 -36.85 -19.93
C ALA B 379 -20.59 -37.39 -19.32
N GLU B 380 -20.77 -38.71 -19.38
CA GLU B 380 -22.01 -39.30 -18.84
C GLU B 380 -22.19 -39.04 -17.34
N THR B 381 -21.15 -39.32 -16.54
CA THR B 381 -21.15 -39.09 -15.11
C THR B 381 -21.33 -37.61 -14.79
N VAL B 382 -20.54 -36.77 -15.43
CA VAL B 382 -20.48 -35.37 -15.00
C VAL B 382 -21.76 -34.59 -15.49
N PHE B 383 -22.16 -34.78 -16.77
CA PHE B 383 -23.22 -33.97 -17.38
C PHE B 383 -24.54 -34.50 -16.88
N GLY B 384 -24.58 -35.74 -16.48
CA GLY B 384 -25.75 -36.34 -15.83
C GLY B 384 -25.99 -35.91 -14.40
N SER B 385 -25.03 -35.32 -13.71
CA SER B 385 -25.28 -34.84 -12.38
C SER B 385 -25.92 -33.45 -12.35
N HIS B 386 -26.59 -33.10 -11.24
CA HIS B 386 -27.18 -31.77 -11.15
C HIS B 386 -26.10 -30.65 -11.34
N ALA B 387 -24.95 -30.85 -10.73
CA ALA B 387 -23.90 -29.82 -10.82
C ALA B 387 -23.30 -29.74 -12.22
N GLY B 388 -23.05 -30.90 -12.81
CA GLY B 388 -22.35 -30.97 -14.14
C GLY B 388 -23.23 -30.62 -15.34
N HIS B 389 -24.52 -30.68 -15.10
CA HIS B 389 -25.47 -30.17 -16.09
C HIS B 389 -25.24 -28.70 -16.42
N LEU B 390 -24.75 -27.91 -15.44
CA LEU B 390 -24.63 -26.56 -15.63
C LEU B 390 -23.41 -26.08 -16.44
N VAL B 391 -22.43 -26.94 -16.68
CA VAL B 391 -21.18 -26.53 -17.31
C VAL B 391 -21.02 -27.24 -18.60
N PRO B 392 -20.79 -26.50 -19.71
CA PRO B 392 -20.99 -27.34 -20.98
C PRO B 392 -19.69 -28.00 -21.48
N LYS B 393 -18.53 -27.48 -21.02
CA LYS B 393 -17.23 -27.92 -21.45
C LYS B 393 -16.39 -28.51 -20.32
N LEU B 394 -15.77 -29.65 -20.60
CA LEU B 394 -14.87 -30.28 -19.63
C LEU B 394 -13.52 -30.46 -20.26
N ILE B 395 -12.49 -30.15 -19.50
CA ILE B 395 -11.10 -30.39 -19.89
C ILE B 395 -10.50 -31.52 -18.99
N LEU B 396 -9.94 -32.62 -19.56
CA LEU B 396 -9.32 -33.74 -18.81
C LEU B 396 -7.79 -33.51 -18.91
N VAL B 397 -7.11 -33.38 -17.81
CA VAL B 397 -5.65 -33.19 -17.80
C VAL B 397 -5.00 -33.92 -16.66
N GLY B 398 -3.77 -34.41 -16.83
CA GLY B 398 -3.12 -35.20 -15.83
C GLY B 398 -2.76 -34.21 -14.66
N ASN B 399 -2.74 -34.79 -13.48
CA ASN B 399 -2.50 -34.07 -12.20
C ASN B 399 -1.13 -33.66 -11.99
N ASP B 400 -0.26 -33.75 -12.98
CA ASP B 400 1.00 -32.99 -12.86
C ASP B 400 0.83 -31.45 -12.88
N ILE B 401 -0.21 -30.95 -13.50
CA ILE B 401 -0.46 -29.54 -13.51
C ILE B 401 -1.43 -29.22 -12.38
N ASP B 402 -1.38 -27.95 -12.01
CA ASP B 402 -2.29 -27.39 -11.03
C ASP B 402 -3.45 -26.81 -11.80
N VAL B 403 -4.60 -27.50 -11.74
CA VAL B 403 -5.80 -27.08 -12.56
C VAL B 403 -6.46 -25.80 -12.09
N THR B 404 -6.01 -25.30 -10.93
CA THR B 404 -6.49 -24.01 -10.45
C THR B 404 -5.74 -22.80 -11.04
N GLU B 405 -4.65 -23.06 -11.78
CA GLU B 405 -3.85 -22.02 -12.43
C GLU B 405 -4.12 -22.04 -13.91
N ILE B 406 -4.78 -20.98 -14.39
CA ILE B 406 -5.13 -20.88 -15.77
C ILE B 406 -3.89 -20.98 -16.67
N ASP B 407 -2.75 -20.44 -16.23
CA ASP B 407 -1.56 -20.52 -17.10
C ASP B 407 -1.11 -21.98 -17.37
N GLN B 408 -1.29 -22.87 -16.41
CA GLN B 408 -0.91 -24.26 -16.54
C GLN B 408 -1.95 -24.95 -17.38
N VAL B 409 -3.21 -24.57 -17.18
CA VAL B 409 -4.25 -25.14 -18.00
C VAL B 409 -4.01 -24.82 -19.49
N VAL B 410 -3.69 -23.58 -19.79
CA VAL B 410 -3.44 -23.18 -21.17
C VAL B 410 -2.23 -23.91 -21.70
N TRP B 411 -1.12 -23.99 -20.93
CA TRP B 411 0.03 -24.81 -21.38
C TRP B 411 -0.45 -26.19 -21.83
N ALA B 412 -1.21 -26.88 -20.94
CA ALA B 412 -1.69 -28.22 -21.31
C ALA B 412 -2.57 -28.26 -22.51
N LEU B 413 -3.52 -27.35 -22.62
CA LEU B 413 -4.36 -27.26 -23.80
C LEU B 413 -3.55 -27.09 -25.04
N ALA B 414 -2.58 -26.18 -24.99
CA ALA B 414 -1.76 -25.86 -26.16
C ALA B 414 -0.87 -27.03 -26.57
N THR B 415 -0.28 -27.70 -25.59
CA THR B 415 0.81 -28.70 -25.86
C THR B 415 0.34 -30.18 -25.84
N ARG B 416 -0.87 -30.45 -25.34
CA ARG B 416 -1.28 -31.86 -25.22
C ARG B 416 -2.48 -32.24 -26.00
N ALA B 417 -3.39 -31.31 -26.30
CA ALA B 417 -4.54 -31.71 -27.05
C ALA B 417 -4.23 -31.75 -28.49
N HIS B 418 -4.42 -32.94 -29.06
CA HIS B 418 -4.18 -33.18 -30.48
C HIS B 418 -5.45 -32.84 -31.31
N PRO B 419 -5.31 -31.98 -32.33
CA PRO B 419 -6.44 -31.57 -33.18
C PRO B 419 -7.28 -32.71 -33.75
N LEU B 420 -6.67 -33.81 -34.10
CA LEU B 420 -7.37 -34.90 -34.79
C LEU B 420 -8.04 -35.88 -33.79
N HIS B 421 -7.62 -35.87 -32.55
CA HIS B 421 -7.94 -36.98 -31.57
C HIS B 421 -8.63 -36.62 -30.31
N ASP B 422 -8.43 -35.38 -29.88
CA ASP B 422 -8.83 -34.97 -28.54
C ASP B 422 -10.00 -33.96 -28.38
N HIS B 423 -10.81 -33.77 -29.42
CA HIS B 423 -11.97 -32.92 -29.35
C HIS B 423 -13.24 -33.75 -29.42
N PHE B 424 -13.84 -34.00 -28.26
CA PHE B 424 -15.01 -34.86 -28.18
C PHE B 424 -16.29 -34.11 -27.94
N ALA B 425 -17.03 -33.85 -29.01
CA ALA B 425 -18.34 -33.23 -28.88
C ALA B 425 -19.39 -34.30 -28.53
N PHE B 426 -20.37 -33.91 -27.70
CA PHE B 426 -21.45 -34.85 -27.24
C PHE B 426 -22.78 -34.20 -27.59
N PRO B 427 -23.12 -34.20 -28.90
CA PRO B 427 -24.28 -33.38 -29.36
C PRO B 427 -25.64 -34.00 -28.98
N GLN B 428 -25.67 -35.20 -28.39
CA GLN B 428 -26.92 -35.76 -27.82
C GLN B 428 -27.22 -35.44 -26.36
N ILE B 429 -26.27 -34.85 -25.62
CA ILE B 429 -26.49 -34.57 -24.19
C ILE B 429 -27.13 -33.18 -24.01
N ARG B 430 -28.22 -33.04 -23.23
CA ARG B 430 -29.00 -31.90 -23.21
C ARG B 430 -28.17 -30.75 -22.56
N ASP B 431 -28.39 -29.56 -23.11
CA ASP B 431 -27.67 -28.34 -22.59
C ASP B 431 -28.29 -27.65 -21.44
N PHE B 432 -27.44 -26.96 -20.67
CA PHE B 432 -27.88 -25.87 -19.94
C PHE B 432 -28.21 -24.70 -20.90
N PRO B 433 -29.39 -24.09 -20.71
CA PRO B 433 -29.89 -23.22 -21.75
C PRO B 433 -29.30 -21.85 -21.80
N MET B 434 -28.53 -21.47 -20.79
CA MET B 434 -27.93 -20.13 -20.85
C MET B 434 -26.57 -20.06 -21.61
N VAL B 435 -26.03 -21.21 -22.01
CA VAL B 435 -24.67 -21.28 -22.60
C VAL B 435 -24.62 -20.32 -23.76
N PRO B 436 -23.69 -19.38 -23.79
CA PRO B 436 -23.84 -18.25 -24.74
C PRO B 436 -23.69 -18.51 -26.24
N TYR B 437 -22.87 -19.51 -26.59
CA TYR B 437 -22.50 -19.86 -27.97
C TYR B 437 -23.56 -20.73 -28.65
N LEU B 438 -24.56 -21.06 -27.88
CA LEU B 438 -25.62 -21.90 -28.50
C LEU B 438 -26.29 -21.06 -29.65
N ASP B 439 -26.70 -21.76 -30.71
CA ASP B 439 -27.32 -21.18 -31.89
C ASP B 439 -28.79 -21.69 -31.97
N ALA B 440 -29.55 -21.19 -32.93
CA ALA B 440 -30.98 -21.54 -33.00
C ALA B 440 -31.19 -23.06 -33.14
N GLU B 441 -30.35 -23.77 -33.87
CA GLU B 441 -30.49 -25.24 -34.01
C GLU B 441 -30.30 -25.95 -32.66
N ASP B 442 -29.22 -25.61 -31.93
CA ASP B 442 -29.06 -26.15 -30.61
C ASP B 442 -30.30 -25.86 -29.74
N LYS B 443 -30.91 -24.68 -29.88
CA LYS B 443 -31.97 -24.28 -28.96
C LYS B 443 -33.21 -25.07 -29.30
N ALA B 444 -33.46 -25.27 -30.57
CA ALA B 444 -34.60 -26.11 -30.99
C ALA B 444 -34.43 -27.57 -30.54
N ARG B 445 -33.21 -28.08 -30.56
CA ARG B 445 -32.96 -29.49 -30.23
C ARG B 445 -32.84 -29.70 -28.70
N GLY B 446 -32.42 -28.68 -27.98
CA GLY B 446 -32.07 -28.85 -26.56
C GLY B 446 -30.74 -29.46 -26.24
N SER B 447 -29.89 -29.50 -27.23
CA SER B 447 -28.59 -30.17 -27.23
C SER B 447 -27.72 -29.69 -28.38
N GLY B 448 -26.40 -29.85 -28.21
CA GLY B 448 -25.37 -29.53 -29.25
C GLY B 448 -24.14 -28.76 -28.67
N GLY B 449 -24.30 -28.34 -27.46
CA GLY B 449 -23.26 -27.47 -26.84
C GLY B 449 -22.18 -28.23 -26.06
N ARG B 450 -22.32 -29.53 -25.79
CA ARG B 450 -21.44 -30.25 -24.84
C ARG B 450 -20.15 -30.71 -25.42
N LEU B 451 -19.05 -30.60 -24.69
CA LEU B 451 -17.72 -30.96 -25.18
C LEU B 451 -16.85 -31.47 -24.03
N VAL B 452 -16.05 -32.49 -24.38
CA VAL B 452 -14.89 -32.88 -23.61
C VAL B 452 -13.67 -32.64 -24.43
N ILE B 453 -12.72 -31.92 -23.84
CA ILE B 453 -11.43 -31.71 -24.45
C ILE B 453 -10.42 -32.56 -23.67
N ASN B 454 -9.77 -33.49 -24.34
CA ASN B 454 -8.81 -34.39 -23.68
C ASN B 454 -7.38 -33.89 -23.85
N CYS B 455 -6.66 -33.73 -22.71
CA CYS B 455 -5.27 -33.32 -22.62
C CYS B 455 -4.37 -34.44 -22.03
N LEU B 456 -4.91 -35.66 -21.94
CA LEU B 456 -4.14 -36.83 -21.57
C LEU B 456 -3.50 -37.44 -22.83
N TYR B 457 -2.17 -37.49 -22.86
CA TYR B 457 -1.47 -38.11 -23.97
C TYR B 457 -1.79 -39.62 -24.01
N PRO B 458 -1.78 -40.19 -25.20
CA PRO B 458 -2.27 -41.56 -25.32
C PRO B 458 -1.49 -42.52 -24.43
N GLU B 459 -0.20 -42.33 -24.27
CA GLU B 459 0.62 -43.22 -23.43
C GLU B 459 0.25 -43.13 -21.91
N GLN B 460 -0.46 -42.05 -21.48
CA GLN B 460 -0.92 -41.95 -20.08
C GLN B 460 -1.94 -43.02 -19.74
N PHE B 461 -2.66 -43.52 -20.73
CA PHE B 461 -3.58 -44.63 -20.48
C PHE B 461 -2.89 -45.98 -20.24
N ALA B 462 -1.57 -46.03 -20.45
CA ALA B 462 -0.71 -47.18 -20.10
C ALA B 462 0.25 -46.83 -18.97
N GLY B 463 -0.02 -45.74 -18.33
CA GLY B 463 0.82 -45.27 -17.21
C GLY B 463 2.14 -44.61 -17.52
N GLN B 464 2.36 -44.17 -18.75
CA GLN B 464 3.57 -43.63 -19.22
C GLN B 464 3.40 -42.12 -19.56
N MET B 465 4.54 -41.50 -19.91
CA MET B 465 4.52 -40.05 -20.22
C MET B 465 5.66 -39.79 -21.17
N ARG B 466 5.39 -39.14 -22.31
CA ARG B 466 6.41 -39.04 -23.34
C ARG B 466 7.64 -38.24 -22.97
N ALA B 467 7.50 -37.28 -22.03
CA ALA B 467 8.52 -36.36 -21.73
C ALA B 467 8.33 -35.79 -20.34
N ALA B 468 9.41 -35.53 -19.66
CA ALA B 468 9.41 -34.82 -18.42
C ALA B 468 9.11 -33.31 -18.65
N THR B 469 8.75 -32.60 -17.57
CA THR B 469 8.50 -31.20 -17.59
C THR B 469 9.79 -30.42 -17.29
N ALA B 470 10.06 -29.44 -18.16
CA ALA B 470 11.29 -28.65 -18.00
C ALA B 470 10.93 -27.41 -17.22
N SER B 471 10.91 -27.56 -15.91
CA SER B 471 10.59 -26.51 -14.92
C SER B 471 11.54 -26.58 -13.76
N PHE B 472 11.47 -25.60 -12.89
CA PHE B 472 12.27 -25.65 -11.67
C PHE B 472 11.99 -26.92 -10.82
N ARG B 473 10.69 -27.24 -10.69
CA ARG B 473 10.24 -28.36 -9.89
C ARG B 473 10.71 -29.68 -10.50
N HIS B 474 10.64 -29.79 -11.87
CA HIS B 474 10.84 -31.04 -12.55
C HIS B 474 12.12 -31.28 -13.27
N ALA B 475 13.02 -30.30 -13.37
CA ALA B 475 14.19 -30.45 -14.20
C ALA B 475 15.45 -30.47 -13.39
N TYR B 476 15.32 -30.53 -12.05
CA TYR B 476 16.44 -30.47 -11.08
C TYR B 476 16.17 -31.43 -9.91
N PRO B 477 17.22 -32.06 -9.42
CA PRO B 477 17.00 -33.06 -8.38
C PRO B 477 16.70 -32.37 -7.05
N THR B 478 16.11 -33.10 -6.13
CA THR B 478 15.52 -32.51 -4.97
C THR B 478 16.54 -31.72 -4.12
N ALA B 479 17.72 -32.26 -3.94
CA ALA B 479 18.71 -31.65 -3.03
C ALA B 479 19.14 -30.28 -3.61
N LEU B 480 19.21 -30.20 -4.95
CA LEU B 480 19.49 -28.90 -5.62
C LEU B 480 18.37 -27.89 -5.45
N ARG B 481 17.12 -28.31 -5.61
CA ARG B 481 16.01 -27.39 -5.39
C ARG B 481 16.04 -26.81 -3.96
N ARG B 482 16.35 -27.69 -2.99
CA ARG B 482 16.39 -27.27 -1.58
C ARG B 482 17.48 -26.26 -1.40
N ARG B 483 18.62 -26.55 -2.00
CA ARG B 483 19.78 -25.60 -1.91
C ARG B 483 19.35 -24.23 -2.47
N VAL B 484 18.72 -24.26 -3.64
CA VAL B 484 18.31 -23.00 -4.28
C VAL B 484 17.29 -22.21 -3.50
N GLU B 485 16.32 -22.93 -2.94
CA GLU B 485 15.31 -22.37 -2.07
C GLU B 485 15.96 -21.81 -0.79
N GLU B 486 16.90 -22.53 -0.21
CA GLU B 486 17.56 -22.07 1.01
C GLU B 486 18.45 -20.88 0.82
N ARG B 487 19.18 -20.84 -0.28
CA ARG B 487 20.12 -19.76 -0.51
C ARG B 487 19.57 -18.58 -1.29
N TRP B 488 18.31 -18.64 -1.72
CA TRP B 488 17.69 -17.62 -2.57
C TRP B 488 17.96 -16.20 -2.14
N SER B 489 17.53 -15.88 -0.92
CA SER B 489 17.75 -14.55 -0.34
C SER B 489 19.22 -14.22 -0.46
N ASP B 490 20.09 -15.12 0.01
CA ASP B 490 21.53 -14.95 0.03
C ASP B 490 22.24 -14.78 -1.31
N TYR B 491 21.70 -15.37 -2.41
CA TYR B 491 22.19 -15.08 -3.75
C TYR B 491 22.05 -13.61 -4.08
N GLY B 492 21.12 -12.93 -3.42
CA GLY B 492 20.89 -11.48 -3.65
C GLY B 492 19.48 -11.13 -4.04
N PHE B 493 18.65 -12.17 -4.24
CA PHE B 493 17.28 -11.99 -4.64
C PHE B 493 16.36 -11.45 -3.56
N GLY B 494 16.67 -11.62 -2.29
CA GLY B 494 15.63 -11.40 -1.22
C GLY B 494 14.24 -12.09 -1.40
N ASP B 495 13.23 -11.30 -1.79
CA ASP B 495 11.82 -11.68 -1.79
C ASP B 495 11.31 -12.07 -3.18
N ALA B 496 12.12 -11.73 -4.19
CA ALA B 496 11.76 -11.77 -5.63
C ALA B 496 11.49 -13.19 -6.13
N MET C 1 19.41 3.88 -22.87
CA MET C 1 18.24 3.08 -23.43
C MET C 1 18.48 2.77 -24.91
N ASN C 2 18.83 3.77 -25.73
CA ASN C 2 19.19 3.41 -27.08
C ASN C 2 20.51 2.61 -27.16
N ARG C 3 21.49 2.99 -26.34
CA ARG C 3 22.75 2.30 -26.36
C ARG C 3 22.56 0.83 -25.98
N SER C 4 21.55 0.50 -25.16
CA SER C 4 21.31 -0.88 -24.68
C SER C 4 20.93 -1.75 -25.82
N ALA C 5 20.27 -1.18 -26.79
CA ALA C 5 19.90 -1.98 -27.98
C ALA C 5 21.10 -2.49 -28.76
N LEU C 6 22.17 -1.71 -28.75
CA LEU C 6 23.30 -1.92 -29.63
C LEU C 6 24.54 -2.48 -28.91
N ASP C 7 24.52 -2.62 -27.58
CA ASP C 7 25.70 -2.96 -26.80
C ASP C 7 25.28 -3.81 -25.62
N PHE C 8 25.57 -5.12 -25.71
CA PHE C 8 25.20 -6.06 -24.62
C PHE C 8 25.69 -5.66 -23.20
N ARG C 9 26.95 -5.24 -23.09
CA ARG C 9 27.46 -4.85 -21.79
C ARG C 9 26.75 -3.65 -21.22
N HIS C 10 26.38 -2.69 -22.07
CA HIS C 10 25.69 -1.53 -21.63
C HIS C 10 24.26 -1.94 -21.21
N PHE C 11 23.57 -2.79 -21.99
CA PHE C 11 22.30 -3.34 -21.60
C PHE C 11 22.28 -3.93 -20.18
N VAL C 12 23.31 -4.66 -19.79
CA VAL C 12 23.47 -5.27 -18.48
C VAL C 12 23.60 -4.15 -17.44
N ASP C 13 24.38 -3.18 -17.80
CA ASP C 13 24.58 -2.03 -16.89
C ASP C 13 23.26 -1.29 -16.68
N HIS C 14 22.44 -1.24 -17.72
CA HIS C 14 21.21 -0.53 -17.68
C HIS C 14 20.16 -1.29 -16.86
N LEU C 15 20.13 -2.60 -17.07
CA LEU C 15 19.27 -3.47 -16.28
C LEU C 15 19.55 -3.24 -14.81
N ARG C 16 20.80 -3.07 -14.44
CA ARG C 16 21.13 -2.88 -13.03
C ARG C 16 20.68 -1.50 -12.51
N ARG C 17 20.82 -0.50 -13.33
CA ARG C 17 20.32 0.82 -13.02
C ARG C 17 18.84 0.89 -12.81
N GLN C 18 18.08 0.08 -13.56
CA GLN C 18 16.62 -0.08 -13.46
C GLN C 18 16.16 -0.85 -12.21
N GLY C 19 17.09 -1.47 -11.45
CA GLY C 19 16.74 -2.37 -10.35
C GLY C 19 16.32 -3.75 -10.86
N ASP C 20 16.67 -4.07 -12.15
CA ASP C 20 16.27 -5.37 -12.76
C ASP C 20 17.43 -6.36 -12.84
N LEU C 21 18.51 -6.16 -12.08
CA LEU C 21 19.58 -7.14 -12.13
C LEU C 21 20.04 -7.49 -10.75
N VAL C 22 20.30 -8.74 -10.51
CA VAL C 22 20.95 -9.14 -9.26
C VAL C 22 22.36 -9.63 -9.54
N ASP C 23 23.38 -9.04 -8.88
CA ASP C 23 24.73 -9.51 -8.97
C ASP C 23 24.94 -10.66 -7.97
N VAL C 24 25.20 -11.85 -8.48
CA VAL C 24 25.36 -13.05 -7.64
C VAL C 24 26.86 -13.23 -7.43
N HIS C 25 27.32 -12.88 -6.22
CA HIS C 25 28.73 -13.08 -5.86
C HIS C 25 29.02 -14.39 -5.17
N THR C 26 27.98 -15.05 -4.62
CA THR C 26 28.07 -16.42 -4.08
C THR C 26 28.66 -17.33 -5.17
N GLU C 27 29.53 -18.26 -4.79
CA GLU C 27 30.03 -19.19 -5.77
C GLU C 27 28.88 -20.10 -6.18
N VAL C 28 28.76 -20.29 -7.49
CA VAL C 28 27.79 -21.24 -8.06
C VAL C 28 28.42 -22.22 -9.01
N ASP C 29 27.67 -23.31 -9.26
CA ASP C 29 28.14 -24.40 -10.09
C ASP C 29 27.36 -24.33 -11.41
N ALA C 30 28.09 -24.36 -12.53
CA ALA C 30 27.50 -24.30 -13.83
C ALA C 30 26.89 -25.68 -14.15
N ASN C 31 27.27 -26.68 -13.35
CA ASN C 31 26.62 -27.96 -13.32
C ASN C 31 25.28 -27.88 -12.54
N LEU C 32 24.21 -27.66 -13.33
CA LEU C 32 22.81 -27.54 -12.83
C LEU C 32 22.46 -26.35 -11.97
N GLU C 33 23.34 -25.86 -11.07
CA GLU C 33 22.86 -24.85 -10.14
C GLU C 33 22.51 -23.54 -10.86
N ILE C 34 23.38 -23.05 -11.77
CA ILE C 34 23.03 -21.82 -12.57
C ILE C 34 21.65 -21.99 -13.24
N GLY C 35 21.49 -23.10 -13.85
CA GLY C 35 20.26 -23.41 -14.58
C GLY C 35 19.03 -23.42 -13.66
N ALA C 36 19.11 -24.08 -12.51
CA ALA C 36 18.07 -24.07 -11.51
C ALA C 36 17.68 -22.67 -11.02
N ILE C 37 18.67 -21.93 -10.56
CA ILE C 37 18.44 -20.61 -10.16
C ILE C 37 17.73 -19.81 -11.23
N THR C 38 18.27 -19.85 -12.42
CA THR C 38 17.69 -19.16 -13.56
C THR C 38 16.26 -19.65 -13.89
N ARG C 39 15.99 -20.96 -13.84
CA ARG C 39 14.56 -21.38 -14.04
C ARG C 39 13.68 -20.72 -13.07
N ARG C 40 14.13 -20.68 -11.82
CA ARG C 40 13.31 -20.08 -10.78
C ARG C 40 13.11 -18.57 -10.97
N VAL C 41 14.15 -17.90 -11.45
CA VAL C 41 14.01 -16.51 -11.88
C VAL C 41 12.88 -16.36 -12.90
N TYR C 42 12.80 -17.19 -13.94
CA TYR C 42 11.74 -16.99 -14.90
C TYR C 42 10.35 -17.15 -14.29
N GLU C 43 10.20 -18.18 -13.50
CA GLU C 43 8.96 -18.60 -12.85
C GLU C 43 8.47 -17.61 -11.81
N ARG C 44 9.37 -17.02 -11.00
CA ARG C 44 9.05 -15.97 -10.05
C ARG C 44 9.05 -14.56 -10.68
N ARG C 45 9.50 -14.43 -11.92
CA ARG C 45 9.49 -13.20 -12.67
C ARG C 45 10.38 -12.27 -11.84
N ALA C 46 11.53 -12.82 -11.44
CA ALA C 46 12.56 -12.12 -10.61
C ALA C 46 13.59 -11.37 -11.52
N PRO C 47 14.40 -10.46 -10.91
CA PRO C 47 15.39 -9.71 -11.73
C PRO C 47 16.36 -10.71 -12.35
N ALA C 48 17.01 -10.30 -13.44
CA ALA C 48 18.01 -11.18 -14.11
C ALA C 48 19.25 -11.36 -13.27
N PRO C 49 19.77 -12.58 -13.07
CA PRO C 49 21.05 -12.79 -12.36
C PRO C 49 22.28 -12.73 -13.23
N LEU C 50 23.25 -11.95 -12.73
CA LEU C 50 24.58 -11.94 -13.30
C LEU C 50 25.47 -12.71 -12.37
N PHE C 51 25.99 -13.84 -12.81
CA PHE C 51 26.80 -14.71 -11.95
C PHE C 51 28.28 -14.37 -12.15
N HIS C 52 28.95 -13.98 -11.07
CA HIS C 52 30.33 -13.49 -11.10
C HIS C 52 31.37 -14.49 -10.66
N ASN C 53 30.92 -15.47 -9.94
CA ASN C 53 31.72 -16.43 -9.22
C ASN C 53 31.27 -17.86 -9.56
N ILE C 54 31.93 -18.49 -10.50
CA ILE C 54 31.45 -19.78 -11.03
C ILE C 54 32.57 -20.75 -10.92
N ARG C 55 32.38 -21.84 -10.19
CA ARG C 55 33.37 -22.95 -10.10
C ARG C 55 34.06 -23.30 -11.41
N ASP C 56 35.38 -23.47 -11.38
CA ASP C 56 36.13 -24.06 -12.50
C ASP C 56 35.92 -23.34 -13.81
N SER C 57 35.88 -22.03 -13.76
CA SER C 57 35.62 -21.25 -14.95
C SER C 57 36.74 -20.22 -15.18
N LEU C 58 36.96 -19.88 -16.44
CA LEU C 58 37.91 -18.84 -16.84
C LEU C 58 37.82 -17.59 -15.98
N PRO C 59 38.93 -17.19 -15.30
CA PRO C 59 38.79 -16.05 -14.37
C PRO C 59 38.28 -14.79 -15.05
N GLY C 60 37.38 -14.06 -14.36
CA GLY C 60 36.66 -12.90 -14.90
C GLY C 60 35.39 -13.21 -15.73
N ALA C 61 35.28 -14.41 -16.24
CA ALA C 61 34.06 -14.78 -17.01
C ALA C 61 32.81 -14.75 -16.14
N ARG C 62 31.69 -14.37 -16.78
CA ARG C 62 30.43 -14.18 -16.08
C ARG C 62 29.35 -14.89 -16.89
N VAL C 63 28.22 -15.14 -16.26
CA VAL C 63 26.99 -15.69 -16.94
C VAL C 63 25.80 -14.78 -16.61
N LEU C 64 25.07 -14.38 -17.63
CA LEU C 64 23.79 -13.65 -17.49
C LEU C 64 22.62 -14.63 -17.70
N GLY C 65 21.78 -14.80 -16.66
CA GLY C 65 20.60 -15.63 -16.82
C GLY C 65 19.36 -14.78 -17.12
N ALA C 66 18.36 -15.34 -17.81
CA ALA C 66 17.05 -14.69 -18.02
C ALA C 66 17.19 -13.30 -18.70
N PRO C 67 17.98 -13.25 -19.80
CA PRO C 67 18.24 -11.94 -20.43
C PRO C 67 16.95 -11.27 -20.91
N ALA C 68 15.91 -12.05 -21.29
CA ALA C 68 14.64 -11.45 -21.56
C ALA C 68 13.50 -12.10 -20.75
N GLY C 69 13.76 -12.51 -19.50
CA GLY C 69 12.68 -12.96 -18.63
C GLY C 69 11.73 -11.81 -18.38
N LEU C 70 10.55 -12.11 -17.82
CA LEU C 70 9.55 -11.11 -17.44
C LEU C 70 9.69 -10.70 -15.99
N ARG C 71 9.06 -9.57 -15.66
CA ARG C 71 9.21 -9.03 -14.31
C ARG C 71 7.87 -9.13 -13.58
N ALA C 72 7.90 -9.25 -12.24
CA ALA C 72 6.66 -9.47 -11.48
C ALA C 72 5.76 -8.21 -11.43
N ASP C 73 6.39 -7.05 -11.45
CA ASP C 73 5.68 -5.76 -11.51
C ASP C 73 4.96 -5.67 -12.86
N ARG C 74 3.64 -5.74 -12.81
CA ARG C 74 2.83 -5.86 -14.01
C ARG C 74 2.97 -4.67 -14.95
N ALA C 75 3.17 -3.49 -14.42
CA ALA C 75 3.34 -2.25 -15.18
C ALA C 75 4.69 -2.21 -15.96
N ARG C 76 5.62 -3.02 -15.52
CA ARG C 76 6.93 -3.07 -16.15
C ARG C 76 7.28 -4.48 -16.59
N ALA C 77 6.30 -5.33 -16.80
CA ALA C 77 6.51 -6.79 -16.97
C ALA C 77 7.39 -7.13 -18.15
N HIS C 78 7.30 -6.35 -19.21
CA HIS C 78 8.11 -6.58 -20.42
C HIS C 78 9.29 -5.67 -20.55
N SER C 79 9.76 -4.98 -19.47
CA SER C 79 10.83 -4.04 -19.69
C SER C 79 12.16 -4.62 -20.22
N ARG C 80 12.49 -5.88 -19.89
CA ARG C 80 13.76 -6.45 -20.17
C ARG C 80 13.75 -6.85 -21.61
N LEU C 81 12.59 -7.36 -22.03
CA LEU C 81 12.42 -7.63 -23.44
C LEU C 81 12.45 -6.31 -24.21
N ALA C 82 11.73 -5.32 -23.70
CA ALA C 82 11.60 -4.00 -24.41
C ALA C 82 12.98 -3.33 -24.57
N LEU C 83 13.83 -3.52 -23.56
CA LEU C 83 15.21 -2.91 -23.63
C LEU C 83 16.01 -3.46 -24.78
N HIS C 84 15.74 -4.69 -25.21
CA HIS C 84 16.42 -5.18 -26.34
C HIS C 84 16.27 -4.25 -27.54
N PHE C 85 15.21 -3.47 -27.58
CA PHE C 85 14.89 -2.62 -28.74
C PHE C 85 15.08 -1.17 -28.42
N GLY C 86 15.64 -0.90 -27.25
CA GLY C 86 15.77 0.44 -26.75
C GLY C 86 14.45 1.08 -26.37
N LEU C 87 13.44 0.28 -26.00
CA LEU C 87 12.15 0.84 -25.65
C LEU C 87 12.08 0.91 -24.11
N PRO C 88 11.29 1.84 -23.58
CA PRO C 88 11.20 2.06 -22.14
C PRO C 88 10.42 0.99 -21.37
N GLU C 89 10.52 1.11 -20.06
CA GLU C 89 10.10 0.13 -19.10
C GLU C 89 8.62 -0.28 -19.15
N HIS C 90 7.75 0.64 -19.48
CA HIS C 90 6.27 0.36 -19.55
C HIS C 90 5.81 -0.17 -20.93
N SER C 91 6.71 -0.37 -21.86
CA SER C 91 6.33 -0.78 -23.19
C SER C 91 5.75 -2.16 -23.11
N GLY C 92 4.78 -2.41 -23.96
CA GLY C 92 4.13 -3.75 -24.03
C GLY C 92 4.25 -4.43 -25.35
N PRO C 93 3.61 -5.61 -25.43
CA PRO C 93 3.56 -6.30 -26.67
C PRO C 93 3.22 -5.48 -27.91
N ARG C 94 2.18 -4.66 -27.82
CA ARG C 94 1.71 -3.91 -28.99
C ARG C 94 2.74 -2.90 -29.37
N ASP C 95 3.38 -2.29 -28.39
CA ASP C 95 4.36 -1.26 -28.68
C ASP C 95 5.56 -1.89 -29.43
N ILE C 96 5.93 -3.12 -29.04
CA ILE C 96 7.11 -3.78 -29.61
C ILE C 96 6.74 -4.21 -31.00
N VAL C 97 5.55 -4.80 -31.13
CA VAL C 97 5.16 -5.31 -32.46
C VAL C 97 5.12 -4.07 -33.41
N ALA C 98 4.52 -2.94 -32.95
CA ALA C 98 4.40 -1.72 -33.84
C ALA C 98 5.81 -1.30 -34.31
N MET C 99 6.79 -1.35 -33.40
CA MET C 99 8.13 -0.87 -33.71
C MET C 99 8.81 -1.84 -34.67
N LEU C 100 8.62 -3.13 -34.46
CA LEU C 100 9.20 -4.13 -35.36
C LEU C 100 8.62 -4.04 -36.75
N ARG C 101 7.35 -3.73 -36.83
CA ARG C 101 6.68 -3.55 -38.14
C ARG C 101 7.11 -2.30 -38.86
N ALA C 102 7.30 -1.22 -38.15
CA ALA C 102 7.85 0.00 -38.74
C ALA C 102 9.22 -0.28 -39.40
N ALA C 103 10.04 -1.07 -38.72
CA ALA C 103 11.36 -1.44 -39.24
C ALA C 103 11.29 -2.27 -40.50
N MET C 104 10.21 -3.06 -40.70
CA MET C 104 10.14 -3.85 -41.92
C MET C 104 9.93 -2.93 -43.12
N ARG C 105 9.22 -1.82 -42.92
CA ARG C 105 8.93 -0.82 -43.96
C ARG C 105 10.12 0.11 -44.24
N ALA C 106 11.03 0.22 -43.28
CA ALA C 106 12.10 1.19 -43.39
C ALA C 106 13.15 0.58 -44.34
N GLU C 107 13.85 1.44 -45.09
CA GLU C 107 15.04 0.95 -45.82
C GLU C 107 16.09 0.34 -44.85
N PRO C 108 16.65 -0.80 -45.22
CA PRO C 108 17.71 -1.40 -44.43
C PRO C 108 18.89 -0.46 -44.30
N ILE C 109 19.60 -0.53 -43.19
CA ILE C 109 20.77 0.25 -42.96
C ILE C 109 21.93 -0.77 -42.78
N ALA C 110 22.94 -0.71 -43.65
CA ALA C 110 23.94 -1.76 -43.75
C ALA C 110 24.89 -1.66 -42.61
N PRO C 111 25.54 -2.78 -42.18
CA PRO C 111 26.50 -2.65 -41.06
C PRO C 111 27.72 -1.76 -41.39
N ARG C 112 28.18 -0.99 -40.40
CA ARG C 112 29.38 -0.20 -40.59
C ARG C 112 30.61 -1.09 -40.25
N ARG C 113 31.47 -1.27 -41.24
CA ARG C 113 32.61 -2.17 -41.17
C ARG C 113 33.73 -1.44 -40.52
N LEU C 114 34.22 -1.99 -39.40
CA LEU C 114 35.34 -1.45 -38.64
C LEU C 114 36.52 -2.41 -38.67
N GLU C 115 37.68 -1.83 -38.34
CA GLU C 115 38.92 -2.57 -38.31
C GLU C 115 39.01 -3.30 -37.00
N ARG C 116 38.48 -2.69 -35.95
CA ARG C 116 38.75 -3.15 -34.59
C ARG C 116 37.49 -3.05 -33.68
N GLY C 117 37.44 -3.88 -32.66
CA GLY C 117 36.43 -3.71 -31.62
C GLY C 117 36.67 -4.58 -30.42
N PRO C 118 35.88 -4.37 -29.36
CA PRO C 118 36.14 -5.03 -28.06
C PRO C 118 36.18 -6.54 -28.10
N VAL C 119 35.44 -7.14 -29.03
CA VAL C 119 35.35 -8.58 -29.16
C VAL C 119 36.67 -9.28 -29.51
N GLN C 120 37.62 -8.44 -29.93
CA GLN C 120 38.99 -8.87 -30.22
C GLN C 120 39.97 -8.72 -29.08
N GLU C 121 39.52 -8.39 -27.89
CA GLU C 121 40.45 -8.09 -26.79
C GLU C 121 41.21 -9.37 -26.40
N ASN C 122 40.63 -10.54 -26.67
CA ASN C 122 41.28 -11.84 -26.45
C ASN C 122 41.01 -12.72 -27.65
N VAL C 123 42.07 -13.40 -28.14
CA VAL C 123 41.97 -14.30 -29.31
C VAL C 123 42.61 -15.65 -29.07
N TRP C 124 41.84 -16.71 -29.33
CA TRP C 124 42.37 -18.05 -29.28
C TRP C 124 42.29 -18.68 -30.63
N LEU C 125 43.46 -19.11 -31.18
CA LEU C 125 43.50 -19.82 -32.50
C LEU C 125 43.87 -21.26 -32.39
N GLY C 126 43.21 -22.10 -33.21
CA GLY C 126 43.55 -23.52 -33.39
C GLY C 126 43.71 -24.26 -32.08
N GLU C 127 44.90 -24.83 -31.87
CA GLU C 127 45.28 -25.48 -30.60
C GLU C 127 44.88 -24.72 -29.37
N GLN C 128 44.89 -23.39 -29.41
CA GLN C 128 44.56 -22.59 -28.22
C GLN C 128 43.03 -22.64 -27.88
N VAL C 129 42.19 -23.16 -28.77
CA VAL C 129 40.74 -23.08 -28.56
C VAL C 129 40.46 -24.11 -27.47
N ASP C 130 39.95 -23.67 -26.31
CA ASP C 130 39.42 -24.62 -25.31
C ASP C 130 38.08 -24.13 -24.71
N LEU C 131 37.00 -24.53 -25.38
CA LEU C 131 35.60 -24.18 -24.98
C LEU C 131 35.25 -24.54 -23.56
N THR C 132 35.88 -25.61 -23.04
CA THR C 132 35.60 -26.07 -21.70
C THR C 132 36.13 -25.11 -20.59
N ARG C 133 37.00 -24.17 -20.93
CA ARG C 133 37.41 -23.21 -19.93
C ARG C 133 36.31 -22.22 -19.59
N PHE C 134 35.37 -21.99 -20.52
CA PHE C 134 34.23 -21.11 -20.21
C PHE C 134 33.27 -21.84 -19.19
N PRO C 135 32.37 -21.07 -18.55
CA PRO C 135 31.34 -21.60 -17.60
C PRO C 135 30.16 -22.20 -18.36
N VAL C 136 30.48 -23.24 -19.11
CA VAL C 136 29.53 -23.90 -19.95
C VAL C 136 28.56 -24.74 -19.10
N PRO C 137 27.27 -24.38 -19.10
CA PRO C 137 26.35 -25.02 -18.16
C PRO C 137 25.68 -26.31 -18.56
N LEU C 138 25.41 -27.19 -17.57
CA LEU C 138 24.45 -28.30 -17.81
C LEU C 138 23.15 -27.67 -17.29
N LEU C 139 22.23 -27.40 -18.21
CA LEU C 139 21.10 -26.49 -17.98
C LEU C 139 19.89 -27.12 -17.26
N HIS C 140 19.77 -28.41 -17.43
CA HIS C 140 18.68 -29.25 -16.92
C HIS C 140 19.24 -30.66 -16.65
N GLU C 141 18.65 -31.29 -15.64
CA GLU C 141 19.20 -32.53 -15.07
C GLU C 141 19.33 -33.63 -16.14
N GLN C 142 18.34 -33.77 -17.00
CA GLN C 142 18.36 -34.80 -17.97
C GLN C 142 18.88 -34.40 -19.36
N ASP C 143 19.61 -33.31 -19.50
CA ASP C 143 20.08 -32.88 -20.80
C ASP C 143 21.19 -33.79 -21.24
N GLY C 144 21.36 -33.99 -22.57
CA GLY C 144 22.41 -34.87 -23.10
C GLY C 144 23.82 -34.36 -23.05
N GLY C 145 23.95 -33.07 -22.78
CA GLY C 145 25.21 -32.36 -22.82
C GLY C 145 25.09 -30.99 -22.22
N ARG C 146 26.22 -30.37 -21.96
CA ARG C 146 26.30 -28.96 -21.68
C ARG C 146 26.13 -28.16 -22.98
N TYR C 147 25.43 -27.03 -22.87
CA TYR C 147 25.19 -26.13 -23.98
C TYR C 147 26.02 -24.84 -23.86
N PHE C 148 26.88 -24.60 -24.85
CA PHE C 148 27.58 -23.36 -24.98
C PHE C 148 26.70 -22.21 -25.50
N GLY C 149 25.86 -22.50 -26.51
CA GLY C 149 24.98 -21.54 -27.16
C GLY C 149 23.52 -21.81 -26.98
N THR C 150 22.93 -21.07 -26.06
CA THR C 150 21.46 -21.02 -25.83
C THR C 150 20.96 -19.61 -26.08
N TYR C 151 21.85 -18.61 -26.19
CA TYR C 151 21.41 -17.21 -26.44
C TYR C 151 22.39 -16.52 -27.37
N GLY C 152 22.77 -17.23 -28.41
CA GLY C 152 23.60 -16.66 -29.45
C GLY C 152 23.11 -16.93 -30.80
N PHE C 153 23.69 -16.24 -31.78
CA PHE C 153 23.29 -16.41 -33.09
C PHE C 153 24.41 -16.86 -34.00
N HIS C 154 24.00 -17.80 -34.83
CA HIS C 154 24.75 -18.24 -36.02
C HIS C 154 24.81 -17.14 -37.07
N VAL C 155 25.99 -17.04 -37.65
CA VAL C 155 26.28 -16.09 -38.72
C VAL C 155 26.84 -16.93 -39.89
N VAL C 156 26.16 -16.87 -41.00
CA VAL C 156 26.62 -17.50 -42.23
C VAL C 156 26.29 -16.55 -43.38
N GLN C 157 26.75 -16.90 -44.58
CA GLN C 157 26.55 -16.08 -45.74
C GLN C 157 26.39 -16.98 -46.98
N THR C 158 25.51 -16.60 -47.88
CA THR C 158 25.36 -17.38 -49.15
C THR C 158 26.72 -17.46 -49.88
N PRO C 159 26.99 -18.57 -50.60
CA PRO C 159 28.16 -18.56 -51.51
C PRO C 159 28.33 -17.27 -52.35
N ASP C 160 27.24 -16.65 -52.84
CA ASP C 160 27.33 -15.45 -53.75
C ASP C 160 27.43 -14.13 -53.07
N GLY C 161 27.42 -14.17 -51.73
CA GLY C 161 27.48 -13.02 -50.88
C GLY C 161 26.21 -12.22 -50.79
N SER C 162 25.15 -12.58 -51.51
CA SER C 162 23.93 -11.74 -51.60
C SER C 162 23.11 -11.71 -50.29
N TRP C 163 23.36 -12.65 -49.38
CA TRP C 163 22.50 -12.79 -48.18
C TRP C 163 23.34 -13.20 -46.96
N ASP C 164 23.35 -12.30 -45.97
CA ASP C 164 23.98 -12.46 -44.67
C ASP C 164 22.89 -12.87 -43.66
N SER C 165 23.08 -14.00 -43.00
CA SER C 165 22.00 -14.59 -42.16
C SER C 165 22.47 -14.68 -40.73
N TRP C 166 21.68 -14.07 -39.84
CA TRP C 166 21.88 -14.13 -38.39
C TRP C 166 20.67 -14.86 -37.78
N SER C 167 20.90 -16.01 -37.17
CA SER C 167 19.84 -16.81 -36.62
C SER C 167 20.19 -17.53 -35.32
N VAL C 168 19.28 -17.52 -34.36
CA VAL C 168 19.57 -18.18 -33.07
C VAL C 168 19.27 -19.65 -33.25
N GLY C 169 20.15 -20.51 -32.72
CA GLY C 169 19.88 -21.89 -32.58
C GLY C 169 20.87 -22.46 -31.59
N ARG C 170 20.50 -23.57 -30.99
CA ARG C 170 21.31 -24.14 -29.93
C ARG C 170 22.53 -24.86 -30.43
N LEU C 171 23.57 -24.77 -29.60
CA LEU C 171 24.81 -25.53 -29.82
C LEU C 171 25.25 -26.19 -28.55
N MET C 172 25.32 -27.52 -28.61
CA MET C 172 25.87 -28.34 -27.51
C MET C 172 27.38 -28.55 -27.59
N LEU C 173 28.02 -28.52 -26.41
CA LEU C 173 29.47 -28.75 -26.26
C LEU C 173 29.75 -30.20 -26.52
N VAL C 174 30.66 -30.46 -27.48
CA VAL C 174 31.05 -31.86 -27.81
C VAL C 174 32.45 -32.10 -27.27
N ASP C 175 33.36 -31.14 -27.51
CA ASP C 175 34.70 -31.16 -26.85
C ASP C 175 35.34 -29.79 -26.88
N ARG C 176 36.64 -29.76 -26.58
CA ARG C 176 37.35 -28.53 -26.45
C ARG C 176 37.25 -27.63 -27.67
N ASN C 177 37.01 -28.14 -28.86
CA ASN C 177 36.78 -27.23 -30.03
C ASN C 177 35.72 -27.64 -31.00
N THR C 178 34.70 -28.34 -30.45
CA THR C 178 33.67 -28.90 -31.31
C THR C 178 32.34 -28.72 -30.59
N LEU C 179 31.38 -28.14 -31.29
CA LEU C 179 29.96 -28.08 -30.86
C LEU C 179 29.05 -28.84 -31.81
N ALA C 180 27.80 -29.11 -31.41
CA ALA C 180 26.85 -29.69 -32.33
C ALA C 180 25.49 -29.11 -32.03
N GLY C 181 24.67 -29.03 -33.06
CA GLY C 181 23.31 -28.50 -32.92
C GLY C 181 22.51 -28.62 -34.20
N PRO C 182 21.22 -28.33 -34.06
CA PRO C 182 20.42 -28.63 -35.23
C PRO C 182 20.46 -27.57 -36.30
N THR C 183 20.17 -28.02 -37.53
CA THR C 183 20.02 -27.13 -38.67
C THR C 183 18.79 -27.57 -39.48
N ILE C 184 17.60 -27.23 -38.94
CA ILE C 184 16.33 -27.71 -39.55
C ILE C 184 16.28 -27.13 -41.00
N PRO C 185 15.90 -27.97 -41.99
CA PRO C 185 15.97 -27.63 -43.44
C PRO C 185 15.15 -26.42 -43.84
N THR C 186 14.19 -26.04 -42.96
CA THR C 186 13.34 -24.91 -43.22
C THR C 186 13.82 -23.63 -42.56
N GLN C 187 14.77 -23.77 -41.68
CA GLN C 187 15.39 -22.57 -41.07
C GLN C 187 16.46 -22.08 -42.05
N HIS C 188 16.80 -20.82 -41.95
CA HIS C 188 17.71 -20.15 -42.88
C HIS C 188 19.12 -20.69 -42.81
N ILE C 189 19.52 -21.15 -41.63
CA ILE C 189 20.81 -21.87 -41.50
C ILE C 189 20.87 -23.15 -42.30
N GLY C 190 19.78 -23.92 -42.30
CA GLY C 190 19.65 -25.18 -43.05
C GLY C 190 19.66 -24.88 -44.52
N ILE C 191 18.90 -23.87 -44.98
CA ILE C 191 18.83 -23.51 -46.37
C ILE C 191 20.23 -23.11 -46.89
N ILE C 192 20.92 -22.27 -46.14
CA ILE C 192 22.21 -21.79 -46.60
C ILE C 192 23.20 -22.96 -46.64
N ARG C 193 23.14 -23.78 -45.60
CA ARG C 193 24.01 -24.93 -45.50
C ARG C 193 23.94 -25.84 -46.73
N GLU C 194 22.70 -26.12 -47.18
CA GLU C 194 22.44 -26.85 -48.45
C GLU C 194 23.00 -26.16 -49.73
N GLN C 195 22.93 -24.85 -49.75
CA GLN C 195 23.56 -24.10 -50.86
C GLN C 195 25.07 -24.44 -50.94
N TRP C 196 25.71 -24.51 -49.77
CA TRP C 196 27.16 -24.84 -49.67
C TRP C 196 27.48 -26.32 -50.03
N ARG C 197 26.61 -27.22 -49.60
CA ARG C 197 26.77 -28.63 -49.93
C ARG C 197 26.50 -28.91 -51.39
N ARG C 198 25.71 -28.08 -52.07
CA ARG C 198 25.61 -28.16 -53.55
C ARG C 198 26.96 -27.76 -54.24
N LEU C 199 27.76 -26.91 -53.61
CA LEU C 199 29.13 -26.60 -54.06
C LEU C 199 30.17 -27.64 -53.54
N GLY C 200 29.66 -28.68 -52.88
CA GLY C 200 30.45 -29.73 -52.26
C GLY C 200 31.28 -29.34 -51.08
N LYS C 201 30.86 -28.29 -50.37
CA LYS C 201 31.71 -27.63 -49.35
C LYS C 201 31.02 -27.48 -47.96
N PRO C 202 31.80 -27.54 -46.87
CA PRO C 202 31.24 -27.12 -45.56
C PRO C 202 30.82 -25.61 -45.54
N THR C 203 30.01 -25.19 -44.55
CA THR C 203 29.59 -23.82 -44.60
C THR C 203 30.41 -23.00 -43.56
N PRO C 204 31.06 -21.90 -44.00
CA PRO C 204 31.80 -21.02 -43.13
C PRO C 204 30.83 -20.43 -42.13
N TRP C 205 31.25 -20.27 -40.90
CA TRP C 205 30.29 -20.07 -39.78
C TRP C 205 30.97 -19.35 -38.63
N ALA C 206 30.16 -18.54 -37.97
CA ALA C 206 30.56 -17.93 -36.69
C ALA C 206 29.32 -17.97 -35.77
N MET C 207 29.49 -17.78 -34.49
CA MET C 207 28.36 -17.58 -33.63
C MET C 207 28.72 -16.39 -32.71
N ALA C 208 27.77 -15.48 -32.53
CA ALA C 208 27.94 -14.29 -31.65
C ALA C 208 27.12 -14.49 -30.37
N LEU C 209 27.76 -14.44 -29.19
CA LEU C 209 27.09 -14.64 -27.95
C LEU C 209 27.33 -13.37 -27.17
N GLY C 210 26.29 -12.89 -26.49
CA GLY C 210 26.47 -11.54 -25.85
C GLY C 210 26.50 -10.54 -26.99
N ALA C 211 25.74 -10.76 -28.05
CA ALA C 211 25.62 -9.84 -29.17
C ALA C 211 24.74 -8.62 -28.80
N PRO C 212 24.72 -7.54 -29.66
CA PRO C 212 23.80 -6.40 -29.48
C PRO C 212 22.38 -6.93 -29.31
N PRO C 213 21.71 -6.58 -28.19
CA PRO C 213 20.38 -7.19 -27.90
C PRO C 213 19.41 -7.09 -29.10
N ALA C 214 19.41 -5.94 -29.80
CA ALA C 214 18.56 -5.80 -30.95
C ALA C 214 18.91 -6.81 -32.06
N ALA C 215 20.20 -7.14 -32.27
CA ALA C 215 20.64 -8.19 -33.26
C ALA C 215 20.24 -9.57 -32.83
N LEU C 216 20.30 -9.87 -31.55
CA LEU C 216 19.89 -11.13 -31.02
C LEU C 216 18.37 -11.31 -31.32
N ALA C 217 17.61 -10.25 -31.06
CA ALA C 217 16.14 -10.35 -31.26
C ALA C 217 15.84 -10.59 -32.74
N ALA C 218 16.45 -9.81 -33.65
CA ALA C 218 16.31 -10.13 -35.08
C ALA C 218 16.76 -11.54 -35.49
N ALA C 219 17.85 -12.03 -34.87
CA ALA C 219 18.37 -13.34 -35.11
C ALA C 219 17.28 -14.34 -34.71
N GLY C 220 16.45 -14.04 -33.70
CA GLY C 220 15.36 -14.96 -33.34
C GLY C 220 14.03 -14.67 -34.03
N MET C 221 14.05 -13.85 -35.11
CA MET C 221 12.89 -13.47 -35.90
C MET C 221 12.83 -14.10 -37.28
N PRO C 222 11.64 -14.65 -37.66
CA PRO C 222 11.51 -15.31 -38.94
C PRO C 222 11.21 -14.33 -40.06
N LEU C 223 12.18 -13.48 -40.30
CA LEU C 223 12.11 -12.58 -41.42
C LEU C 223 12.10 -13.40 -42.69
N PRO C 224 11.54 -12.81 -43.76
CA PRO C 224 11.46 -13.65 -45.00
C PRO C 224 12.83 -14.13 -45.47
N GLU C 225 12.80 -15.18 -46.28
CA GLU C 225 14.01 -15.68 -46.90
C GLU C 225 14.71 -14.58 -47.76
N GLY C 226 16.01 -14.64 -47.78
CA GLY C 226 16.80 -13.58 -48.49
C GLY C 226 17.00 -12.28 -47.78
N VAL C 227 16.25 -12.03 -46.68
CA VAL C 227 16.35 -10.76 -45.95
C VAL C 227 17.49 -10.81 -44.96
N SER C 228 18.44 -9.87 -45.06
CA SER C 228 19.59 -9.92 -44.21
C SER C 228 19.24 -9.27 -42.86
N GLU C 229 19.40 -10.01 -41.76
CA GLU C 229 19.00 -9.53 -40.44
C GLU C 229 19.74 -8.25 -40.10
N ALA C 230 20.99 -8.14 -40.53
CA ALA C 230 21.80 -7.03 -40.04
C ALA C 230 21.23 -5.69 -40.53
N GLY C 231 20.75 -5.66 -41.76
CA GLY C 231 20.13 -4.44 -42.39
C GLY C 231 18.84 -4.08 -41.68
N TYR C 232 18.11 -5.10 -41.21
CA TYR C 232 16.84 -4.95 -40.51
C TYR C 232 17.10 -4.31 -39.16
N VAL C 233 18.09 -4.84 -38.48
CA VAL C 233 18.54 -4.27 -37.20
C VAL C 233 18.93 -2.81 -37.29
N GLY C 234 19.73 -2.45 -38.29
CA GLY C 234 20.08 -1.06 -38.50
C GLY C 234 18.85 -0.18 -38.67
N ALA C 235 17.90 -0.64 -39.48
CA ALA C 235 16.69 0.09 -39.76
C ALA C 235 15.86 0.19 -38.49
N LEU C 236 15.87 -0.86 -37.68
CA LEU C 236 15.14 -0.85 -36.43
C LEU C 236 15.70 0.18 -35.39
N VAL C 237 17.00 0.26 -35.27
CA VAL C 237 17.61 1.13 -34.27
C VAL C 237 17.94 2.52 -34.87
N GLY C 238 17.89 2.64 -36.17
CA GLY C 238 18.14 3.93 -36.84
C GLY C 238 19.59 4.22 -37.11
N GLU C 239 20.44 3.24 -37.02
CA GLU C 239 21.85 3.43 -37.32
C GLU C 239 22.51 2.10 -37.53
N PRO C 240 23.65 2.09 -38.23
CA PRO C 240 24.35 0.86 -38.52
C PRO C 240 24.77 0.09 -37.31
N VAL C 241 24.69 -1.22 -37.44
CA VAL C 241 25.41 -2.08 -36.53
C VAL C 241 26.91 -2.15 -36.91
N GLU C 242 27.81 -1.89 -35.94
CA GLU C 242 29.26 -1.90 -36.17
C GLU C 242 29.71 -3.30 -36.12
N VAL C 243 30.48 -3.70 -37.13
CA VAL C 243 30.94 -5.07 -37.25
C VAL C 243 32.45 -5.07 -37.59
N VAL C 244 33.09 -6.14 -37.13
CA VAL C 244 34.44 -6.53 -37.51
C VAL C 244 34.47 -7.91 -38.22
N ARG C 245 35.52 -8.15 -39.03
CA ARG C 245 35.73 -9.44 -39.65
C ARG C 245 36.18 -10.44 -38.61
N THR C 246 35.83 -11.69 -38.79
CA THR C 246 36.37 -12.75 -37.93
C THR C 246 37.88 -12.87 -38.17
N GLN C 247 38.56 -13.56 -37.27
CA GLN C 247 40.00 -13.81 -37.43
C GLN C 247 40.32 -14.66 -38.67
N THR C 248 39.49 -15.66 -38.99
CA THR C 248 39.90 -16.75 -39.86
C THR C 248 39.03 -17.04 -41.08
N ASN C 249 37.78 -16.58 -41.18
CA ASN C 249 36.92 -16.98 -42.31
C ASN C 249 36.08 -15.92 -43.03
N GLY C 250 36.37 -14.66 -42.81
CA GLY C 250 35.78 -13.57 -43.62
C GLY C 250 34.35 -13.09 -43.36
N LEU C 251 33.71 -13.71 -42.39
CA LEU C 251 32.36 -13.29 -42.00
C LEU C 251 32.46 -12.06 -41.12
N TRP C 252 31.44 -11.21 -41.17
CA TRP C 252 31.41 -10.00 -40.35
C TRP C 252 30.49 -10.26 -39.12
N VAL C 253 30.96 -9.87 -37.93
CA VAL C 253 30.23 -10.07 -36.67
C VAL C 253 30.17 -8.79 -35.89
N PRO C 254 29.14 -8.61 -35.04
CA PRO C 254 29.19 -7.35 -34.28
C PRO C 254 30.43 -7.12 -33.44
N ALA C 255 30.89 -5.88 -33.56
CA ALA C 255 32.12 -5.46 -32.93
C ALA C 255 32.12 -5.57 -31.43
N ASN C 256 31.01 -5.30 -30.76
CA ASN C 256 31.04 -5.28 -29.29
C ASN C 256 30.46 -6.56 -28.65
N THR C 257 30.31 -7.61 -29.49
CA THR C 257 30.00 -8.93 -29.02
C THR C 257 30.87 -9.41 -27.88
N GLU C 258 30.27 -10.12 -26.89
CA GLU C 258 31.02 -10.62 -25.75
C GLU C 258 31.97 -11.74 -26.16
N ILE C 259 31.45 -12.68 -26.96
CA ILE C 259 32.11 -13.86 -27.42
C ILE C 259 31.73 -14.26 -28.85
N VAL C 260 32.76 -14.50 -29.71
CA VAL C 260 32.55 -14.94 -31.08
C VAL C 260 33.30 -16.20 -31.25
N LEU C 261 32.57 -17.20 -31.78
CA LEU C 261 33.14 -18.50 -32.12
C LEU C 261 33.24 -18.51 -33.57
N GLU C 262 34.29 -19.14 -34.12
CA GLU C 262 34.44 -19.21 -35.63
C GLU C 262 34.93 -20.53 -36.16
N GLY C 263 34.43 -20.92 -37.33
CA GLY C 263 34.86 -22.17 -37.89
C GLY C 263 34.04 -22.54 -39.09
N GLU C 264 33.61 -23.78 -39.13
CA GLU C 264 32.72 -24.24 -40.19
C GLU C 264 31.77 -25.34 -39.67
N ILE C 265 30.67 -25.56 -40.43
CA ILE C 265 29.71 -26.58 -40.21
C ILE C 265 30.04 -27.76 -41.15
N SER C 266 30.21 -28.94 -40.57
CA SER C 266 30.69 -30.12 -41.32
C SER C 266 29.60 -30.57 -42.28
N LEU C 267 29.99 -30.91 -43.49
CA LEU C 267 29.07 -31.52 -44.47
C LEU C 267 28.43 -32.77 -43.90
N ASP C 268 29.27 -33.59 -43.29
CA ASP C 268 28.88 -34.98 -42.99
C ASP C 268 29.12 -35.50 -41.60
N GLU C 269 30.07 -34.95 -40.84
CA GLU C 269 30.28 -35.44 -39.49
C GLU C 269 29.07 -34.99 -38.61
N THR C 270 28.67 -35.84 -37.69
CA THR C 270 27.65 -35.49 -36.73
C THR C 270 28.05 -36.04 -35.41
N ALA C 271 27.36 -35.62 -34.35
CA ALA C 271 27.42 -36.21 -33.03
C ALA C 271 26.00 -36.29 -32.45
N LEU C 272 25.84 -37.15 -31.47
CA LEU C 272 24.58 -37.28 -30.70
C LEU C 272 24.34 -36.06 -29.93
N GLU C 273 23.28 -35.30 -30.28
CA GLU C 273 23.06 -34.01 -29.64
C GLU C 273 21.75 -34.01 -28.89
N GLY C 274 21.68 -33.22 -27.84
CA GLY C 274 20.51 -33.24 -26.99
C GLY C 274 20.39 -34.57 -26.26
N PRO C 275 19.24 -34.83 -25.64
CA PRO C 275 18.13 -33.91 -25.53
C PRO C 275 18.38 -32.63 -24.68
N MET C 276 17.52 -31.62 -24.84
CA MET C 276 17.55 -30.41 -24.01
C MET C 276 16.06 -30.13 -23.70
N GLY C 277 15.79 -29.70 -22.49
CA GLY C 277 14.52 -29.00 -22.19
C GLY C 277 14.34 -27.94 -23.22
N GLU C 278 13.15 -27.90 -23.81
CA GLU C 278 12.90 -27.02 -24.91
C GLU C 278 11.67 -26.05 -24.70
N TYR C 279 11.49 -25.11 -25.63
CA TYR C 279 10.48 -24.12 -25.62
C TYR C 279 9.08 -24.56 -25.28
N HIS C 280 8.67 -25.78 -25.74
CA HIS C 280 7.28 -26.29 -25.47
C HIS C 280 7.03 -26.70 -24.03
N GLY C 281 8.08 -26.69 -23.21
CA GLY C 281 8.00 -26.95 -21.83
C GLY C 281 8.44 -28.31 -21.35
N TYR C 282 8.99 -29.16 -22.28
CA TYR C 282 9.25 -30.58 -21.99
C TYR C 282 10.73 -30.96 -22.27
N SER C 283 11.18 -31.97 -21.57
CA SER C 283 12.45 -32.66 -21.78
C SER C 283 12.14 -34.04 -22.34
N PHE C 284 12.19 -34.16 -23.67
CA PHE C 284 12.14 -35.49 -24.31
C PHE C 284 13.46 -36.24 -24.01
N PRO C 285 13.39 -37.59 -23.91
CA PRO C 285 14.47 -38.41 -23.29
C PRO C 285 15.65 -38.72 -24.17
N ILE C 286 15.47 -38.73 -25.50
CA ILE C 286 16.46 -39.25 -26.43
C ILE C 286 16.96 -38.16 -27.35
N GLY C 287 18.27 -38.09 -27.54
CA GLY C 287 18.88 -37.23 -28.55
C GLY C 287 18.83 -37.70 -30.00
N LYS C 288 19.48 -36.91 -30.85
CA LYS C 288 19.51 -37.22 -32.26
C LYS C 288 20.89 -36.82 -32.77
N PRO C 289 21.39 -37.49 -33.80
CA PRO C 289 22.59 -36.93 -34.41
C PRO C 289 22.36 -35.59 -35.08
N GLN C 290 23.38 -34.76 -34.94
CA GLN C 290 23.37 -33.41 -35.53
C GLN C 290 24.74 -32.98 -36.04
N PRO C 291 24.76 -32.06 -37.02
CA PRO C 291 26.06 -31.68 -37.58
C PRO C 291 27.08 -31.15 -36.57
N LEU C 292 28.35 -31.52 -36.78
CA LEU C 292 29.39 -30.86 -36.03
C LEU C 292 29.72 -29.50 -36.59
N PHE C 293 30.01 -28.60 -35.64
CA PHE C 293 30.39 -27.21 -35.89
C PHE C 293 31.80 -27.13 -35.30
N HIS C 294 32.79 -27.04 -36.17
CA HIS C 294 34.19 -26.93 -35.77
C HIS C 294 34.56 -25.49 -35.46
N VAL C 295 35.15 -25.26 -34.27
CA VAL C 295 35.61 -23.94 -33.78
C VAL C 295 37.10 -23.91 -34.05
N HIS C 296 37.45 -23.17 -35.09
CA HIS C 296 38.84 -23.02 -35.53
C HIS C 296 39.54 -21.95 -34.68
N ALA C 297 38.73 -20.99 -34.19
CA ALA C 297 39.19 -19.88 -33.39
C ALA C 297 38.03 -19.29 -32.62
N LEU C 298 38.36 -18.54 -31.57
CA LEU C 298 37.42 -17.70 -30.86
C LEU C 298 38.04 -16.45 -30.30
N SER C 299 37.17 -15.45 -30.10
CA SER C 299 37.59 -14.19 -29.52
C SER C 299 36.58 -13.74 -28.50
N PHE C 300 37.01 -12.86 -27.57
CA PHE C 300 36.14 -12.38 -26.50
C PHE C 300 36.62 -11.14 -25.88
N ARG C 301 35.65 -10.39 -25.39
CA ARG C 301 35.91 -9.22 -24.54
C ARG C 301 36.51 -9.63 -23.23
N ASP C 302 37.35 -8.79 -22.67
CA ASP C 302 37.81 -9.04 -21.32
C ASP C 302 36.59 -9.18 -20.35
N GLN C 303 36.73 -10.05 -19.40
CA GLN C 303 35.67 -10.41 -18.42
C GLN C 303 34.39 -10.75 -19.15
N PRO C 304 34.48 -11.69 -20.08
CA PRO C 304 33.32 -11.94 -20.96
C PRO C 304 32.04 -12.41 -20.23
N ILE C 305 30.88 -12.01 -20.75
CA ILE C 305 29.57 -12.44 -20.17
C ILE C 305 28.91 -13.37 -21.21
N LEU C 306 28.61 -14.58 -20.76
CA LEU C 306 27.88 -15.56 -21.56
C LEU C 306 26.41 -15.49 -21.10
N PRO C 307 25.51 -14.99 -21.99
CA PRO C 307 24.06 -15.10 -21.68
C PRO C 307 23.60 -16.51 -22.00
N ILE C 308 22.66 -17.00 -21.21
CA ILE C 308 22.01 -18.29 -21.48
C ILE C 308 20.50 -18.16 -21.46
N CYS C 309 19.83 -19.15 -22.08
CA CYS C 309 18.40 -19.39 -21.97
C CYS C 309 18.23 -20.74 -21.36
N VAL C 310 17.44 -20.84 -20.29
CA VAL C 310 17.17 -22.18 -19.69
C VAL C 310 15.72 -22.56 -20.12
N ALA C 311 15.66 -23.23 -21.23
CA ALA C 311 14.41 -23.40 -21.93
C ALA C 311 13.48 -24.26 -21.09
N GLY C 312 12.20 -23.99 -21.24
CA GLY C 312 11.17 -24.88 -20.62
C GLY C 312 9.85 -24.22 -20.51
N THR C 313 9.18 -24.46 -19.41
CA THR C 313 7.86 -23.86 -19.23
C THR C 313 7.88 -22.38 -19.21
N PRO C 314 6.81 -21.74 -19.73
CA PRO C 314 6.90 -20.29 -19.94
C PRO C 314 6.85 -19.47 -18.62
N PRO C 315 7.29 -18.24 -18.67
CA PRO C 315 7.91 -17.52 -19.79
C PRO C 315 9.45 -17.38 -19.74
N GLU C 316 10.01 -17.87 -20.80
CA GLU C 316 11.42 -17.78 -21.08
C GLU C 316 11.64 -17.18 -22.49
N GLU C 317 12.91 -17.06 -22.96
CA GLU C 317 13.17 -16.35 -24.18
C GLU C 317 12.71 -17.02 -25.47
N ASN C 318 12.39 -18.33 -25.45
CA ASN C 318 11.68 -18.92 -26.55
C ASN C 318 10.25 -18.36 -26.65
N HIS C 319 9.79 -17.72 -25.64
CA HIS C 319 8.45 -17.14 -25.66
C HIS C 319 8.64 -15.62 -25.84
N THR C 320 9.38 -14.99 -24.91
CA THR C 320 9.50 -13.56 -24.95
C THR C 320 10.27 -12.99 -26.13
N ILE C 321 11.25 -13.70 -26.62
CA ILE C 321 11.93 -13.28 -27.86
C ILE C 321 11.23 -13.99 -29.08
N TRP C 322 11.28 -15.32 -29.15
CA TRP C 322 10.82 -16.05 -30.35
C TRP C 322 9.35 -15.78 -30.62
N GLY C 323 8.48 -16.02 -29.62
CA GLY C 323 7.04 -15.71 -29.74
C GLY C 323 6.77 -14.30 -30.18
N THR C 324 7.37 -13.29 -29.48
CA THR C 324 7.11 -11.94 -29.85
C THR C 324 7.57 -11.67 -31.30
N MET C 325 8.69 -12.23 -31.75
CA MET C 325 9.16 -11.88 -33.04
C MET C 325 8.29 -12.53 -34.12
N ILE C 326 7.89 -13.77 -33.83
CA ILE C 326 6.90 -14.52 -34.68
C ILE C 326 5.61 -13.68 -34.77
N SER C 327 5.16 -13.08 -33.67
CA SER C 327 3.94 -12.39 -33.67
C SER C 327 3.97 -11.20 -34.63
N ALA C 328 5.07 -10.48 -34.57
CA ALA C 328 5.21 -9.25 -35.38
C ALA C 328 5.27 -9.65 -36.85
N GLN C 329 6.06 -10.64 -37.17
CA GLN C 329 6.09 -11.16 -38.57
C GLN C 329 4.78 -11.67 -39.05
N LEU C 330 4.03 -12.38 -38.23
CA LEU C 330 2.70 -12.87 -38.62
C LEU C 330 1.72 -11.77 -38.83
N LEU C 331 1.83 -10.67 -38.08
CA LEU C 331 0.92 -9.57 -38.31
C LEU C 331 1.20 -9.00 -39.73
N ASP C 332 2.47 -8.89 -40.11
CA ASP C 332 2.80 -8.38 -41.42
C ASP C 332 2.28 -9.30 -42.52
N VAL C 333 2.51 -10.59 -42.36
CA VAL C 333 2.13 -11.60 -43.41
C VAL C 333 0.65 -11.49 -43.61
N ALA C 334 -0.12 -11.45 -42.49
CA ALA C 334 -1.58 -11.39 -42.60
C ALA C 334 -2.05 -10.10 -43.28
N GLN C 335 -1.53 -8.96 -42.82
CA GLN C 335 -1.99 -7.68 -43.39
C GLN C 335 -1.64 -7.60 -44.83
N ASN C 336 -0.45 -8.06 -45.20
CA ASN C 336 0.00 -7.93 -46.66
C ASN C 336 -0.86 -8.84 -47.56
N ALA C 337 -1.37 -9.92 -46.97
CA ALA C 337 -2.22 -10.88 -47.72
C ALA C 337 -3.68 -10.44 -47.83
N GLY C 338 -4.00 -9.35 -47.21
CA GLY C 338 -5.33 -8.74 -47.22
C GLY C 338 -6.25 -9.26 -46.11
N LEU C 339 -5.70 -10.05 -45.16
CA LEU C 339 -6.55 -10.55 -44.10
C LEU C 339 -6.87 -9.44 -43.10
N PRO C 340 -8.12 -9.42 -42.58
CA PRO C 340 -8.55 -8.35 -41.68
C PRO C 340 -8.11 -8.63 -40.27
N VAL C 341 -6.81 -8.45 -40.06
CA VAL C 341 -6.16 -8.80 -38.79
C VAL C 341 -5.45 -7.56 -38.34
N ASP C 342 -5.68 -7.17 -37.11
CA ASP C 342 -5.07 -5.94 -36.51
C ASP C 342 -4.05 -6.24 -35.45
N MET C 343 -3.89 -7.53 -35.04
CA MET C 343 -2.88 -7.94 -34.01
C MET C 343 -2.73 -9.43 -34.10
N VAL C 344 -1.50 -9.93 -33.90
CA VAL C 344 -1.23 -11.35 -33.68
C VAL C 344 -0.43 -11.46 -32.38
N TRP C 345 -0.76 -12.47 -31.54
CA TRP C 345 0.03 -12.63 -30.38
C TRP C 345 0.16 -14.10 -30.08
N CYS C 346 1.40 -14.58 -29.97
CA CYS C 346 1.74 -15.90 -29.51
C CYS C 346 1.76 -15.92 -27.99
N SER C 347 0.59 -16.09 -27.36
CA SER C 347 0.49 -16.15 -25.94
C SER C 347 1.66 -16.92 -25.28
N TYR C 348 2.42 -16.28 -24.38
CA TYR C 348 3.53 -16.92 -23.79
C TYR C 348 3.10 -18.16 -23.03
N GLU C 349 1.90 -18.10 -22.44
CA GLU C 349 1.45 -19.16 -21.58
C GLU C 349 1.21 -20.40 -22.41
N ALA C 350 1.05 -20.28 -23.73
CA ALA C 350 0.83 -21.47 -24.65
C ALA C 350 2.17 -21.98 -25.22
N ALA C 351 3.30 -21.38 -24.75
CA ALA C 351 4.59 -21.96 -25.07
C ALA C 351 4.98 -21.95 -26.53
N THR C 352 4.55 -20.90 -27.26
CA THR C 352 4.81 -20.73 -28.67
C THR C 352 4.18 -21.90 -29.48
N CYS C 353 3.11 -22.45 -28.93
CA CYS C 353 2.32 -23.51 -29.62
C CYS C 353 1.01 -23.01 -30.17
N TRP C 354 0.63 -21.81 -29.86
CA TRP C 354 -0.44 -21.11 -30.51
C TRP C 354 -0.24 -19.68 -30.91
N ALA C 355 -0.97 -19.24 -31.92
CA ALA C 355 -1.03 -17.77 -32.18
C ALA C 355 -2.46 -17.30 -32.22
N VAL C 356 -2.73 -16.18 -31.57
CA VAL C 356 -4.06 -15.59 -31.51
C VAL C 356 -4.13 -14.38 -32.50
N LEU C 357 -5.05 -14.48 -33.47
CA LEU C 357 -5.21 -13.47 -34.53
C LEU C 357 -6.43 -12.63 -34.14
N SER C 358 -6.28 -11.33 -33.98
CA SER C 358 -7.33 -10.41 -33.68
C SER C 358 -7.91 -9.95 -34.91
N ILE C 359 -9.20 -10.18 -35.02
CA ILE C 359 -9.94 -9.94 -36.30
C ILE C 359 -10.67 -8.62 -36.26
N ASP C 360 -10.37 -7.76 -37.22
CA ASP C 360 -11.02 -6.51 -37.34
C ASP C 360 -12.48 -6.72 -37.76
N VAL C 361 -13.38 -6.59 -36.81
CA VAL C 361 -14.81 -6.87 -37.09
C VAL C 361 -15.47 -5.92 -38.10
N GLN C 362 -14.90 -4.74 -38.28
CA GLN C 362 -15.43 -3.75 -39.24
C GLN C 362 -15.19 -4.22 -40.66
N ARG C 363 -14.26 -5.15 -40.86
CA ARG C 363 -13.88 -5.64 -42.23
C ARG C 363 -14.45 -6.99 -42.64
N LEU C 364 -14.96 -7.70 -41.65
CA LEU C 364 -15.34 -9.05 -41.88
C LEU C 364 -16.49 -9.21 -42.80
N ALA C 365 -17.53 -8.39 -42.70
CA ALA C 365 -18.75 -8.54 -43.40
C ALA C 365 -18.51 -8.51 -44.94
N ALA C 366 -17.61 -7.61 -45.33
CA ALA C 366 -17.35 -7.39 -46.81
C ALA C 366 -16.74 -8.58 -47.48
N LEU C 367 -16.13 -9.49 -46.72
CA LEU C 367 -15.62 -10.76 -47.31
C LEU C 367 -16.70 -11.69 -47.83
N GLY C 368 -17.90 -11.62 -47.29
CA GLY C 368 -18.99 -12.49 -47.68
C GLY C 368 -18.66 -13.97 -47.54
N THR C 369 -18.16 -14.28 -46.36
CA THR C 369 -17.63 -15.59 -46.06
C THR C 369 -18.31 -16.21 -44.83
N ASP C 370 -17.70 -17.30 -44.39
CA ASP C 370 -18.08 -17.99 -43.17
C ASP C 370 -16.88 -18.52 -42.47
N ALA C 371 -17.11 -19.11 -41.31
CA ALA C 371 -16.01 -19.61 -40.46
C ALA C 371 -15.18 -20.62 -41.14
N ALA C 372 -15.78 -21.62 -41.81
CA ALA C 372 -14.99 -22.70 -42.43
C ALA C 372 -14.12 -22.22 -43.56
N ALA C 373 -14.63 -21.34 -44.42
CA ALA C 373 -13.81 -20.83 -45.55
C ALA C 373 -12.72 -19.89 -45.04
N PHE C 374 -13.10 -19.07 -44.06
CA PHE C 374 -12.14 -18.04 -43.45
C PHE C 374 -10.99 -18.76 -42.77
N ALA C 375 -11.34 -19.80 -42.00
CA ALA C 375 -10.34 -20.63 -41.37
C ALA C 375 -9.37 -21.25 -42.36
N ALA C 376 -9.89 -21.82 -43.44
CA ALA C 376 -9.00 -22.32 -44.45
C ALA C 376 -8.11 -21.27 -45.11
N ARG C 377 -8.65 -20.08 -45.33
CA ARG C 377 -7.94 -19.03 -45.99
C ARG C 377 -6.80 -18.58 -45.07
N VAL C 378 -7.13 -18.44 -43.81
CA VAL C 378 -6.10 -18.04 -42.85
C VAL C 378 -5.01 -19.10 -42.71
N ALA C 379 -5.44 -20.38 -42.57
CA ALA C 379 -4.49 -21.49 -42.44
C ALA C 379 -3.48 -21.47 -43.57
N GLU C 380 -3.98 -21.46 -44.82
CA GLU C 380 -3.13 -21.41 -46.03
C GLU C 380 -2.13 -20.26 -46.05
N THR C 381 -2.60 -19.06 -45.73
CA THR C 381 -1.78 -17.87 -45.68
C THR C 381 -0.75 -17.95 -44.57
N VAL C 382 -1.21 -18.27 -43.37
CA VAL C 382 -0.34 -18.17 -42.16
C VAL C 382 0.73 -19.35 -42.12
N PHE C 383 0.24 -20.61 -42.35
CA PHE C 383 1.08 -21.74 -42.20
C PHE C 383 2.03 -21.87 -43.41
N GLY C 384 1.72 -21.16 -44.49
CA GLY C 384 2.57 -21.16 -45.70
C GLY C 384 3.71 -20.22 -45.60
N SER C 385 3.67 -19.33 -44.63
CA SER C 385 4.72 -18.40 -44.44
C SER C 385 5.80 -19.03 -43.60
N HIS C 386 7.01 -18.47 -43.71
CA HIS C 386 8.18 -18.89 -42.90
C HIS C 386 7.82 -18.76 -41.36
N ALA C 387 7.18 -17.68 -40.97
CA ALA C 387 6.86 -17.47 -39.53
C ALA C 387 5.74 -18.41 -39.08
N GLY C 388 4.75 -18.60 -39.91
CA GLY C 388 3.56 -19.35 -39.51
C GLY C 388 3.74 -20.81 -39.56
N HIS C 389 4.73 -21.26 -40.29
CA HIS C 389 5.12 -22.65 -40.25
C HIS C 389 5.55 -23.04 -38.83
N LEU C 390 6.00 -22.11 -37.97
CA LEU C 390 6.59 -22.48 -36.76
C LEU C 390 5.52 -22.80 -35.64
N VAL C 391 4.27 -22.42 -35.89
CA VAL C 391 3.26 -22.49 -34.85
C VAL C 391 2.09 -23.34 -35.28
N PRO C 392 1.70 -24.34 -34.46
CA PRO C 392 0.72 -25.29 -35.12
C PRO C 392 -0.74 -24.94 -35.02
N LYS C 393 -1.08 -24.18 -34.04
CA LYS C 393 -2.45 -23.81 -33.70
C LYS C 393 -2.70 -22.32 -33.82
N LEU C 394 -3.79 -22.01 -34.51
CA LEU C 394 -4.29 -20.64 -34.63
C LEU C 394 -5.67 -20.47 -33.99
N ILE C 395 -5.83 -19.36 -33.28
CA ILE C 395 -7.08 -18.92 -32.74
C ILE C 395 -7.53 -17.64 -33.43
N LEU C 396 -8.74 -17.61 -33.95
CA LEU C 396 -9.36 -16.37 -34.57
C LEU C 396 -10.42 -15.82 -33.68
N VAL C 397 -10.24 -14.58 -33.22
CA VAL C 397 -11.21 -13.88 -32.32
C VAL C 397 -11.33 -12.43 -32.67
N GLY C 398 -12.53 -11.84 -32.43
CA GLY C 398 -12.83 -10.49 -32.85
C GLY C 398 -12.00 -9.57 -31.92
N ASN C 399 -11.69 -8.38 -32.45
CA ASN C 399 -10.85 -7.36 -31.84
C ASN C 399 -11.52 -6.63 -30.77
N ASP C 400 -12.67 -7.10 -30.26
CA ASP C 400 -13.18 -6.58 -29.06
C ASP C 400 -12.34 -7.00 -27.82
N ILE C 401 -11.67 -8.14 -27.91
CA ILE C 401 -10.83 -8.60 -26.82
C ILE C 401 -9.39 -8.14 -27.09
N ASP C 402 -8.64 -8.07 -26.05
CA ASP C 402 -7.22 -7.83 -26.19
C ASP C 402 -6.51 -9.18 -26.25
N VAL C 403 -6.05 -9.53 -27.45
CA VAL C 403 -5.39 -10.84 -27.64
C VAL C 403 -4.08 -11.04 -26.92
N THR C 404 -3.55 -9.96 -26.32
CA THR C 404 -2.37 -10.09 -25.56
C THR C 404 -2.59 -10.48 -24.08
N GLU C 405 -3.87 -10.58 -23.67
CA GLU C 405 -4.28 -10.97 -22.33
C GLU C 405 -4.86 -12.32 -22.30
N ILE C 406 -4.12 -13.25 -21.69
CA ILE C 406 -4.54 -14.63 -21.72
C ILE C 406 -5.95 -14.79 -21.08
N ASP C 407 -6.26 -14.00 -20.05
CA ASP C 407 -7.59 -14.13 -19.48
C ASP C 407 -8.74 -13.82 -20.45
N GLN C 408 -8.49 -12.86 -21.36
CA GLN C 408 -9.49 -12.53 -22.39
C GLN C 408 -9.56 -13.60 -23.45
N VAL C 409 -8.39 -14.10 -23.81
CA VAL C 409 -8.40 -15.21 -24.81
C VAL C 409 -9.18 -16.42 -24.27
N VAL C 410 -8.97 -16.73 -23.02
CA VAL C 410 -9.67 -17.84 -22.39
C VAL C 410 -11.16 -17.61 -22.37
N TRP C 411 -11.57 -16.42 -21.94
CA TRP C 411 -12.98 -16.05 -21.96
C TRP C 411 -13.57 -16.29 -23.33
N ALA C 412 -12.90 -15.77 -24.38
CA ALA C 412 -13.38 -16.11 -25.77
C ALA C 412 -13.41 -17.50 -26.11
N LEU C 413 -12.35 -18.26 -25.84
CA LEU C 413 -12.37 -19.71 -26.17
C LEU C 413 -13.52 -20.42 -25.50
N ALA C 414 -13.77 -20.12 -24.26
CA ALA C 414 -14.81 -20.79 -23.41
C ALA C 414 -16.20 -20.43 -23.86
N THR C 415 -16.37 -19.17 -24.21
CA THR C 415 -17.72 -18.60 -24.45
C THR C 415 -18.10 -18.43 -25.91
N ARG C 416 -17.15 -18.57 -26.84
CA ARG C 416 -17.45 -18.34 -28.26
C ARG C 416 -17.20 -19.55 -29.12
N ALA C 417 -16.25 -20.44 -28.81
CA ALA C 417 -16.00 -21.53 -29.75
C ALA C 417 -17.01 -22.56 -29.55
N HIS C 418 -17.79 -22.89 -30.62
CA HIS C 418 -18.83 -23.91 -30.55
C HIS C 418 -18.25 -25.28 -30.89
N PRO C 419 -18.47 -26.30 -29.98
CA PRO C 419 -17.92 -27.58 -30.16
C PRO C 419 -18.20 -28.31 -31.52
N LEU C 420 -19.32 -28.02 -32.10
CA LEU C 420 -19.68 -28.66 -33.36
C LEU C 420 -19.16 -27.94 -34.61
N HIS C 421 -18.83 -26.66 -34.51
CA HIS C 421 -18.63 -25.85 -35.69
C HIS C 421 -17.26 -25.23 -35.77
N ASP C 422 -16.55 -25.07 -34.64
CA ASP C 422 -15.39 -24.18 -34.68
C ASP C 422 -14.00 -24.78 -34.49
N HIS C 423 -13.87 -26.09 -34.66
CA HIS C 423 -12.63 -26.75 -34.51
C HIS C 423 -12.19 -27.30 -35.88
N PHE C 424 -11.34 -26.55 -36.57
CA PHE C 424 -10.88 -26.82 -37.95
C PHE C 424 -9.49 -27.38 -38.04
N ALA C 425 -9.37 -28.72 -38.05
CA ALA C 425 -8.13 -29.38 -38.25
C ALA C 425 -7.74 -29.35 -39.73
N PHE C 426 -6.44 -29.24 -39.98
CA PHE C 426 -5.84 -29.20 -41.30
C PHE C 426 -4.78 -30.27 -41.40
N PRO C 427 -5.19 -31.55 -41.61
CA PRO C 427 -4.26 -32.63 -41.44
C PRO C 427 -3.30 -32.82 -42.58
N GLN C 428 -3.46 -32.08 -43.69
CA GLN C 428 -2.54 -32.15 -44.82
C GLN C 428 -1.46 -31.09 -44.80
N ILE C 429 -1.51 -30.13 -43.88
CA ILE C 429 -0.53 -29.06 -43.92
C ILE C 429 0.68 -29.52 -43.14
N ARG C 430 1.85 -29.45 -43.75
CA ARG C 430 3.03 -30.01 -43.15
C ARG C 430 3.32 -29.28 -41.81
N ASP C 431 3.78 -30.06 -40.82
CA ASP C 431 4.03 -29.58 -39.42
C ASP C 431 5.45 -29.07 -39.20
N PHE C 432 5.65 -28.26 -38.18
CA PHE C 432 6.92 -28.00 -37.59
C PHE C 432 7.24 -29.23 -36.75
N PRO C 433 8.43 -29.81 -36.97
CA PRO C 433 8.64 -31.14 -36.43
C PRO C 433 8.79 -31.23 -34.90
N MET C 434 8.93 -30.09 -34.22
CA MET C 434 9.10 -30.12 -32.75
C MET C 434 7.81 -30.15 -31.91
N VAL C 435 6.67 -30.02 -32.54
CA VAL C 435 5.38 -29.81 -31.82
C VAL C 435 5.16 -31.01 -30.92
N PRO C 436 4.93 -30.79 -29.64
CA PRO C 436 5.11 -31.98 -28.71
C PRO C 436 4.05 -33.12 -28.81
N TYR C 437 2.84 -32.78 -29.24
CA TYR C 437 1.71 -33.68 -29.19
C TYR C 437 1.68 -34.59 -30.37
N LEU C 438 2.58 -34.35 -31.31
CA LEU C 438 2.50 -35.17 -32.56
C LEU C 438 2.65 -36.68 -32.21
N ASP C 439 2.00 -37.54 -32.97
CA ASP C 439 2.13 -38.97 -32.75
C ASP C 439 2.96 -39.60 -33.88
N ALA C 440 3.16 -40.93 -33.80
CA ALA C 440 3.95 -41.61 -34.82
C ALA C 440 3.39 -41.52 -36.26
N GLU C 441 2.07 -41.55 -36.39
CA GLU C 441 1.40 -41.45 -37.68
C GLU C 441 1.64 -40.03 -38.27
N ASP C 442 1.64 -39.02 -37.39
CA ASP C 442 1.93 -37.62 -37.83
C ASP C 442 3.34 -37.44 -38.33
N LYS C 443 4.29 -38.02 -37.61
CA LYS C 443 5.70 -37.96 -37.96
C LYS C 443 6.02 -38.68 -39.25
N ALA C 444 5.36 -39.80 -39.47
CA ALA C 444 5.65 -40.55 -40.71
C ALA C 444 5.07 -39.77 -41.90
N ARG C 445 3.96 -39.06 -41.67
CA ARG C 445 3.22 -38.40 -42.74
C ARG C 445 3.83 -37.01 -42.98
N GLY C 446 4.45 -36.40 -41.96
CA GLY C 446 4.86 -35.06 -42.11
C GLY C 446 3.83 -34.00 -41.84
N SER C 447 2.61 -34.41 -41.48
CA SER C 447 1.45 -33.56 -41.25
C SER C 447 0.51 -34.23 -40.25
N GLY C 448 -0.45 -33.47 -39.74
CA GLY C 448 -1.53 -33.94 -38.84
C GLY C 448 -1.75 -33.07 -37.59
N GLY C 449 -0.79 -32.21 -37.32
CA GLY C 449 -0.83 -31.42 -36.07
C GLY C 449 -1.53 -30.02 -36.15
N ARG C 450 -1.89 -29.52 -37.36
CA ARG C 450 -2.32 -28.14 -37.55
C ARG C 450 -3.80 -27.93 -37.20
N LEU C 451 -4.07 -26.77 -36.59
CA LEU C 451 -5.40 -26.44 -36.14
C LEU C 451 -5.73 -25.00 -36.26
N VAL C 452 -6.97 -24.69 -36.64
CA VAL C 452 -7.57 -23.36 -36.44
C VAL C 452 -8.78 -23.51 -35.54
N ILE C 453 -8.79 -22.76 -34.46
CA ILE C 453 -9.89 -22.65 -33.59
C ILE C 453 -10.59 -21.34 -33.87
N ASN C 454 -11.85 -21.38 -34.21
CA ASN C 454 -12.57 -20.17 -34.52
C ASN C 454 -13.41 -19.70 -33.35
N CYS C 455 -13.17 -18.44 -32.86
CA CYS C 455 -14.03 -17.84 -31.88
C CYS C 455 -14.87 -16.68 -32.40
N LEU C 456 -14.98 -16.52 -33.72
CA LEU C 456 -15.89 -15.53 -34.35
C LEU C 456 -17.32 -16.18 -34.42
N TYR C 457 -18.27 -15.53 -33.70
CA TYR C 457 -19.66 -15.98 -33.80
C TYR C 457 -20.12 -15.86 -35.25
N PRO C 458 -21.07 -16.72 -35.62
CA PRO C 458 -21.47 -16.73 -37.02
C PRO C 458 -22.04 -15.43 -37.54
N GLU C 459 -22.81 -14.74 -36.75
CA GLU C 459 -23.35 -13.43 -37.13
C GLU C 459 -22.28 -12.32 -37.34
N GLN C 460 -21.04 -12.51 -36.78
CA GLN C 460 -19.93 -11.62 -37.14
C GLN C 460 -19.51 -11.58 -38.57
N PHE C 461 -19.79 -12.64 -39.36
CA PHE C 461 -19.53 -12.65 -40.78
C PHE C 461 -20.55 -11.79 -41.58
N ALA C 462 -21.57 -11.32 -40.87
CA ALA C 462 -22.55 -10.38 -41.36
C ALA C 462 -22.48 -9.05 -40.70
N GLY C 463 -21.43 -8.84 -39.95
CA GLY C 463 -21.31 -7.62 -39.22
C GLY C 463 -22.09 -7.40 -37.93
N GLN C 464 -22.61 -8.47 -37.35
CA GLN C 464 -23.51 -8.36 -36.27
C GLN C 464 -22.79 -9.01 -35.03
N MET C 465 -23.47 -8.94 -33.90
CA MET C 465 -22.89 -9.52 -32.64
C MET C 465 -24.06 -9.81 -31.74
N ARG C 466 -24.16 -11.05 -31.26
CA ARG C 466 -25.40 -11.53 -30.56
C ARG C 466 -25.63 -10.77 -29.24
N ALA C 467 -24.55 -10.21 -28.60
CA ALA C 467 -24.68 -9.62 -27.28
C ALA C 467 -23.54 -8.70 -27.03
N ALA C 468 -23.78 -7.67 -26.27
CA ALA C 468 -22.78 -6.81 -25.77
C ALA C 468 -22.05 -7.48 -24.61
N THR C 469 -20.90 -6.94 -24.30
CA THR C 469 -20.11 -7.41 -23.20
C THR C 469 -20.52 -6.67 -21.93
N ALA C 470 -20.59 -7.43 -20.82
CA ALA C 470 -20.98 -6.93 -19.54
C ALA C 470 -19.76 -6.68 -18.63
N SER C 471 -19.16 -5.53 -18.86
CA SER C 471 -17.93 -5.12 -18.18
C SER C 471 -18.05 -3.63 -17.87
N PHE C 472 -17.12 -3.12 -17.07
CA PHE C 472 -17.04 -1.68 -16.86
C PHE C 472 -17.01 -0.92 -18.22
N ARG C 473 -16.12 -1.30 -19.10
CA ARG C 473 -15.94 -0.59 -20.38
C ARG C 473 -17.21 -0.57 -21.23
N HIS C 474 -17.90 -1.74 -21.28
CA HIS C 474 -18.95 -2.02 -22.23
C HIS C 474 -20.40 -1.95 -21.72
N ALA C 475 -20.60 -1.84 -20.40
CA ALA C 475 -21.93 -1.87 -19.84
C ALA C 475 -22.39 -0.54 -19.24
N TYR C 476 -21.58 0.54 -19.43
CA TYR C 476 -21.83 1.88 -18.86
C TYR C 476 -21.55 2.93 -19.94
N PRO C 477 -22.33 4.03 -19.92
CA PRO C 477 -21.99 5.10 -20.90
C PRO C 477 -20.70 5.80 -20.62
N THR C 478 -20.15 6.43 -21.66
CA THR C 478 -18.87 7.04 -21.53
C THR C 478 -18.82 8.04 -20.41
N ALA C 479 -19.88 8.86 -20.29
CA ALA C 479 -19.89 9.92 -19.26
C ALA C 479 -19.85 9.31 -17.83
N LEU C 480 -20.51 8.19 -17.66
CA LEU C 480 -20.46 7.56 -16.37
C LEU C 480 -19.08 6.94 -16.05
N ARG C 481 -18.42 6.31 -17.02
CA ARG C 481 -17.09 5.76 -16.83
C ARG C 481 -16.10 6.84 -16.40
N ARG C 482 -16.15 8.01 -17.08
CA ARG C 482 -15.28 9.15 -16.70
C ARG C 482 -15.60 9.61 -15.27
N ARG C 483 -16.88 9.68 -14.92
CA ARG C 483 -17.26 10.09 -13.57
C ARG C 483 -16.69 9.12 -12.54
N VAL C 484 -16.82 7.83 -12.80
CA VAL C 484 -16.24 6.86 -11.87
C VAL C 484 -14.76 6.99 -11.70
N GLU C 485 -14.05 7.19 -12.82
CA GLU C 485 -12.63 7.28 -12.82
C GLU C 485 -12.23 8.59 -12.09
N GLU C 486 -12.98 9.66 -12.26
CA GLU C 486 -12.64 10.95 -11.63
C GLU C 486 -12.94 10.95 -10.14
N ARG C 487 -14.00 10.24 -9.73
CA ARG C 487 -14.43 10.28 -8.29
C ARG C 487 -13.84 9.17 -7.49
N TRP C 488 -12.93 8.39 -8.10
CA TRP C 488 -12.44 7.19 -7.48
C TRP C 488 -11.88 7.42 -6.09
N SER C 489 -11.12 8.50 -5.96
CA SER C 489 -10.56 8.84 -4.71
C SER C 489 -11.64 9.32 -3.73
N ASP C 490 -12.51 10.14 -4.20
CA ASP C 490 -13.64 10.56 -3.37
C ASP C 490 -14.43 9.41 -2.81
N TYR C 491 -14.69 8.34 -3.61
CA TYR C 491 -15.42 7.23 -3.04
C TYR C 491 -14.68 6.61 -1.82
N GLY C 492 -13.34 6.75 -1.74
CA GLY C 492 -12.57 6.14 -0.67
C GLY C 492 -11.52 5.10 -1.05
N PHE C 493 -11.29 4.95 -2.36
CA PHE C 493 -10.45 3.87 -2.89
C PHE C 493 -8.94 4.18 -2.76
N GLY C 494 -8.58 5.39 -2.36
CA GLY C 494 -7.14 5.65 -2.22
C GLY C 494 -6.49 5.61 -3.60
N MET D 1 -16.91 24.84 -4.88
CA MET D 1 -15.80 25.11 -3.92
C MET D 1 -15.86 26.60 -3.52
N ASN D 2 -16.05 27.50 -4.48
CA ASN D 2 -16.34 28.87 -4.10
C ASN D 2 -17.76 29.06 -3.52
N ARG D 3 -18.73 28.26 -3.97
CA ARG D 3 -20.04 28.37 -3.42
C ARG D 3 -20.03 27.96 -1.95
N SER D 4 -19.24 26.94 -1.63
CA SER D 4 -19.09 26.48 -0.23
C SER D 4 -18.66 27.60 0.77
N ALA D 5 -17.79 28.53 0.34
CA ALA D 5 -17.39 29.66 1.19
C ALA D 5 -18.60 30.52 1.58
N LEU D 6 -19.61 30.51 0.69
CA LEU D 6 -20.75 31.44 0.78
C LEU D 6 -22.05 30.84 1.20
N ASP D 7 -22.11 29.56 1.46
CA ASP D 7 -23.41 28.87 1.62
C ASP D 7 -23.20 27.57 2.40
N PHE D 8 -23.65 27.59 3.65
CA PHE D 8 -23.37 26.52 4.61
C PHE D 8 -23.95 25.21 4.11
N ARG D 9 -25.15 25.28 3.65
CA ARG D 9 -25.80 24.09 3.13
C ARG D 9 -25.06 23.46 1.97
N HIS D 10 -24.53 24.29 1.08
CA HIS D 10 -23.74 23.83 0.00
C HIS D 10 -22.40 23.22 0.47
N PHE D 11 -21.75 23.90 1.42
CA PHE D 11 -20.56 23.43 2.06
C PHE D 11 -20.72 22.02 2.61
N VAL D 12 -21.80 21.75 3.31
CA VAL D 12 -22.13 20.41 3.78
C VAL D 12 -22.21 19.42 2.59
N ASP D 13 -22.88 19.81 1.54
CA ASP D 13 -23.07 18.91 0.42
C ASP D 13 -21.71 18.65 -0.23
N HIS D 14 -20.86 19.65 -0.23
CA HIS D 14 -19.54 19.51 -0.81
C HIS D 14 -18.63 18.58 0.01
N LEU D 15 -18.71 18.69 1.33
CA LEU D 15 -17.97 17.74 2.17
C LEU D 15 -18.38 16.33 1.86
N ARG D 16 -19.66 16.15 1.68
CA ARG D 16 -20.14 14.77 1.38
C ARG D 16 -19.57 14.30 0.06
N ARG D 17 -19.65 15.14 -0.96
CA ARG D 17 -19.01 14.82 -2.24
C ARG D 17 -17.50 14.51 -2.19
N GLN D 18 -16.74 15.14 -1.29
CA GLN D 18 -15.36 14.86 -1.13
C GLN D 18 -15.03 13.54 -0.35
N GLY D 19 -16.06 12.92 0.22
CA GLY D 19 -15.88 11.79 1.07
C GLY D 19 -15.59 12.14 2.50
N ASP D 20 -15.86 13.40 2.89
CA ASP D 20 -15.49 13.96 4.22
C ASP D 20 -16.70 14.23 5.16
N LEU D 21 -17.82 13.58 4.91
CA LEU D 21 -19.05 13.68 5.76
C LEU D 21 -19.65 12.30 5.96
N VAL D 22 -19.98 12.00 7.17
CA VAL D 22 -20.76 10.87 7.57
C VAL D 22 -22.23 11.28 7.95
N ASP D 23 -23.21 10.67 7.27
CA ASP D 23 -24.58 10.87 7.54
C ASP D 23 -25.03 9.84 8.60
N VAL D 24 -25.36 10.35 9.77
CA VAL D 24 -25.76 9.49 10.92
C VAL D 24 -27.30 9.44 11.01
N HIS D 25 -27.85 8.29 10.62
CA HIS D 25 -29.27 8.03 10.59
C HIS D 25 -29.72 7.28 11.82
N THR D 26 -28.80 6.61 12.51
CA THR D 26 -29.08 6.06 13.84
C THR D 26 -29.61 7.19 14.73
N GLU D 27 -30.56 6.86 15.61
CA GLU D 27 -30.99 7.80 16.60
C GLU D 27 -29.89 8.09 17.66
N VAL D 28 -29.72 9.39 17.92
CA VAL D 28 -28.75 9.87 18.88
C VAL D 28 -29.37 10.87 19.86
N ASP D 29 -28.75 10.98 21.01
CA ASP D 29 -29.21 11.91 22.07
C ASP D 29 -28.34 13.17 22.15
N ALA D 30 -28.96 14.32 22.04
CA ALA D 30 -28.26 15.60 22.24
C ALA D 30 -27.75 15.72 23.61
N ASN D 31 -28.29 14.96 24.55
CA ASN D 31 -27.74 14.97 25.87
C ASN D 31 -26.50 14.05 25.88
N LEU D 32 -25.35 14.69 25.81
CA LEU D 32 -23.99 14.08 25.73
C LEU D 32 -23.57 13.26 24.54
N GLU D 33 -24.43 12.46 23.92
CA GLU D 33 -24.00 11.46 22.97
C GLU D 33 -23.48 12.19 21.71
N ILE D 34 -24.20 13.14 21.18
CA ILE D 34 -23.69 13.97 20.09
C ILE D 34 -22.30 14.51 20.39
N GLY D 35 -22.21 15.10 21.55
CA GLY D 35 -20.93 15.62 22.04
C GLY D 35 -19.82 14.60 22.05
N ALA D 36 -20.02 13.50 22.76
CA ALA D 36 -19.07 12.42 22.79
C ALA D 36 -18.69 11.91 21.37
N ILE D 37 -19.68 11.63 20.51
CA ILE D 37 -19.33 11.18 19.18
C ILE D 37 -18.38 12.21 18.45
N THR D 38 -18.75 13.49 18.53
CA THR D 38 -18.04 14.56 17.82
C THR D 38 -16.68 14.76 18.48
N ARG D 39 -16.57 14.62 19.78
CA ARG D 39 -15.17 14.65 20.39
C ARG D 39 -14.33 13.58 19.79
N ARG D 40 -14.88 12.36 19.67
CA ARG D 40 -14.07 11.29 19.10
C ARG D 40 -13.70 11.55 17.66
N VAL D 41 -14.58 12.25 16.96
CA VAL D 41 -14.30 12.67 15.58
C VAL D 41 -13.07 13.52 15.54
N TYR D 42 -13.06 14.59 16.34
CA TYR D 42 -11.89 15.37 16.27
C TYR D 42 -10.66 14.56 16.52
N GLU D 43 -10.66 13.82 17.61
CA GLU D 43 -9.49 13.12 18.12
C GLU D 43 -8.95 12.04 17.15
N ARG D 44 -9.82 11.41 16.38
CA ARG D 44 -9.50 10.44 15.40
C ARG D 44 -9.36 11.04 14.01
N ARG D 45 -9.64 12.34 13.87
CA ARG D 45 -9.57 13.06 12.59
C ARG D 45 -10.42 12.33 11.59
N ALA D 46 -11.60 12.08 12.10
CA ALA D 46 -12.62 11.38 11.32
C ALA D 46 -13.44 12.39 10.47
N PRO D 47 -14.18 11.89 9.47
CA PRO D 47 -15.04 12.85 8.77
C PRO D 47 -16.10 13.43 9.66
N ALA D 48 -16.67 14.56 9.21
CA ALA D 48 -17.67 15.28 9.97
C ALA D 48 -18.98 14.61 9.97
N PRO D 49 -19.60 14.46 11.13
CA PRO D 49 -20.91 13.89 11.20
C PRO D 49 -22.04 14.89 11.04
N LEU D 50 -23.00 14.46 10.19
CA LEU D 50 -24.29 15.08 10.11
C LEU D 50 -25.34 14.21 10.72
N PHE D 51 -25.84 14.62 11.88
CA PHE D 51 -26.85 13.87 12.58
C PHE D 51 -28.25 14.23 12.15
N HIS D 52 -28.96 13.23 11.63
CA HIS D 52 -30.29 13.43 11.11
C HIS D 52 -31.44 12.96 12.03
N ASN D 53 -31.11 12.24 13.08
CA ASN D 53 -32.09 11.51 13.91
C ASN D 53 -31.78 11.78 15.36
N ILE D 54 -32.33 12.87 15.90
CA ILE D 54 -32.00 13.32 17.28
C ILE D 54 -33.29 13.21 18.11
N ARG D 55 -33.19 12.52 19.22
CA ARG D 55 -34.32 12.41 20.18
C ARG D 55 -34.91 13.75 20.56
N ASP D 56 -36.24 13.82 20.64
CA ASP D 56 -36.99 15.00 21.14
C ASP D 56 -36.59 16.32 20.53
N SER D 57 -36.44 16.34 19.23
CA SER D 57 -36.05 17.60 18.56
C SER D 57 -36.98 17.84 17.40
N LEU D 58 -37.04 19.11 17.01
CA LEU D 58 -37.88 19.60 15.98
C LEU D 58 -37.76 18.83 14.69
N PRO D 59 -38.89 18.35 14.11
CA PRO D 59 -38.65 17.42 13.01
C PRO D 59 -37.93 18.04 11.83
N GLY D 60 -37.05 17.26 11.20
CA GLY D 60 -36.25 17.73 10.10
C GLY D 60 -34.96 18.46 10.53
N ALA D 61 -34.87 18.89 11.78
CA ALA D 61 -33.62 19.55 12.28
C ALA D 61 -32.45 18.58 12.39
N ARG D 62 -31.26 19.11 12.10
CA ARG D 62 -30.05 18.32 11.97
C ARG D 62 -28.95 19.01 12.78
N VAL D 63 -27.86 18.31 13.12
CA VAL D 63 -26.71 18.92 13.81
C VAL D 63 -25.45 18.55 13.00
N LEU D 64 -24.53 19.47 12.84
CA LEU D 64 -23.28 19.14 12.17
C LEU D 64 -22.23 19.19 13.17
N GLY D 65 -21.48 18.06 13.41
CA GLY D 65 -20.33 18.24 14.30
C GLY D 65 -19.05 18.43 13.51
N ALA D 66 -18.01 18.90 14.20
CA ALA D 66 -16.66 19.05 13.71
C ALA D 66 -16.68 19.77 12.33
N PRO D 67 -17.34 20.93 12.25
CA PRO D 67 -17.35 21.70 11.00
C PRO D 67 -16.01 22.08 10.43
N ALA D 68 -14.99 22.23 11.27
CA ALA D 68 -13.63 22.41 10.72
C ALA D 68 -12.60 21.57 11.48
N GLY D 69 -12.96 20.33 11.77
CA GLY D 69 -12.04 19.37 12.32
C GLY D 69 -11.10 18.93 11.18
N LEU D 70 -10.03 18.25 11.56
CA LEU D 70 -8.93 17.81 10.66
C LEU D 70 -9.18 16.40 10.19
N ARG D 71 -8.59 16.06 9.03
CA ARG D 71 -8.70 14.71 8.51
C ARG D 71 -7.39 13.94 8.74
N ALA D 72 -7.53 12.63 8.87
CA ALA D 72 -6.44 11.73 9.15
C ALA D 72 -5.45 11.63 7.97
N ASP D 73 -5.93 11.88 6.77
CA ASP D 73 -5.07 11.86 5.59
C ASP D 73 -4.21 13.12 5.59
N ARG D 74 -2.91 12.97 5.77
CA ARG D 74 -2.04 14.08 6.04
C ARG D 74 -2.02 15.04 4.87
N ALA D 75 -2.13 14.51 3.66
CA ALA D 75 -2.12 15.36 2.45
C ALA D 75 -3.39 16.23 2.29
N ARG D 76 -4.48 15.80 2.93
CA ARG D 76 -5.76 16.54 2.91
C ARG D 76 -6.20 16.99 4.30
N ALA D 77 -5.26 17.11 5.28
CA ALA D 77 -5.59 17.20 6.72
C ALA D 77 -6.49 18.37 6.94
N HIS D 78 -6.15 19.48 6.28
CA HIS D 78 -6.83 20.77 6.48
C HIS D 78 -7.92 21.08 5.48
N SER D 79 -8.49 20.08 4.76
CA SER D 79 -9.36 20.46 3.71
C SER D 79 -10.67 21.16 4.14
N ARG D 80 -11.15 20.74 5.29
CA ARG D 80 -12.47 21.09 5.77
C ARG D 80 -12.35 22.52 6.26
N LEU D 81 -11.25 22.82 6.93
CA LEU D 81 -10.87 24.19 7.25
C LEU D 81 -10.73 25.03 5.93
N ALA D 82 -9.93 24.54 5.00
CA ALA D 82 -9.62 25.25 3.74
C ALA D 82 -10.95 25.59 2.96
N LEU D 83 -11.94 24.69 3.11
CA LEU D 83 -13.18 24.80 2.31
C LEU D 83 -13.97 25.94 2.82
N HIS D 84 -13.69 26.38 4.07
CA HIS D 84 -14.40 27.54 4.58
C HIS D 84 -14.09 28.78 3.67
N PHE D 85 -12.91 28.83 3.05
CA PHE D 85 -12.40 29.95 2.21
C PHE D 85 -12.54 29.68 0.71
N GLY D 86 -13.11 28.54 0.39
CA GLY D 86 -13.18 28.05 -0.99
C GLY D 86 -11.88 27.51 -1.56
N LEU D 87 -10.98 27.11 -0.70
CA LEU D 87 -9.70 26.62 -1.08
C LEU D 87 -9.77 25.13 -1.21
N PRO D 88 -8.88 24.58 -1.97
CA PRO D 88 -8.97 23.14 -2.34
C PRO D 88 -8.42 22.20 -1.26
N GLU D 89 -8.65 20.88 -1.45
CA GLU D 89 -8.34 19.85 -0.46
C GLU D 89 -6.90 19.82 0.10
N HIS D 90 -5.90 20.21 -0.71
CA HIS D 90 -4.52 20.11 -0.32
C HIS D 90 -3.97 21.39 0.25
N SER D 91 -4.81 22.37 0.44
CA SER D 91 -4.39 23.65 0.93
C SER D 91 -3.94 23.43 2.38
N GLY D 92 -2.89 24.15 2.73
CA GLY D 92 -2.32 24.06 4.06
C GLY D 92 -2.35 25.39 4.76
N PRO D 93 -1.87 25.41 6.01
CA PRO D 93 -1.74 26.62 6.81
C PRO D 93 -1.17 27.85 6.09
N ARG D 94 -0.08 27.70 5.38
CA ARG D 94 0.51 28.81 4.66
C ARG D 94 -0.37 29.35 3.55
N ASP D 95 -1.04 28.47 2.79
CA ASP D 95 -1.93 28.89 1.76
C ASP D 95 -3.07 29.72 2.35
N ILE D 96 -3.64 29.21 3.44
CA ILE D 96 -4.76 29.87 4.08
C ILE D 96 -4.33 31.27 4.55
N VAL D 97 -3.21 31.37 5.30
CA VAL D 97 -2.77 32.65 5.85
C VAL D 97 -2.52 33.65 4.69
N ALA D 98 -1.85 33.17 3.62
CA ALA D 98 -1.54 34.02 2.44
C ALA D 98 -2.85 34.61 1.86
N MET D 99 -3.93 33.81 1.79
CA MET D 99 -5.23 34.26 1.29
C MET D 99 -5.86 35.28 2.19
N LEU D 100 -5.73 35.06 3.51
CA LEU D 100 -6.40 35.93 4.49
C LEU D 100 -5.67 37.25 4.51
N ARG D 101 -4.40 37.18 4.26
CA ARG D 101 -3.59 38.43 4.28
C ARG D 101 -3.85 39.23 2.97
N ALA D 102 -4.08 38.54 1.86
CA ALA D 102 -4.40 39.22 0.58
C ALA D 102 -5.68 40.01 0.72
N ALA D 103 -6.63 39.44 1.45
CA ALA D 103 -7.92 40.05 1.73
C ALA D 103 -7.82 41.27 2.63
N MET D 104 -6.79 41.33 3.48
CA MET D 104 -6.60 42.51 4.29
C MET D 104 -6.23 43.70 3.45
N ARG D 105 -5.45 43.48 2.40
CA ARG D 105 -5.02 44.55 1.48
C ARG D 105 -6.11 44.99 0.47
N ALA D 106 -7.12 44.14 0.26
CA ALA D 106 -8.09 44.35 -0.80
C ALA D 106 -9.15 45.27 -0.27
N GLU D 107 -9.70 46.09 -1.17
CA GLU D 107 -10.79 46.94 -0.79
C GLU D 107 -11.96 46.08 -0.29
N PRO D 108 -12.62 46.51 0.78
CA PRO D 108 -13.80 45.81 1.28
C PRO D 108 -14.89 45.78 0.25
N ILE D 109 -15.66 44.71 0.23
CA ILE D 109 -16.82 44.61 -0.61
C ILE D 109 -18.02 44.50 0.33
N ALA D 110 -18.83 45.57 0.42
CA ALA D 110 -19.97 45.64 1.34
C ALA D 110 -21.05 44.62 1.00
N PRO D 111 -21.89 44.21 1.99
CA PRO D 111 -22.83 43.15 1.66
C PRO D 111 -23.90 43.65 0.74
N ARG D 112 -24.51 42.75 -0.02
CA ARG D 112 -25.63 43.09 -0.86
C ARG D 112 -26.94 42.81 -0.09
N ARG D 113 -27.72 43.87 0.11
CA ARG D 113 -28.99 43.76 0.78
C ARG D 113 -30.03 43.22 -0.18
N LEU D 114 -30.70 42.16 0.28
CA LEU D 114 -31.75 41.47 -0.45
C LEU D 114 -33.01 41.62 0.35
N GLU D 115 -34.12 41.42 -0.34
CA GLU D 115 -35.43 41.50 0.26
C GLU D 115 -35.74 40.29 1.11
N ARG D 116 -35.35 39.12 0.57
CA ARG D 116 -35.91 37.80 0.88
C ARG D 116 -34.67 36.85 0.93
N GLY D 117 -34.69 35.79 1.74
CA GLY D 117 -33.72 34.70 1.60
C GLY D 117 -34.11 33.48 2.37
N PRO D 118 -33.41 32.35 2.16
CA PRO D 118 -33.95 31.09 2.73
C PRO D 118 -34.04 31.00 4.27
N VAL D 119 -33.22 31.77 4.96
CA VAL D 119 -33.29 31.84 6.42
C VAL D 119 -34.69 32.24 6.92
N GLN D 120 -35.45 32.92 6.05
CA GLN D 120 -36.86 33.33 6.38
C GLN D 120 -37.92 32.27 6.06
N GLU D 121 -37.50 31.11 5.58
CA GLU D 121 -38.45 30.02 5.36
C GLU D 121 -39.36 29.71 6.56
N ASN D 122 -38.88 29.93 7.80
CA ASN D 122 -39.60 29.69 9.04
C ASN D 122 -39.31 30.85 9.98
N VAL D 123 -40.40 31.41 10.55
CA VAL D 123 -40.35 32.58 11.41
C VAL D 123 -41.16 32.32 12.68
N TRP D 124 -40.50 32.52 13.82
CA TRP D 124 -41.10 32.39 15.11
C TRP D 124 -40.95 33.73 15.77
N LEU D 125 -42.09 34.37 16.14
CA LEU D 125 -42.12 35.64 16.86
C LEU D 125 -42.69 35.56 18.26
N GLY D 126 -42.06 36.31 19.17
CA GLY D 126 -42.61 36.48 20.49
C GLY D 126 -42.83 35.17 21.20
N GLU D 127 -44.10 34.88 21.53
CA GLU D 127 -44.41 33.70 22.25
C GLU D 127 -44.20 32.47 21.42
N GLN D 128 -44.04 32.59 20.12
CA GLN D 128 -43.74 31.41 19.33
C GLN D 128 -42.30 30.89 19.57
N VAL D 129 -41.43 31.70 20.12
CA VAL D 129 -40.03 31.25 20.23
C VAL D 129 -39.95 30.21 21.31
N ASP D 130 -39.43 29.02 20.95
CA ASP D 130 -39.09 28.01 21.91
C ASP D 130 -37.78 27.35 21.44
N LEU D 131 -36.70 27.89 21.95
CA LEU D 131 -35.32 27.41 21.64
C LEU D 131 -35.11 25.96 22.05
N THR D 132 -35.82 25.48 23.06
CA THR D 132 -35.74 24.11 23.51
C THR D 132 -36.29 23.08 22.53
N ARG D 133 -37.02 23.51 21.51
CA ARG D 133 -37.44 22.56 20.50
C ARG D 133 -36.31 22.09 19.59
N PHE D 134 -35.26 22.93 19.48
CA PHE D 134 -34.04 22.59 18.67
C PHE D 134 -33.27 21.46 19.41
N PRO D 135 -32.38 20.75 18.70
CA PRO D 135 -31.50 19.70 19.26
C PRO D 135 -30.33 20.32 20.02
N VAL D 136 -30.67 21.09 21.05
CA VAL D 136 -29.69 21.84 21.83
C VAL D 136 -28.90 20.85 22.70
N PRO D 137 -27.59 20.77 22.45
CA PRO D 137 -26.78 19.79 23.14
C PRO D 137 -26.23 20.16 24.50
N LEU D 138 -26.13 19.10 25.33
CA LEU D 138 -25.27 19.10 26.51
C LEU D 138 -23.97 18.47 25.99
N LEU D 139 -22.97 19.31 25.88
CA LEU D 139 -21.77 19.02 25.08
C LEU D 139 -20.70 18.19 25.76
N HIS D 140 -20.59 18.40 27.06
CA HIS D 140 -19.62 17.75 27.98
C HIS D 140 -20.34 17.41 29.28
N GLU D 141 -19.90 16.36 29.95
CA GLU D 141 -20.62 15.88 31.14
C GLU D 141 -20.79 16.90 32.26
N GLN D 142 -19.72 17.64 32.53
CA GLN D 142 -19.77 18.63 33.63
C GLN D 142 -20.11 20.09 33.23
N ASP D 143 -20.67 20.27 32.03
CA ASP D 143 -21.07 21.61 31.58
C ASP D 143 -22.18 22.14 32.46
N GLY D 144 -22.21 23.43 32.70
CA GLY D 144 -23.33 24.00 33.46
C GLY D 144 -24.69 24.09 32.82
N GLY D 145 -24.73 23.89 31.52
CA GLY D 145 -25.97 23.99 30.75
C GLY D 145 -25.75 23.54 29.35
N ARG D 146 -26.83 23.42 28.64
CA ARG D 146 -26.79 23.09 27.21
C ARG D 146 -26.43 24.33 26.46
N TYR D 147 -25.61 24.16 25.41
CA TYR D 147 -25.19 25.35 24.56
C TYR D 147 -25.89 25.41 23.21
N PHE D 148 -26.65 26.49 22.97
CA PHE D 148 -27.27 26.68 21.63
C PHE D 148 -26.26 27.20 20.62
N GLY D 149 -25.40 28.13 21.03
CA GLY D 149 -24.37 28.77 20.22
C GLY D 149 -22.93 28.38 20.53
N THR D 150 -22.37 27.49 19.75
CA THR D 150 -20.92 27.24 19.84
C THR D 150 -20.28 27.37 18.47
N TYR D 151 -21.08 27.39 17.37
CA TYR D 151 -20.50 27.67 16.07
C TYR D 151 -21.37 28.67 15.27
N GLY D 152 -21.66 29.77 15.93
CA GLY D 152 -22.38 30.86 15.31
C GLY D 152 -21.77 32.17 15.71
N PHE D 153 -22.18 33.24 15.08
CA PHE D 153 -21.61 34.56 15.44
C PHE D 153 -22.63 35.64 15.83
N HIS D 154 -22.20 36.48 16.79
CA HIS D 154 -22.99 37.58 17.23
C HIS D 154 -22.94 38.63 16.10
N VAL D 155 -24.04 39.31 15.83
CA VAL D 155 -24.14 40.49 14.88
C VAL D 155 -24.69 41.65 15.73
N VAL D 156 -23.89 42.69 15.83
CA VAL D 156 -24.30 43.93 16.41
C VAL D 156 -23.78 45.10 15.53
N GLN D 157 -24.11 46.33 15.94
CA GLN D 157 -23.72 47.55 15.20
C GLN D 157 -23.57 48.70 16.19
N THR D 158 -22.56 49.55 15.98
CA THR D 158 -22.37 50.79 16.74
C THR D 158 -23.71 51.57 16.71
N PRO D 159 -24.05 52.27 17.81
CA PRO D 159 -25.15 53.25 17.76
C PRO D 159 -25.06 54.19 16.53
N ASP D 160 -23.87 54.60 16.11
CA ASP D 160 -23.79 55.49 14.94
C ASP D 160 -23.81 54.83 13.56
N GLY D 161 -24.03 53.49 13.48
CA GLY D 161 -24.08 52.76 12.21
C GLY D 161 -22.74 52.59 11.52
N SER D 162 -21.67 53.13 12.12
CA SER D 162 -20.38 53.12 11.44
C SER D 162 -19.69 51.74 11.38
N TRP D 163 -20.07 50.80 12.24
CA TRP D 163 -19.27 49.56 12.43
C TRP D 163 -20.24 48.41 12.70
N ASP D 164 -20.19 47.47 11.77
CA ASP D 164 -20.93 46.23 11.81
C ASP D 164 -20.02 45.10 12.24
N SER D 165 -20.33 44.55 13.38
CA SER D 165 -19.41 43.56 14.02
C SER D 165 -20.00 42.18 14.00
N TRP D 166 -19.25 41.23 13.42
CA TRP D 166 -19.58 39.82 13.49
C TRP D 166 -18.50 39.11 14.33
N SER D 167 -18.88 38.38 15.36
CA SER D 167 -17.91 37.77 16.20
C SER D 167 -18.39 36.49 16.88
N VAL D 168 -17.55 35.43 16.86
CA VAL D 168 -17.96 34.18 17.46
C VAL D 168 -17.88 34.25 18.97
N GLY D 169 -18.95 33.85 19.71
CA GLY D 169 -18.90 33.70 21.15
C GLY D 169 -19.93 32.68 21.56
N ARG D 170 -19.70 32.00 22.68
CA ARG D 170 -20.67 30.98 23.10
C ARG D 170 -21.91 31.59 23.74
N LEU D 171 -23.00 30.84 23.55
CA LEU D 171 -24.29 31.09 24.20
C LEU D 171 -24.95 29.85 24.76
N MET D 172 -25.15 29.90 26.09
CA MET D 172 -25.82 28.81 26.85
C MET D 172 -27.28 29.06 26.88
N LEU D 173 -28.05 27.97 26.74
CA LEU D 173 -29.48 28.03 26.90
C LEU D 173 -29.83 28.31 28.36
N VAL D 174 -30.75 29.27 28.60
CA VAL D 174 -31.27 29.54 29.95
C VAL D 174 -32.73 29.07 30.03
N ASP D 175 -33.55 29.46 29.04
CA ASP D 175 -34.91 29.00 28.91
C ASP D 175 -35.42 29.08 27.45
N ARG D 176 -36.74 28.94 27.29
CA ARG D 176 -37.37 28.88 25.95
C ARG D 176 -37.05 30.08 25.09
N ASN D 177 -36.77 31.24 25.68
CA ASN D 177 -36.37 32.43 24.91
C ASN D 177 -35.23 33.30 25.45
N THR D 178 -34.27 32.71 26.15
CA THR D 178 -33.21 33.48 26.74
C THR D 178 -31.97 32.57 26.69
N LEU D 179 -30.87 33.18 26.31
CA LEU D 179 -29.57 32.55 26.33
C LEU D 179 -28.68 33.40 27.21
N ALA D 180 -27.47 32.92 27.46
CA ALA D 180 -26.50 33.75 28.20
C ALA D 180 -25.09 33.35 27.80
N GLY D 181 -24.22 34.34 27.83
CA GLY D 181 -22.80 34.15 27.50
C GLY D 181 -21.91 35.32 27.68
N PRO D 182 -20.60 35.09 27.55
CA PRO D 182 -19.63 36.12 27.94
C PRO D 182 -19.54 37.19 26.87
N THR D 183 -19.21 38.42 27.33
CA THR D 183 -18.93 39.54 26.48
C THR D 183 -17.69 40.23 27.06
N ILE D 184 -16.54 39.62 26.85
N ILE D 184 -16.54 39.59 26.86
CA ILE D 184 -15.35 40.03 27.55
CA ILE D 184 -15.24 40.03 27.41
C ILE D 184 -14.97 41.43 26.99
C ILE D 184 -15.02 41.50 26.96
N PRO D 185 -14.56 42.36 27.89
CA PRO D 185 -14.51 43.78 27.50
C PRO D 185 -13.57 44.15 26.39
N THR D 186 -12.56 43.32 26.15
CA THR D 186 -11.63 43.58 25.15
C THR D 186 -12.08 42.96 23.82
N GLN D 187 -13.12 42.14 23.82
CA GLN D 187 -13.63 41.64 22.53
C GLN D 187 -14.57 42.70 21.94
N HIS D 188 -14.86 42.56 20.65
CA HIS D 188 -15.57 43.60 19.97
C HIS D 188 -17.03 43.66 20.40
N ILE D 189 -17.60 42.51 20.74
CA ILE D 189 -18.94 42.56 21.36
C ILE D 189 -19.03 43.37 22.65
N GLY D 190 -18.01 43.24 23.48
CA GLY D 190 -17.98 43.90 24.73
C GLY D 190 -17.85 45.38 24.48
N ILE D 191 -16.99 45.77 23.54
CA ILE D 191 -16.73 47.19 23.28
C ILE D 191 -18.03 47.85 22.83
N ILE D 192 -18.76 47.17 21.92
CA ILE D 192 -19.92 47.74 21.32
C ILE D 192 -21.09 47.77 22.30
N ARG D 193 -21.22 46.71 23.07
CA ARG D 193 -22.15 46.68 24.17
C ARG D 193 -21.96 47.91 25.18
N GLU D 194 -20.71 48.23 25.48
CA GLU D 194 -20.39 49.40 26.32
C GLU D 194 -20.82 50.74 25.66
N GLN D 195 -20.66 50.86 24.34
CA GLN D 195 -21.19 52.04 23.63
C GLN D 195 -22.70 52.23 23.77
N TRP D 196 -23.47 51.15 23.70
CA TRP D 196 -24.91 51.21 23.97
C TRP D 196 -25.12 51.61 25.43
N ARG D 197 -24.35 51.04 26.35
CA ARG D 197 -24.63 51.26 27.78
C ARG D 197 -24.39 52.72 28.12
N ARG D 198 -23.47 53.34 27.43
CA ARG D 198 -23.25 54.77 27.62
C ARG D 198 -24.44 55.60 27.14
N LEU D 199 -25.31 55.04 26.32
CA LEU D 199 -26.56 55.69 25.98
C LEU D 199 -27.70 55.28 26.86
N GLY D 200 -27.45 54.45 27.85
CA GLY D 200 -28.49 53.93 28.72
C GLY D 200 -29.35 52.79 28.19
N LYS D 201 -28.84 52.09 27.17
CA LYS D 201 -29.63 51.13 26.36
C LYS D 201 -29.03 49.71 26.25
N PRO D 202 -29.90 48.68 26.21
CA PRO D 202 -29.40 47.34 25.82
C PRO D 202 -28.85 47.33 24.37
N THR D 203 -28.20 46.26 23.87
CA THR D 203 -27.70 46.31 22.52
C THR D 203 -28.47 45.38 21.59
N PRO D 204 -28.90 45.91 20.45
CA PRO D 204 -29.71 45.10 19.57
C PRO D 204 -28.76 44.04 19.06
N TRP D 205 -29.26 42.85 18.83
CA TRP D 205 -28.31 41.76 18.59
C TRP D 205 -29.03 40.75 17.81
N ALA D 206 -28.26 40.00 17.06
CA ALA D 206 -28.69 38.77 16.41
C ALA D 206 -27.56 37.76 16.48
N MET D 207 -27.86 36.50 16.27
CA MET D 207 -26.77 35.49 16.10
C MET D 207 -27.09 34.66 14.89
N ALA D 208 -26.05 34.45 14.09
CA ALA D 208 -26.13 33.66 12.87
C ALA D 208 -25.46 32.34 13.13
N LEU D 209 -26.23 31.25 12.93
CA LEU D 209 -25.77 29.85 13.08
C LEU D 209 -25.93 29.04 11.79
N GLY D 210 -24.88 28.30 11.39
CA GLY D 210 -24.93 27.76 10.01
C GLY D 210 -24.89 28.92 9.00
N ALA D 211 -24.02 29.87 9.31
CA ALA D 211 -23.79 31.05 8.48
C ALA D 211 -22.82 30.69 7.38
N PRO D 212 -22.65 31.60 6.40
CA PRO D 212 -21.66 31.29 5.37
C PRO D 212 -20.27 30.97 5.94
N PRO D 213 -19.68 29.85 5.54
CA PRO D 213 -18.42 29.38 6.21
C PRO D 213 -17.32 30.48 6.23
N ALA D 214 -17.21 31.27 5.18
CA ALA D 214 -16.21 32.33 5.23
C ALA D 214 -16.55 33.40 6.21
N ALA D 215 -17.85 33.64 6.42
CA ALA D 215 -18.29 34.70 7.36
C ALA D 215 -17.99 34.19 8.80
N LEU D 216 -18.25 32.91 9.03
CA LEU D 216 -17.97 32.28 10.30
C LEU D 216 -16.46 32.41 10.64
N ALA D 217 -15.58 32.13 9.67
CA ALA D 217 -14.16 32.26 9.90
C ALA D 217 -13.75 33.68 10.30
N ALA D 218 -14.21 34.66 9.46
CA ALA D 218 -14.01 36.07 9.74
C ALA D 218 -14.57 36.44 11.09
N ALA D 219 -15.75 35.92 11.42
CA ALA D 219 -16.31 36.17 12.76
C ALA D 219 -15.35 35.71 13.92
N GLY D 220 -14.58 34.63 13.61
CA GLY D 220 -13.60 34.04 14.49
C GLY D 220 -12.23 34.78 14.50
N MET D 221 -12.08 35.87 13.72
CA MET D 221 -10.80 36.52 13.47
C MET D 221 -10.70 37.81 14.19
N PRO D 222 -9.56 38.04 14.80
CA PRO D 222 -9.35 39.32 15.48
C PRO D 222 -8.91 40.45 14.57
N LEU D 223 -9.76 40.79 13.61
CA LEU D 223 -9.52 41.98 12.82
C LEU D 223 -9.40 43.24 13.75
N PRO D 224 -8.67 44.25 13.29
CA PRO D 224 -8.61 45.43 14.14
C PRO D 224 -10.03 46.00 14.44
N GLU D 225 -10.07 46.73 15.55
CA GLU D 225 -11.23 47.47 16.01
C GLU D 225 -11.72 48.46 14.92
N GLY D 226 -13.01 48.44 14.63
CA GLY D 226 -13.64 49.32 13.60
C GLY D 226 -13.75 48.74 12.20
N VAL D 227 -13.16 47.56 11.99
CA VAL D 227 -13.16 46.89 10.72
C VAL D 227 -14.38 46.03 10.66
N SER D 228 -15.27 46.34 9.75
CA SER D 228 -16.45 45.53 9.61
C SER D 228 -16.07 44.16 8.98
N GLU D 229 -16.33 43.10 9.74
CA GLU D 229 -16.12 41.74 9.18
C GLU D 229 -16.79 41.49 7.82
N ALA D 230 -17.99 42.02 7.59
CA ALA D 230 -18.76 41.61 6.40
C ALA D 230 -18.05 42.05 5.08
N GLY D 231 -17.51 43.28 5.12
CA GLY D 231 -16.65 43.82 4.09
C GLY D 231 -15.40 43.04 3.83
N TYR D 232 -14.74 42.56 4.89
CA TYR D 232 -13.57 41.73 4.76
C TYR D 232 -13.92 40.42 4.08
N VAL D 233 -15.02 39.80 4.50
CA VAL D 233 -15.49 38.59 3.90
C VAL D 233 -15.75 38.79 2.39
N GLY D 234 -16.43 39.86 2.01
CA GLY D 234 -16.61 40.12 0.60
C GLY D 234 -15.28 40.28 -0.10
N ALA D 235 -14.30 40.96 0.51
CA ALA D 235 -13.02 41.07 -0.15
C ALA D 235 -12.33 39.70 -0.30
N LEU D 236 -12.47 38.88 0.71
CA LEU D 236 -11.93 37.54 0.64
C LEU D 236 -12.49 36.58 -0.45
N VAL D 237 -13.77 36.60 -0.67
CA VAL D 237 -14.35 35.69 -1.67
C VAL D 237 -14.56 36.41 -2.97
N GLY D 238 -14.33 37.70 -3.03
CA GLY D 238 -14.43 38.44 -4.27
C GLY D 238 -15.80 38.95 -4.65
N GLU D 239 -16.78 38.90 -3.74
CA GLU D 239 -18.16 39.30 -4.01
C GLU D 239 -18.91 39.52 -2.71
N PRO D 240 -20.04 40.22 -2.78
CA PRO D 240 -20.87 40.50 -1.63
C PRO D 240 -21.43 39.28 -0.95
N VAL D 241 -21.40 39.36 0.36
CA VAL D 241 -22.18 38.54 1.15
C VAL D 241 -23.60 39.10 1.05
N GLU D 242 -24.53 38.26 0.67
CA GLU D 242 -25.94 38.64 0.59
C GLU D 242 -26.53 38.58 1.97
N VAL D 243 -27.21 39.67 2.34
CA VAL D 243 -27.81 39.81 3.66
C VAL D 243 -29.31 40.21 3.52
N VAL D 244 -30.07 39.89 4.55
CA VAL D 244 -31.46 40.33 4.78
C VAL D 244 -31.59 40.96 6.17
N ARG D 245 -32.65 41.77 6.40
CA ARG D 245 -32.86 42.40 7.74
C ARG D 245 -33.59 41.41 8.59
N THR D 246 -33.32 41.50 9.89
CA THR D 246 -33.99 40.72 10.91
C THR D 246 -35.44 41.18 10.91
N GLN D 247 -36.31 40.35 11.47
CA GLN D 247 -37.71 40.72 11.65
C GLN D 247 -37.93 41.87 12.63
N THR D 248 -37.08 42.06 13.67
CA THR D 248 -37.47 42.91 14.78
C THR D 248 -36.54 44.02 15.12
N ASN D 249 -35.31 44.06 14.63
CA ASN D 249 -34.35 45.07 15.16
C ASN D 249 -33.39 45.72 14.17
N GLY D 250 -33.63 45.52 12.89
CA GLY D 250 -32.95 46.27 11.84
C GLY D 250 -31.53 45.85 11.51
N LEU D 251 -31.12 44.68 12.05
CA LEU D 251 -29.76 44.20 11.82
C LEU D 251 -29.77 43.45 10.53
N TRP D 252 -28.62 43.45 9.82
CA TRP D 252 -28.56 42.72 8.56
C TRP D 252 -27.71 41.48 8.81
N VAL D 253 -28.23 40.34 8.40
CA VAL D 253 -27.61 39.02 8.64
C VAL D 253 -27.56 38.27 7.32
N PRO D 254 -26.68 37.26 7.18
CA PRO D 254 -26.70 36.54 5.93
C PRO D 254 -27.95 35.77 5.54
N ALA D 255 -28.26 35.89 4.25
CA ALA D 255 -29.54 35.45 3.73
C ALA D 255 -29.73 33.96 3.69
N ASN D 256 -28.63 33.20 3.57
CA ASN D 256 -28.79 31.75 3.55
C ASN D 256 -28.36 31.12 4.87
N THR D 257 -28.26 31.92 5.96
CA THR D 257 -28.05 31.35 7.28
C THR D 257 -29.01 30.24 7.59
N GLU D 258 -28.53 29.19 8.28
CA GLU D 258 -29.44 28.15 8.72
C GLU D 258 -30.44 28.65 9.76
N ILE D 259 -29.97 29.39 10.77
CA ILE D 259 -30.75 29.69 11.91
C ILE D 259 -30.30 31.06 12.37
N VAL D 260 -31.25 32.00 12.47
CA VAL D 260 -30.93 33.35 12.96
C VAL D 260 -31.75 33.58 14.25
N LEU D 261 -31.04 33.96 15.31
CA LEU D 261 -31.66 34.45 16.58
C LEU D 261 -31.57 35.98 16.69
N GLU D 262 -32.57 36.61 17.33
CA GLU D 262 -32.58 38.09 17.40
C GLU D 262 -33.32 38.54 18.63
N GLY D 263 -32.82 39.60 19.20
CA GLY D 263 -33.36 40.11 20.42
C GLY D 263 -32.40 41.18 20.83
N GLU D 264 -31.98 41.11 22.06
CA GLU D 264 -31.11 42.14 22.62
C GLU D 264 -30.31 41.61 23.78
N ILE D 265 -29.19 42.28 24.06
CA ILE D 265 -28.31 41.92 25.16
C ILE D 265 -28.67 42.87 26.29
N SER D 266 -29.06 42.29 27.42
CA SER D 266 -29.54 43.07 28.56
C SER D 266 -28.43 43.91 29.10
N LEU D 267 -28.76 45.11 29.61
CA LEU D 267 -27.84 45.98 30.29
C LEU D 267 -27.37 45.35 31.59
N ASP D 268 -28.29 44.78 32.37
CA ASP D 268 -27.94 44.39 33.76
C ASP D 268 -28.30 42.99 34.20
N GLU D 269 -29.29 42.37 33.60
CA GLU D 269 -29.70 41.02 33.98
C GLU D 269 -28.65 39.95 33.57
N THR D 270 -28.45 38.99 34.47
CA THR D 270 -27.45 37.94 34.29
C THR D 270 -28.06 36.59 34.65
N ALA D 271 -27.44 35.51 34.18
CA ALA D 271 -27.69 34.16 34.71
C ALA D 271 -26.31 33.53 34.92
N LEU D 272 -26.27 32.48 35.72
CA LEU D 272 -25.04 31.76 35.95
C LEU D 272 -24.84 30.94 34.71
N GLU D 273 -23.67 31.15 34.10
CA GLU D 273 -23.34 30.63 32.78
C GLU D 273 -22.07 29.80 32.91
N GLY D 274 -22.00 28.77 32.09
CA GLY D 274 -20.92 27.82 32.24
C GLY D 274 -21.10 27.00 33.52
N PRO D 275 -20.07 26.21 33.82
CA PRO D 275 -18.88 26.16 32.96
C PRO D 275 -19.04 25.39 31.65
N MET D 276 -18.02 25.47 30.79
CA MET D 276 -18.06 24.69 29.56
C MET D 276 -16.60 24.18 29.31
N GLY D 277 -16.47 22.98 28.79
CA GLY D 277 -15.19 22.49 28.22
C GLY D 277 -14.73 23.54 27.23
N GLU D 278 -13.49 24.05 27.38
CA GLU D 278 -13.02 25.18 26.63
C GLU D 278 -11.75 24.94 25.79
N TYR D 279 -11.30 26.01 25.11
CA TYR D 279 -10.29 25.93 24.11
C TYR D 279 -9.02 25.33 24.55
N HIS D 280 -8.65 25.65 25.79
CA HIS D 280 -7.41 25.26 26.37
C HIS D 280 -7.31 23.80 26.77
N GLY D 281 -8.40 23.04 26.56
CA GLY D 281 -8.47 21.67 26.91
C GLY D 281 -9.07 21.23 28.16
N TYR D 282 -9.66 22.14 28.93
CA TYR D 282 -10.04 21.82 30.27
C TYR D 282 -11.45 22.25 30.49
N SER D 283 -12.06 21.56 31.44
CA SER D 283 -13.33 21.91 32.04
C SER D 283 -13.14 22.40 33.47
N PHE D 284 -13.16 23.73 33.68
CA PHE D 284 -13.07 24.31 35.03
C PHE D 284 -14.42 24.14 35.73
N PRO D 285 -14.44 24.08 37.08
CA PRO D 285 -15.65 23.52 37.68
C PRO D 285 -16.81 24.47 37.89
N ILE D 286 -16.53 25.76 37.96
CA ILE D 286 -17.53 26.72 38.41
C ILE D 286 -17.88 27.74 37.34
N GLY D 287 -19.14 28.06 37.25
CA GLY D 287 -19.63 29.02 36.28
C GLY D 287 -19.56 30.44 36.80
N LYS D 288 -19.98 31.40 35.98
CA LYS D 288 -19.94 32.80 36.43
C LYS D 288 -21.16 33.49 35.89
N PRO D 289 -21.60 34.61 36.49
CA PRO D 289 -22.77 35.29 35.92
C PRO D 289 -22.38 35.91 34.61
N GLN D 290 -23.26 35.81 33.61
CA GLN D 290 -23.10 36.47 32.33
C GLN D 290 -24.37 37.13 31.83
N PRO D 291 -24.22 38.11 30.93
CA PRO D 291 -25.42 38.78 30.47
C PRO D 291 -26.43 37.84 29.78
N LEU D 292 -27.72 38.11 30.05
CA LEU D 292 -28.84 37.57 29.26
C LEU D 292 -28.96 38.12 27.82
N PHE D 293 -29.29 37.22 26.88
CA PHE D 293 -29.45 37.62 25.50
C PHE D 293 -30.89 37.20 25.33
N HIS D 294 -31.76 38.19 25.21
CA HIS D 294 -33.18 38.00 25.16
C HIS D 294 -33.49 37.66 23.71
N VAL D 295 -34.16 36.57 23.50
CA VAL D 295 -34.49 36.21 22.12
C VAL D 295 -35.98 36.57 21.82
N HIS D 296 -36.15 37.61 20.99
CA HIS D 296 -37.50 38.15 20.65
C HIS D 296 -38.13 37.42 19.49
N ALA D 297 -37.27 36.83 18.66
CA ALA D 297 -37.70 36.17 17.43
C ALA D 297 -36.57 35.34 16.89
N LEU D 298 -36.88 34.36 16.07
CA LEU D 298 -35.88 33.64 15.36
C LEU D 298 -36.45 33.20 14.04
N SER D 299 -35.54 32.96 13.10
CA SER D 299 -35.98 32.43 11.79
C SER D 299 -34.98 31.29 11.39
N PHE D 300 -35.43 30.38 10.54
CA PHE D 300 -34.61 29.27 10.08
C PHE D 300 -35.03 28.73 8.74
N ARG D 301 -34.05 28.29 7.99
CA ARG D 301 -34.28 27.39 6.81
C ARG D 301 -35.05 26.10 7.10
N ASP D 302 -35.85 25.58 6.12
CA ASP D 302 -36.40 24.28 6.24
C ASP D 302 -35.28 23.22 6.49
N GLN D 303 -35.56 22.30 7.38
CA GLN D 303 -34.64 21.23 7.79
C GLN D 303 -33.36 21.83 8.22
N PRO D 304 -33.44 22.72 9.26
CA PRO D 304 -32.27 23.51 9.59
C PRO D 304 -31.11 22.67 10.16
N ILE D 305 -29.90 23.05 9.80
CA ILE D 305 -28.70 22.39 10.28
C ILE D 305 -28.01 23.28 11.36
N LEU D 306 -27.91 22.75 12.58
CA LEU D 306 -27.22 23.49 13.72
C LEU D 306 -25.76 22.98 13.78
N PRO D 307 -24.78 23.80 13.42
CA PRO D 307 -23.40 23.31 13.62
C PRO D 307 -22.95 23.63 15.05
N ILE D 308 -22.10 22.75 15.58
CA ILE D 308 -21.55 22.80 16.94
C ILE D 308 -20.06 22.67 16.92
N CYS D 309 -19.43 23.16 17.99
CA CYS D 309 -18.04 22.98 18.35
C CYS D 309 -18.04 22.34 19.78
N VAL D 310 -17.40 21.13 19.92
CA VAL D 310 -17.30 20.40 21.16
C VAL D 310 -15.88 20.71 21.64
N ALA D 311 -15.80 21.84 22.32
CA ALA D 311 -14.49 22.39 22.64
C ALA D 311 -13.68 21.52 23.57
N GLY D 312 -12.37 21.73 23.59
CA GLY D 312 -11.46 20.93 24.46
C GLY D 312 -10.15 20.66 23.86
N THR D 313 -9.60 19.49 24.18
CA THR D 313 -8.33 19.14 23.69
C THR D 313 -8.26 19.20 22.16
N PRO D 314 -7.11 19.69 21.64
CA PRO D 314 -6.97 19.83 20.16
C PRO D 314 -6.96 18.57 19.31
N PRO D 315 -7.25 18.70 18.04
CA PRO D 315 -7.62 19.95 17.34
C PRO D 315 -9.14 20.13 17.16
N GLU D 316 -9.70 21.20 17.63
N GLU D 316 -9.73 21.21 17.63
CA GLU D 316 -11.09 21.51 17.34
CA GLU D 316 -11.12 21.54 17.31
C GLU D 316 -11.14 22.98 16.81
C GLU D 316 -11.15 22.99 16.80
N GLU D 317 -12.34 23.56 16.53
CA GLU D 317 -12.40 24.83 15.83
C GLU D 317 -11.86 26.04 16.62
N ASN D 318 -11.74 25.90 17.90
CA ASN D 318 -10.94 26.90 18.66
C ASN D 318 -9.45 26.93 18.25
N HIS D 319 -8.99 25.86 17.65
CA HIS D 319 -7.66 25.76 17.10
C HIS D 319 -7.69 26.01 15.59
N THR D 320 -8.43 25.19 14.84
CA THR D 320 -8.39 25.31 13.47
C THR D 320 -9.03 26.57 12.88
N ILE D 321 -10.06 27.11 13.49
CA ILE D 321 -10.57 28.42 13.07
C ILE D 321 -9.83 29.53 13.85
N TRP D 322 -10.04 29.54 15.11
CA TRP D 322 -9.53 30.66 15.95
C TRP D 322 -8.02 30.87 15.87
N GLY D 323 -7.31 29.73 16.08
CA GLY D 323 -5.83 29.83 16.01
C GLY D 323 -5.33 30.26 14.63
N THR D 324 -5.90 29.65 13.57
CA THR D 324 -5.51 29.97 12.21
C THR D 324 -5.80 31.42 11.91
N MET D 325 -6.97 31.89 12.34
CA MET D 325 -7.26 33.36 12.17
C MET D 325 -6.35 34.30 12.92
N ILE D 326 -6.07 33.96 14.16
CA ILE D 326 -5.11 34.77 14.95
C ILE D 326 -3.75 34.82 14.24
N SER D 327 -3.33 33.67 13.74
CA SER D 327 -2.05 33.54 13.11
C SER D 327 -1.97 34.56 11.97
N ALA D 328 -2.94 34.51 11.04
CA ALA D 328 -2.94 35.48 9.90
C ALA D 328 -2.87 36.93 10.32
N GLN D 329 -3.65 37.28 11.33
CA GLN D 329 -3.66 38.63 11.84
C GLN D 329 -2.33 39.01 12.48
N LEU D 330 -1.76 38.07 13.21
CA LEU D 330 -0.47 38.36 13.85
C LEU D 330 0.65 38.53 12.86
N LEU D 331 0.60 37.79 11.75
CA LEU D 331 1.65 37.98 10.79
C LEU D 331 1.54 39.41 10.21
N ASP D 332 0.31 39.84 9.92
CA ASP D 332 0.15 41.22 9.40
C ASP D 332 0.63 42.23 10.42
N VAL D 333 0.26 42.01 11.64
CA VAL D 333 0.65 42.95 12.69
C VAL D 333 2.16 43.03 12.77
N ALA D 334 2.82 41.87 12.83
CA ALA D 334 4.29 41.83 12.90
C ALA D 334 4.97 42.58 11.70
N GLN D 335 4.57 42.22 10.49
CA GLN D 335 5.21 42.77 9.30
C GLN D 335 4.94 44.26 9.18
N ASN D 336 3.73 44.70 9.53
CA ASN D 336 3.41 46.14 9.42
C ASN D 336 4.26 46.92 10.39
N ALA D 337 4.64 46.25 11.49
CA ALA D 337 5.46 46.92 12.49
C ALA D 337 6.94 46.93 12.15
N GLY D 338 7.31 46.29 11.07
CA GLY D 338 8.73 46.21 10.65
C GLY D 338 9.51 45.06 11.29
N LEU D 339 8.85 44.19 12.06
CA LEU D 339 9.49 42.96 12.53
C LEU D 339 9.84 41.99 11.41
N PRO D 340 11.05 41.36 11.51
CA PRO D 340 11.51 40.47 10.49
C PRO D 340 10.83 39.07 10.50
N VAL D 341 9.54 39.01 10.30
CA VAL D 341 8.76 37.80 10.62
C VAL D 341 8.14 37.41 9.29
N ASP D 342 8.31 36.19 8.86
CA ASP D 342 7.72 35.73 7.66
C ASP D 342 6.59 34.71 7.76
N MET D 343 6.27 34.24 8.99
CA MET D 343 5.14 33.40 9.24
C MET D 343 4.88 33.41 10.70
N VAL D 344 3.60 33.25 11.05
CA VAL D 344 3.16 33.04 12.45
C VAL D 344 2.23 31.87 12.45
N TRP D 345 2.37 31.02 13.51
CA TRP D 345 1.53 29.89 13.58
C TRP D 345 1.24 29.51 15.04
N CYS D 346 -0.03 29.53 15.38
CA CYS D 346 -0.55 29.09 16.70
C CYS D 346 -0.77 27.57 16.65
N SER D 347 0.30 26.86 16.88
CA SER D 347 0.30 25.38 16.81
C SER D 347 -1.00 24.78 17.41
N TYR D 348 -1.79 23.93 16.66
CA TYR D 348 -2.99 23.50 17.20
C TYR D 348 -2.75 22.68 18.49
N GLU D 349 -1.62 21.98 18.54
CA GLU D 349 -1.24 21.14 19.71
C GLU D 349 -1.09 21.91 21.01
N ALA D 350 -0.77 23.16 20.90
CA ALA D 350 -0.63 24.02 22.07
C ALA D 350 -1.95 24.70 22.47
N ALA D 351 -3.04 24.31 21.83
CA ALA D 351 -4.43 24.71 22.20
C ALA D 351 -4.58 26.25 22.22
N THR D 352 -3.99 26.94 21.23
CA THR D 352 -4.11 28.36 21.11
C THR D 352 -3.53 29.06 22.35
N CYS D 353 -2.59 28.37 23.01
CA CYS D 353 -1.82 29.01 24.10
C CYS D 353 -0.43 29.45 23.71
N TRP D 354 0.06 29.14 22.52
CA TRP D 354 1.29 29.84 22.08
C TRP D 354 1.25 30.18 20.65
N ALA D 355 2.07 31.13 20.24
CA ALA D 355 2.23 31.48 18.86
C ALA D 355 3.74 31.37 18.49
N VAL D 356 4.01 30.77 17.39
CA VAL D 356 5.36 30.55 16.87
C VAL D 356 5.60 31.51 15.70
N LEU D 357 6.60 32.36 15.87
CA LEU D 357 6.97 33.32 14.89
C LEU D 357 8.25 32.86 14.23
N SER D 358 8.16 32.68 12.90
CA SER D 358 9.28 32.43 11.99
C SER D 358 10.03 33.70 11.64
N ILE D 359 11.26 33.78 12.16
CA ILE D 359 12.12 34.93 11.94
C ILE D 359 12.97 34.85 10.68
N ASP D 360 12.90 35.92 9.87
CA ASP D 360 13.70 36.00 8.61
C ASP D 360 15.17 36.28 8.96
N VAL D 361 15.98 35.22 8.94
CA VAL D 361 17.36 35.33 9.39
C VAL D 361 18.18 36.27 8.52
N GLN D 362 17.71 36.57 7.32
CA GLN D 362 18.44 37.47 6.40
C GLN D 362 18.30 38.92 6.85
N ARG D 363 17.33 39.20 7.73
CA ARG D 363 17.00 40.55 8.14
C ARG D 363 17.46 40.86 9.55
N LEU D 364 17.89 39.82 10.28
CA LEU D 364 18.12 40.00 11.65
C LEU D 364 19.37 40.76 11.98
N ALA D 365 20.46 40.58 11.26
CA ALA D 365 21.73 41.23 11.59
C ALA D 365 21.67 42.76 11.57
N ALA D 366 20.87 43.26 10.63
CA ALA D 366 20.69 44.72 10.43
C ALA D 366 20.03 45.45 11.60
N LEU D 367 19.31 44.74 12.48
CA LEU D 367 18.64 45.33 13.63
C LEU D 367 19.73 45.71 14.66
N GLY D 368 20.88 45.08 14.63
CA GLY D 368 21.96 45.38 15.64
C GLY D 368 21.43 45.19 17.06
N THR D 369 20.79 44.06 17.32
CA THR D 369 20.12 43.82 18.60
C THR D 369 20.55 42.47 19.18
N ASP D 370 19.80 41.98 20.17
CA ASP D 370 20.10 40.75 20.89
C ASP D 370 18.86 40.21 21.39
N ALA D 371 18.93 39.01 21.96
CA ALA D 371 17.75 38.27 22.26
C ALA D 371 16.83 38.96 23.22
N ALA D 372 17.37 39.59 24.27
CA ALA D 372 16.53 40.20 25.28
C ALA D 372 15.79 41.41 24.74
N ALA D 373 16.48 42.24 23.96
CA ALA D 373 15.89 43.49 23.46
C ALA D 373 14.84 43.11 22.37
N PHE D 374 15.15 42.09 21.60
CA PHE D 374 14.21 41.64 20.51
C PHE D 374 12.95 41.02 21.07
N ALA D 375 13.12 40.17 22.10
CA ALA D 375 11.99 39.62 22.76
C ALA D 375 11.07 40.68 23.29
N ALA D 376 11.64 41.72 23.97
CA ALA D 376 10.82 42.79 24.46
C ALA D 376 10.14 43.60 23.39
N ARG D 377 10.80 43.77 22.25
CA ARG D 377 10.23 44.53 21.12
C ARG D 377 9.08 43.75 20.58
N VAL D 378 9.30 42.44 20.41
CA VAL D 378 8.23 41.57 19.88
C VAL D 378 7.06 41.49 20.89
N ALA D 379 7.32 41.30 22.18
CA ALA D 379 6.28 41.26 23.19
C ALA D 379 5.38 42.50 23.16
N GLU D 380 6.00 43.67 23.15
CA GLU D 380 5.23 44.91 23.06
C GLU D 380 4.30 45.00 21.83
N THR D 381 4.86 44.66 20.68
CA THR D 381 4.12 44.76 19.44
C THR D 381 3.00 43.75 19.34
N VAL D 382 3.35 42.51 19.67
CA VAL D 382 2.40 41.43 19.60
C VAL D 382 1.33 41.48 20.72
N PHE D 383 1.72 41.59 22.00
CA PHE D 383 0.76 41.51 23.01
C PHE D 383 -0.14 42.77 22.98
N GLY D 384 0.33 43.87 22.41
CA GLY D 384 -0.45 45.10 22.39
C GLY D 384 -1.49 45.18 21.29
N SER D 385 -1.47 44.19 20.38
CA SER D 385 -2.43 44.14 19.31
C SER D 385 -3.62 43.39 19.82
N HIS D 386 -4.79 43.70 19.23
CA HIS D 386 -6.00 42.91 19.50
C HIS D 386 -5.78 41.33 19.40
N ALA D 387 -5.31 40.82 18.23
CA ALA D 387 -4.87 39.47 18.06
C ALA D 387 -3.91 38.90 19.11
N GLY D 388 -2.82 39.56 19.36
CA GLY D 388 -1.81 39.07 20.27
C GLY D 388 -2.15 39.14 21.72
N HIS D 389 -3.03 40.03 22.16
CA HIS D 389 -3.61 39.94 23.44
C HIS D 389 -4.10 38.54 23.81
N LEU D 390 -4.59 37.80 22.81
CA LEU D 390 -5.27 36.58 23.07
C LEU D 390 -4.38 35.40 23.41
N VAL D 391 -3.09 35.51 23.12
CA VAL D 391 -2.15 34.36 23.22
C VAL D 391 -1.03 34.69 24.19
N PRO D 392 -0.86 33.88 25.26
CA PRO D 392 0.07 34.24 26.36
C PRO D 392 1.54 34.02 26.04
N LYS D 393 1.81 33.07 25.18
CA LYS D 393 3.19 32.65 24.93
C LYS D 393 3.58 32.79 23.47
N LEU D 394 4.79 33.30 23.23
CA LEU D 394 5.39 33.42 21.90
C LEU D 394 6.70 32.69 21.90
N ILE D 395 6.94 31.98 20.82
CA ILE D 395 8.20 31.35 20.55
C ILE D 395 8.84 32.01 19.32
N LEU D 396 10.06 32.50 19.47
CA LEU D 396 10.84 33.07 18.28
C LEU D 396 11.89 32.11 17.82
N VAL D 397 11.77 31.75 16.53
CA VAL D 397 12.73 30.82 15.93
C VAL D 397 13.06 31.20 14.49
N GLY D 398 14.26 30.89 14.05
CA GLY D 398 14.68 31.20 12.73
C GLY D 398 13.85 30.44 11.70
N ASN D 399 13.74 31.08 10.52
CA ASN D 399 12.97 30.45 9.44
C ASN D 399 13.54 29.31 8.65
N ASP D 400 14.61 28.68 9.13
CA ASP D 400 15.07 27.43 8.58
C ASP D 400 14.07 26.32 8.95
N ILE D 401 13.35 26.47 10.06
CA ILE D 401 12.35 25.46 10.38
C ILE D 401 10.98 25.86 9.83
N ASP D 402 10.16 24.87 9.63
CA ASP D 402 8.79 25.13 9.26
C ASP D 402 7.92 25.20 10.52
N VAL D 403 7.59 26.44 10.94
CA VAL D 403 6.78 26.66 12.14
C VAL D 403 5.39 26.14 12.17
N THR D 404 4.87 25.58 11.06
CA THR D 404 3.62 24.99 11.12
C THR D 404 3.71 23.49 11.49
N GLU D 405 4.94 22.94 11.65
CA GLU D 405 5.15 21.52 11.98
C GLU D 405 5.64 21.41 13.36
N ILE D 406 4.79 20.84 14.24
CA ILE D 406 5.11 20.78 15.65
C ILE D 406 6.43 20.04 15.91
N ASP D 407 6.71 19.04 15.17
CA ASP D 407 7.97 18.27 15.40
C ASP D 407 9.22 19.16 15.21
N GLN D 408 9.13 20.08 14.23
CA GLN D 408 10.23 20.95 13.93
C GLN D 408 10.30 22.05 15.06
N VAL D 409 9.17 22.52 15.50
CA VAL D 409 9.13 23.49 16.62
C VAL D 409 9.76 22.86 17.89
N VAL D 410 9.37 21.66 18.18
CA VAL D 410 9.97 20.92 19.32
C VAL D 410 11.49 20.75 19.25
N TRP D 411 11.98 20.36 18.10
CA TRP D 411 13.40 20.27 17.80
C TRP D 411 14.05 21.61 18.21
N ALA D 412 13.53 22.73 17.73
CA ALA D 412 14.10 23.99 18.01
C ALA D 412 14.03 24.30 19.42
N LEU D 413 12.88 24.09 20.11
CA LEU D 413 12.76 24.38 21.54
C LEU D 413 13.85 23.58 22.30
N ALA D 414 13.98 22.32 21.96
CA ALA D 414 14.87 21.42 22.75
C ALA D 414 16.31 21.76 22.55
N THR D 415 16.65 22.04 21.29
CA THR D 415 18.06 22.23 20.92
C THR D 415 18.57 23.67 20.84
N ARG D 416 17.66 24.68 20.87
CA ARG D 416 18.10 26.09 20.76
C ARG D 416 17.87 26.94 21.98
N ALA D 417 16.79 26.70 22.77
CA ALA D 417 16.45 27.57 23.86
C ALA D 417 17.37 27.23 25.05
N HIS D 418 18.21 28.22 25.38
CA HIS D 418 19.18 28.07 26.47
C HIS D 418 18.55 28.40 27.77
N PRO D 419 18.64 27.46 28.74
CA PRO D 419 17.97 27.62 30.01
C PRO D 419 18.27 28.93 30.75
N LEU D 420 19.46 29.43 30.61
CA LEU D 420 19.85 30.64 31.35
C LEU D 420 19.51 31.94 30.63
N HIS D 421 19.23 31.87 29.34
CA HIS D 421 19.25 33.05 28.51
C HIS D 421 17.99 33.36 27.79
N ASP D 422 17.19 32.32 27.48
CA ASP D 422 16.15 32.44 26.50
C ASP D 422 14.70 32.39 26.98
N HIS D 423 14.51 32.54 28.28
CA HIS D 423 13.18 32.53 28.89
C HIS D 423 12.78 33.88 29.36
N PHE D 424 12.00 34.62 28.59
CA PHE D 424 11.64 35.99 28.89
C PHE D 424 10.23 36.15 29.34
N ALA D 425 10.00 36.16 30.66
CA ALA D 425 8.71 36.48 31.25
C ALA D 425 8.45 38.01 31.17
N PHE D 426 7.21 38.41 30.95
CA PHE D 426 6.78 39.83 30.88
C PHE D 426 5.60 39.98 31.85
N PRO D 427 5.93 40.00 33.15
CA PRO D 427 4.91 39.95 34.18
C PRO D 427 4.05 41.18 34.37
N GLN D 428 4.39 42.30 33.71
CA GLN D 428 3.65 43.56 33.77
C GLN D 428 2.66 43.63 32.63
N ILE D 429 2.71 42.69 31.67
CA ILE D 429 1.82 42.83 30.52
C ILE D 429 0.50 42.13 30.77
N ARG D 430 -0.63 42.82 30.52
CA ARG D 430 -1.93 42.43 30.98
C ARG D 430 -2.29 41.12 30.26
N ASP D 431 -2.89 40.19 31.00
CA ASP D 431 -3.21 38.84 30.43
C ASP D 431 -4.56 38.79 29.83
N PHE D 432 -4.76 37.86 28.92
CA PHE D 432 -6.08 37.36 28.53
C PHE D 432 -6.58 36.46 29.68
N PRO D 433 -7.78 36.70 30.14
CA PRO D 433 -8.15 36.10 31.42
C PRO D 433 -8.44 34.61 31.46
N MET D 434 -8.65 33.99 30.29
CA MET D 434 -8.99 32.54 30.19
C MET D 434 -7.75 31.61 30.28
N VAL D 435 -6.55 32.19 30.39
CA VAL D 435 -5.32 31.36 30.29
C VAL D 435 -5.27 30.41 31.50
N PRO D 436 -5.07 29.11 31.26
CA PRO D 436 -5.38 28.16 32.33
C PRO D 436 -4.49 28.02 33.49
N TYR D 437 -3.23 28.43 33.33
CA TYR D 437 -2.19 28.27 34.34
C TYR D 437 -2.08 29.45 35.30
N LEU D 438 -2.86 30.51 35.02
CA LEU D 438 -2.85 31.70 35.89
C LEU D 438 -3.21 31.30 37.31
N ASP D 439 -2.53 31.92 38.26
CA ASP D 439 -2.77 31.70 39.71
C ASP D 439 -3.53 32.93 40.28
N ALA D 440 -3.86 32.88 41.57
CA ALA D 440 -4.58 33.98 42.25
C ALA D 440 -3.91 35.34 42.21
N GLU D 441 -2.61 35.33 42.33
CA GLU D 441 -1.80 36.50 42.39
C GLU D 441 -1.87 37.15 40.98
N ASP D 442 -1.90 36.31 39.93
CA ASP D 442 -1.98 36.85 38.54
C ASP D 442 -3.33 37.47 38.25
N LYS D 443 -4.36 36.81 38.75
CA LYS D 443 -5.72 37.25 38.54
C LYS D 443 -5.98 38.57 39.24
N ALA D 444 -5.44 38.69 40.43
CA ALA D 444 -5.65 39.92 41.22
C ALA D 444 -4.92 41.07 40.58
N ARG D 445 -3.71 40.83 40.05
CA ARG D 445 -2.88 41.86 39.42
C ARG D 445 -3.33 42.19 37.96
N GLY D 446 -3.92 41.20 37.29
CA GLY D 446 -4.30 41.28 35.87
C GLY D 446 -3.19 41.00 34.87
N SER D 447 -2.06 40.55 35.37
CA SER D 447 -0.85 40.19 34.63
C SER D 447 -0.09 39.15 35.38
N GLY D 448 0.85 38.57 34.67
CA GLY D 448 1.76 37.52 35.12
C GLY D 448 2.01 36.33 34.18
N GLY D 449 1.09 36.09 33.27
CA GLY D 449 1.08 34.91 32.37
C GLY D 449 1.97 34.99 31.11
N ARG D 450 2.44 36.18 30.70
CA ARG D 450 3.09 36.35 29.44
C ARG D 450 4.56 35.93 29.41
N LEU D 451 4.96 35.38 28.29
CA LEU D 451 6.26 34.86 28.06
C LEU D 451 6.69 34.90 26.58
N VAL D 452 7.95 35.20 26.39
CA VAL D 452 8.63 34.94 25.14
C VAL D 452 9.73 33.94 25.34
N ILE D 453 9.66 32.87 24.54
CA ILE D 453 10.70 31.88 24.51
C ILE D 453 11.56 32.13 23.28
N ASN D 454 12.84 32.43 23.49
CA ASN D 454 13.74 32.69 22.39
C ASN D 454 14.47 31.40 21.95
N CYS D 455 14.38 31.10 20.65
CA CYS D 455 15.20 30.02 20.07
C CYS D 455 16.14 30.43 18.94
N LEU D 456 16.37 31.74 18.84
CA LEU D 456 17.40 32.29 18.01
C LEU D 456 18.74 32.18 18.75
N TYR D 457 19.66 31.42 18.20
CA TYR D 457 21.01 31.35 18.77
C TYR D 457 21.61 32.77 18.75
N PRO D 458 22.48 33.05 19.72
CA PRO D 458 23.03 34.40 19.75
C PRO D 458 23.74 34.82 18.48
N GLU D 459 24.48 33.92 17.86
CA GLU D 459 25.17 34.28 16.62
C GLU D 459 24.25 34.69 15.47
N GLN D 460 22.96 34.38 15.57
CA GLN D 460 21.96 34.77 14.45
C GLN D 460 21.69 36.24 14.45
N PHE D 461 21.96 36.88 15.59
CA PHE D 461 21.88 38.33 15.63
C PHE D 461 23.03 39.10 14.90
N ALA D 462 24.05 38.35 14.55
CA ALA D 462 25.13 38.79 13.69
C ALA D 462 25.11 38.18 12.32
N GLY D 463 24.02 37.50 11.99
CA GLY D 463 23.90 36.89 10.70
C GLY D 463 24.59 35.55 10.50
N GLN D 464 24.94 34.88 11.59
CA GLN D 464 25.71 33.67 11.56
C GLN D 464 24.87 32.48 12.12
N MET D 465 25.42 31.28 12.10
CA MET D 465 24.65 30.07 12.56
C MET D 465 25.76 29.09 12.91
N ARG D 466 25.75 28.61 14.17
CA ARG D 466 26.84 27.75 14.65
C ARG D 466 27.00 26.43 13.92
N ALA D 467 25.98 25.96 13.26
CA ALA D 467 26.02 24.63 12.65
C ALA D 467 24.94 24.55 11.67
N ALA D 468 25.19 23.74 10.69
CA ALA D 468 24.24 23.37 9.67
C ALA D 468 23.37 22.29 10.19
N THR D 469 22.30 21.98 9.44
CA THR D 469 21.36 20.98 9.82
C THR D 469 21.64 19.69 9.10
N ALA D 470 21.57 18.58 9.86
CA ALA D 470 21.96 17.30 9.33
C ALA D 470 20.67 16.60 8.96
N SER D 471 20.17 16.91 7.78
CA SER D 471 18.90 16.31 7.24
C SER D 471 19.06 16.01 5.72
N PHE D 472 18.09 15.31 5.08
CA PHE D 472 18.15 15.09 3.65
C PHE D 472 18.31 16.43 2.89
N ARG D 473 17.55 17.47 3.29
CA ARG D 473 17.57 18.77 2.63
C ARG D 473 18.88 19.50 2.76
N HIS D 474 19.47 19.42 3.97
CA HIS D 474 20.60 20.26 4.35
C HIS D 474 21.99 19.63 4.42
N ALA D 475 22.08 18.30 4.31
CA ALA D 475 23.38 17.63 4.37
C ALA D 475 23.89 17.05 3.03
N TYR D 476 23.20 17.43 1.95
CA TYR D 476 23.52 16.87 0.64
C TYR D 476 23.38 17.93 -0.42
N PRO D 477 24.22 17.85 -1.46
CA PRO D 477 24.10 18.88 -2.50
C PRO D 477 22.86 18.73 -3.36
N THR D 478 22.47 19.83 -3.99
CA THR D 478 21.23 19.83 -4.71
C THR D 478 21.13 18.67 -5.81
N ALA D 479 22.20 18.48 -6.56
CA ALA D 479 22.23 17.48 -7.64
C ALA D 479 22.03 16.09 -7.01
N LEU D 480 22.56 15.90 -5.84
CA LEU D 480 22.35 14.58 -5.20
C LEU D 480 20.90 14.37 -4.66
N ARG D 481 20.28 15.44 -4.10
CA ARG D 481 18.94 15.32 -3.66
C ARG D 481 18.03 14.96 -4.84
N ARG D 482 18.28 15.60 -5.99
CA ARG D 482 17.45 15.38 -7.17
C ARG D 482 17.65 13.97 -7.70
N ARG D 483 18.89 13.48 -7.66
CA ARG D 483 19.19 12.09 -8.05
C ARG D 483 18.41 11.11 -7.17
N VAL D 484 18.44 11.30 -5.87
CA VAL D 484 17.77 10.39 -4.99
C VAL D 484 16.25 10.40 -5.28
N GLU D 485 15.68 11.61 -5.50
CA GLU D 485 14.27 11.69 -5.70
C GLU D 485 13.94 11.04 -7.06
N GLU D 486 14.80 11.26 -8.06
CA GLU D 486 14.55 10.67 -9.40
C GLU D 486 14.70 9.15 -9.47
N ARG D 487 15.61 8.59 -8.68
CA ARG D 487 15.88 7.17 -8.73
C ARG D 487 15.15 6.37 -7.66
N TRP D 488 14.36 7.07 -6.83
CA TRP D 488 13.67 6.42 -5.73
C TRP D 488 13.00 5.08 -6.12
N SER D 489 12.35 5.02 -7.27
CA SER D 489 11.68 3.77 -7.67
C SER D 489 12.67 2.74 -8.20
N ASP D 490 13.65 3.17 -8.95
CA ASP D 490 14.76 2.27 -9.37
C ASP D 490 15.41 1.58 -8.17
N TYR D 491 15.59 2.30 -7.05
CA TYR D 491 16.17 1.69 -5.87
C TYR D 491 15.31 0.64 -5.23
N GLY D 492 13.97 0.75 -5.40
CA GLY D 492 13.10 -0.32 -4.91
C GLY D 492 11.97 0.12 -4.02
N PHE D 493 11.83 1.43 -3.86
CA PHE D 493 10.91 1.99 -2.87
C PHE D 493 9.48 2.09 -3.33
N GLY D 494 9.21 2.01 -4.62
CA GLY D 494 7.77 2.04 -5.03
C GLY D 494 6.94 3.01 -4.21
#